data_9EQ3
#
_entry.id   9EQ3
#
_cell.length_a   1.00
_cell.length_b   1.00
_cell.length_c   1.00
_cell.angle_alpha   90.00
_cell.angle_beta   90.00
_cell.angle_gamma   90.00
#
_symmetry.space_group_name_H-M   'P 1'
#
loop_
_entity.id
_entity.type
_entity.pdbx_description
1 polymer 'IgE HMM5 heavy chain'
2 polymer 'IgE HMM5 light chain'
3 polymer 'High affinity immunoglobulin epsilon receptor subunit alpha'
4 branched alpha-D-mannopyranose-(1-3)-[alpha-D-mannopyranose-(1-6)]beta-D-mannopyranose-(1-4)-2-acetamido-2-deoxy-beta-D-glucopyranose-(1-4)-2-acetamido-2-deoxy-beta-D-glucopyranose
5 branched alpha-D-mannopyranose-(1-3)-[alpha-D-mannopyranose-(1-6)]alpha-D-mannopyranose-(1-4)-2-acetamido-2-deoxy-beta-D-glucopyranose-(1-4)-2-acetamido-2-deoxy-beta-D-glucopyranose
6 branched beta-D-mannopyranose-(1-4)-2-acetamido-2-deoxy-beta-D-glucopyranose-(1-4)-2-acetamido-2-deoxy-beta-D-glucopyranose
7 branched 2-acetamido-2-deoxy-beta-D-glucopyranose-(1-4)-2-acetamido-2-deoxy-beta-D-glucopyranose
8 non-polymer 2-acetamido-2-deoxy-beta-D-glucopyranose
#
loop_
_entity_poly.entity_id
_entity_poly.type
_entity_poly.pdbx_seq_one_letter_code
_entity_poly.pdbx_strand_id
1 'polypeptide(L)'
;QSLEESGGRLVTPGTPLTLTCTVSGFSLSTYNIHWVRQAPGKGLEWIGVIDTGGGTYFASWAKGRFAISKTSSTTVDLKM
TSLTAADTATYFCAKGFDYSASTNLWGPGTLVTISSASTQSPSVFPLTRCCKNIPSNATSVTLGCLATGYFPEPVMVTWD
TGSLNGTTMTLPATTLTLSGHYATISLLTVSGAWAKQMFTCRVAHTPSSTDWVDNKTFSVCSRDFTPPTVKILQSSCDGG
GHFPPTIQLLCLVSGYTPGTINITWLEDGQVMDVDLSTASTTQEGELASTQSELTLSQKHWLSDRTYTCQVTYQGHTFED
STKKCADSNPRGVSAYLSRPSPFDLFIRKSPTITCLVVDLAPSKGTVNLTWSRASGKPVNHSTRKEEKQRNGTLTVTSTL
PVGTRDWIEGETYQCRVTHPHLPRALMRSTTKTSGPRAAPEVYAFATPEWPGSRDKRTLACLIQNFMPEDISVQWLHNEV
QLPDARHSTTQPRKTKGSGFFVFSRLEVTRAEWEQKDEFICRAVHEAASPSQTVQRAVSSVNPGKHHHHHH
;
H,X
2 'polypeptide(L)'
;ELDMTQTPSSVSAPVGGSVTINCQSSQSVYGNNYLAWYQQKAGQPPKLLIYRASTLASGAPSRFKGSGSGTQFTLTISDL
ESDDAATYYCLGYYNGVINVFGGGTNVEIKRTVGAPSVFIFPPSDEQLKSGTASVVCLLNNFYPREAKVQWKVDNALQSG
NSQESVTEQDSKDSTYSLSSTLTLSKADYEKHKVYACEVTHQGLSSPVTKSFNRGEC
;
L,Y
3 'polypeptide(L)'
;KPKVSLNPPWNRIFKGENVTLTCNGNNFFEVSSTKWFHNGSLSEETNSSLNIVNAKFEDSGEYKCQHQQVNESEPVYLEV
FSDWLLLQASAEVVMEGQPLFLRCHGWRNWDVYKVIYYKDGEALKYWYENHNISITNATVEDSGTYYCTGKVWQLDYESE
PLNITVIKAPR
;
R
#
loop_
_chem_comp.id
_chem_comp.type
_chem_comp.name
_chem_comp.formula
BMA D-saccharide, beta linking beta-D-mannopyranose 'C6 H12 O6'
MAN D-saccharide, alpha linking alpha-D-mannopyranose 'C6 H12 O6'
NAG D-saccharide, beta linking 2-acetamido-2-deoxy-beta-D-glucopyranose 'C8 H15 N O6'
#
# COMPACT_ATOMS: atom_id res chain seq x y z
N GLN A 1 25.91 66.24 -0.46
CA GLN A 1 26.43 66.49 0.89
C GLN A 1 25.73 65.58 1.90
N SER A 2 26.38 64.48 2.24
CA SER A 2 25.81 63.50 3.16
C SER A 2 26.94 62.73 3.84
N LEU A 3 26.55 61.90 4.80
CA LEU A 3 27.47 61.08 5.58
C LEU A 3 26.91 59.67 5.64
N GLU A 4 27.80 58.67 5.66
CA GLU A 4 27.37 57.28 5.73
C GLU A 4 28.27 56.54 6.69
N GLU A 5 27.70 55.60 7.43
CA GLU A 5 28.45 54.77 8.36
C GLU A 5 28.54 53.34 7.84
N SER A 6 29.66 52.69 8.16
CA SER A 6 29.89 51.31 7.76
C SER A 6 30.76 50.64 8.80
N GLY A 7 30.75 49.31 8.79
CA GLY A 7 31.57 48.53 9.70
C GLY A 7 30.84 47.97 10.90
N GLY A 8 29.57 48.30 11.10
CA GLY A 8 28.83 47.76 12.23
C GLY A 8 28.40 46.32 11.95
N ARG A 9 28.68 45.43 12.91
CA ARG A 9 28.43 44.00 12.74
C ARG A 9 28.32 43.36 14.11
N LEU A 10 28.16 42.03 14.13
CA LEU A 10 28.16 41.24 15.36
C LEU A 10 29.56 40.71 15.64
N VAL A 11 30.11 41.04 16.81
CA VAL A 11 31.37 40.47 17.27
C VAL A 11 31.18 40.03 18.72
N THR A 12 32.17 39.30 19.21
CA THR A 12 32.21 38.78 20.56
C THR A 12 32.61 39.89 21.55
N PRO A 13 32.37 39.70 22.86
CA PRO A 13 33.00 40.59 23.85
C PRO A 13 34.52 40.52 23.82
N GLY A 14 35.14 41.70 23.88
CA GLY A 14 36.57 41.82 23.88
C GLY A 14 37.19 42.05 22.51
N THR A 15 36.43 41.88 21.44
CA THR A 15 36.94 42.08 20.09
C THR A 15 37.04 43.58 19.80
N PRO A 16 38.15 44.05 19.23
CA PRO A 16 38.19 45.43 18.73
C PRO A 16 37.31 45.59 17.50
N LEU A 17 36.78 46.80 17.32
CA LEU A 17 35.88 47.07 16.20
C LEU A 17 36.17 48.46 15.64
N THR A 18 36.26 48.57 14.32
CA THR A 18 36.50 49.83 13.64
C THR A 18 35.30 50.17 12.76
N LEU A 19 34.71 51.34 13.01
CA LEU A 19 33.65 51.88 12.17
C LEU A 19 34.21 52.97 11.27
N THR A 20 33.59 53.14 10.11
CA THR A 20 34.06 54.09 9.11
C THR A 20 32.92 55.03 8.71
N CYS A 21 33.14 56.33 8.88
CA CYS A 21 32.23 57.36 8.39
C CYS A 21 32.80 57.92 7.09
N THR A 22 32.11 57.64 5.99
CA THR A 22 32.47 58.16 4.68
C THR A 22 31.58 59.36 4.39
N VAL A 23 32.21 60.50 4.10
CA VAL A 23 31.48 61.74 3.85
C VAL A 23 31.52 62.03 2.36
N SER A 24 30.58 62.86 1.90
CA SER A 24 30.54 63.29 0.50
C SER A 24 29.97 64.69 0.42
N GLY A 25 30.62 65.55 -0.36
CA GLY A 25 30.11 66.88 -0.61
C GLY A 25 30.91 68.00 0.05
N PHE A 26 31.37 67.76 1.27
CA PHE A 26 32.12 68.76 2.02
C PHE A 26 33.54 68.26 2.30
N SER A 27 34.34 69.13 2.89
CA SER A 27 35.74 68.86 3.17
C SER A 27 35.96 68.70 4.67
N LEU A 28 36.88 67.81 5.03
CA LEU A 28 37.23 67.60 6.43
C LEU A 28 38.28 68.57 6.94
N SER A 29 38.85 69.40 6.05
CA SER A 29 39.71 70.50 6.46
C SER A 29 38.92 71.74 6.85
N THR A 30 37.61 71.73 6.66
CA THR A 30 36.71 72.80 7.08
C THR A 30 35.80 72.38 8.22
N TYR A 31 35.31 71.14 8.19
CA TYR A 31 34.30 70.67 9.13
C TYR A 31 34.86 69.59 10.04
N ASN A 32 34.30 69.52 11.25
CA ASN A 32 34.64 68.51 12.24
C ASN A 32 33.73 67.30 12.09
N ILE A 33 34.08 66.21 12.79
CA ILE A 33 33.28 64.99 12.75
C ILE A 33 32.92 64.59 14.18
N HIS A 34 31.61 64.51 14.46
CA HIS A 34 31.08 64.01 15.72
C HIS A 34 30.67 62.55 15.61
N TRP A 35 30.80 61.85 16.74
CA TRP A 35 30.32 60.48 16.90
C TRP A 35 29.35 60.45 18.06
N VAL A 36 28.15 59.89 17.82
CA VAL A 36 27.01 59.81 18.73
C VAL A 36 26.50 58.36 18.68
N ARG A 37 26.16 57.77 19.82
CA ARG A 37 25.57 56.44 19.79
C ARG A 37 24.18 56.40 20.42
N GLN A 38 23.45 55.33 20.12
CA GLN A 38 22.10 55.15 20.64
C GLN A 38 21.80 53.65 20.67
N ALA A 39 21.60 53.08 21.85
CA ALA A 39 21.15 51.69 21.94
C ALA A 39 19.67 51.58 21.54
N PRO A 40 19.20 50.38 21.14
CA PRO A 40 17.75 50.15 21.01
C PRO A 40 16.98 50.35 22.31
N GLY A 41 16.18 51.41 22.31
CA GLY A 41 15.29 51.79 23.40
C GLY A 41 15.79 52.84 24.37
N LYS A 42 16.99 53.39 24.21
CA LYS A 42 17.35 54.55 25.01
C LYS A 42 17.54 55.77 24.10
N GLY A 43 17.92 56.88 24.74
CA GLY A 43 18.20 58.12 24.05
C GLY A 43 19.60 58.18 23.48
N LEU A 44 19.88 59.33 22.87
CA LEU A 44 21.16 59.57 22.23
C LEU A 44 22.26 59.81 23.26
N GLU A 45 23.50 59.51 22.87
CA GLU A 45 24.64 59.60 23.75
C GLU A 45 25.86 60.04 22.94
N TRP A 46 26.44 61.18 23.29
CA TRP A 46 27.59 61.71 22.57
C TRP A 46 28.84 60.91 22.92
N ILE A 47 29.60 60.54 21.88
CA ILE A 47 30.87 59.87 22.09
C ILE A 47 32.00 60.87 21.96
N GLY A 48 32.17 61.46 20.78
CA GLY A 48 33.40 62.20 20.58
C GLY A 48 33.37 63.12 19.39
N VAL A 49 34.49 63.82 19.21
CA VAL A 49 34.67 64.72 18.06
C VAL A 49 36.15 64.72 17.67
N ILE A 50 36.39 64.73 16.36
CA ILE A 50 37.70 65.05 15.79
C ILE A 50 37.57 66.35 15.02
N ASP A 51 38.55 67.24 15.18
CA ASP A 51 38.54 68.54 14.52
C ASP A 51 39.28 68.45 13.18
N THR A 52 39.56 69.62 12.60
CA THR A 52 40.27 69.66 11.32
C THR A 52 41.76 69.39 11.50
N GLY A 53 42.32 69.75 12.65
CA GLY A 53 43.72 69.51 12.93
C GLY A 53 44.06 68.11 13.39
N GLY A 54 43.05 67.30 13.68
CA GLY A 54 43.27 65.94 14.14
C GLY A 54 43.11 65.71 15.62
N GLY A 55 42.80 66.77 16.39
CA GLY A 55 42.60 66.61 17.83
C GLY A 55 41.26 65.99 18.12
N THR A 56 41.25 64.98 18.97
CA THR A 56 40.03 64.26 19.35
C THR A 56 39.70 64.51 20.81
N TYR A 57 38.42 64.66 21.11
CA TYR A 57 38.00 64.72 22.50
C TYR A 57 36.78 63.83 22.67
N PHE A 58 36.68 63.22 23.86
CA PHE A 58 35.75 62.15 24.15
C PHE A 58 35.01 62.48 25.46
N ALA A 59 33.89 61.79 25.69
CA ALA A 59 33.08 62.05 26.87
C ALA A 59 33.72 61.44 28.12
N SER A 60 33.08 61.69 29.28
CA SER A 60 33.66 61.31 30.56
C SER A 60 33.59 59.81 30.80
N TRP A 61 32.61 59.14 30.21
CA TRP A 61 32.47 57.69 30.33
C TRP A 61 33.31 56.92 29.34
N ALA A 62 34.01 57.62 28.43
CA ALA A 62 34.72 56.95 27.34
C ALA A 62 35.98 56.25 27.82
N LYS A 63 36.81 56.97 28.60
CA LYS A 63 37.97 56.45 29.36
C LYS A 63 39.05 55.85 28.48
N GLY A 64 39.25 56.42 27.28
CA GLY A 64 40.31 55.97 26.41
C GLY A 64 40.01 54.71 25.61
N ARG A 65 38.78 54.20 25.68
CA ARG A 65 38.40 53.03 24.88
C ARG A 65 38.15 53.39 23.42
N PHE A 66 38.00 54.67 23.12
CA PHE A 66 37.61 55.16 21.81
C PHE A 66 38.76 55.95 21.20
N ALA A 67 38.93 55.81 19.89
CA ALA A 67 39.89 56.64 19.17
C ALA A 67 39.28 57.03 17.83
N ILE A 68 39.46 58.29 17.45
CA ILE A 68 39.03 58.77 16.13
C ILE A 68 40.27 59.15 15.35
N SER A 69 40.28 58.79 14.06
CA SER A 69 41.42 59.09 13.21
C SER A 69 40.94 59.50 11.83
N LYS A 70 41.63 60.46 11.22
CA LYS A 70 41.38 60.80 9.83
C LYS A 70 42.24 59.94 8.94
N THR A 71 41.61 59.06 8.16
CA THR A 71 42.32 58.09 7.33
C THR A 71 42.54 58.58 5.90
N SER A 72 41.57 59.27 5.32
CA SER A 72 41.71 59.86 4.00
C SER A 72 40.98 61.20 3.99
N SER A 73 40.79 61.76 2.80
CA SER A 73 40.09 63.03 2.68
C SER A 73 38.58 62.88 2.80
N THR A 74 38.06 61.66 2.65
CA THR A 74 36.63 61.42 2.73
C THR A 74 36.21 60.46 3.85
N THR A 75 37.14 59.79 4.51
CA THR A 75 36.82 58.75 5.49
C THR A 75 37.41 59.11 6.85
N VAL A 76 36.62 58.83 7.89
CA VAL A 76 37.01 59.05 9.28
C VAL A 76 36.72 57.77 10.06
N ASP A 77 37.73 57.22 10.72
CA ASP A 77 37.59 55.94 11.41
C ASP A 77 37.42 56.14 12.92
N LEU A 78 36.59 55.29 13.51
CA LEU A 78 36.39 55.22 14.96
C LEU A 78 36.76 53.81 15.41
N LYS A 79 37.83 53.70 16.17
CA LYS A 79 38.33 52.44 16.70
C LYS A 79 37.84 52.29 18.14
N MET A 80 37.35 51.10 18.46
CA MET A 80 36.64 50.81 19.70
C MET A 80 37.16 49.53 20.33
N THR A 81 37.59 49.62 21.59
CA THR A 81 38.20 48.53 22.32
C THR A 81 37.42 48.25 23.60
N SER A 82 37.66 47.04 24.13
CA SER A 82 37.09 46.48 25.37
C SER A 82 35.56 46.46 25.35
N LEU A 83 35.00 45.76 24.36
CA LEU A 83 33.55 45.73 24.20
C LEU A 83 32.88 44.78 25.18
N THR A 84 31.80 45.28 25.80
CA THR A 84 30.82 44.52 26.55
C THR A 84 29.46 44.71 25.89
N ALA A 85 28.43 44.14 26.52
CA ALA A 85 27.09 44.14 25.92
C ALA A 85 26.37 45.48 26.01
N ALA A 86 26.89 46.42 26.82
CA ALA A 86 26.29 47.75 26.94
C ALA A 86 26.56 48.64 25.74
N ASP A 87 27.49 48.27 24.86
CA ASP A 87 27.83 49.05 23.68
C ASP A 87 27.08 48.62 22.43
N THR A 88 26.10 47.72 22.59
CA THR A 88 25.23 47.29 21.49
C THR A 88 24.32 48.47 21.12
N ALA A 89 24.60 49.10 19.97
CA ALA A 89 23.98 50.39 19.66
C ALA A 89 24.06 50.68 18.17
N THR A 90 23.31 51.69 17.75
CA THR A 90 23.37 52.28 16.43
C THR A 90 24.22 53.54 16.52
N TYR A 91 25.20 53.66 15.63
CA TYR A 91 26.27 54.64 15.75
C TYR A 91 26.12 55.64 14.59
N PHE A 92 26.06 56.92 14.93
CA PHE A 92 25.91 58.02 13.99
C PHE A 92 27.17 58.87 13.96
N CYS A 93 27.55 59.27 12.75
CA CYS A 93 28.57 60.28 12.55
C CYS A 93 27.91 61.52 11.98
N ALA A 94 28.43 62.68 12.36
CA ALA A 94 27.77 63.93 12.02
C ALA A 94 28.79 64.98 11.62
N LYS A 95 28.42 65.82 10.66
CA LYS A 95 29.25 66.94 10.22
C LYS A 95 29.10 68.07 11.22
N GLY A 96 30.14 68.33 12.01
CA GLY A 96 30.10 69.38 13.00
C GLY A 96 30.65 70.69 12.44
N PHE A 97 29.86 71.75 12.59
CA PHE A 97 30.31 73.08 12.23
C PHE A 97 31.36 73.57 13.22
N ASP A 98 31.16 73.29 14.49
CA ASP A 98 32.11 73.64 15.55
C ASP A 98 32.23 72.42 16.47
N TYR A 99 32.80 72.64 17.66
CA TYR A 99 32.92 71.58 18.64
C TYR A 99 31.59 71.20 19.30
N SER A 100 30.57 72.04 19.16
CA SER A 100 29.22 71.63 19.52
C SER A 100 28.68 70.63 18.52
N ALA A 101 27.90 69.66 18.99
CA ALA A 101 27.23 68.72 18.10
C ALA A 101 25.82 69.18 17.73
N SER A 102 25.70 70.44 17.32
CA SER A 102 24.43 71.05 16.94
C SER A 102 24.45 71.13 15.41
N THR A 103 23.83 70.15 14.76
CA THR A 103 24.00 70.02 13.32
C THR A 103 22.80 69.36 12.67
N ASN A 104 22.61 69.66 11.39
CA ASN A 104 21.48 69.18 10.62
C ASN A 104 21.86 68.10 9.62
N LEU A 105 23.14 67.72 9.53
CA LEU A 105 23.60 66.73 8.58
C LEU A 105 24.14 65.53 9.34
N TRP A 106 23.38 64.44 9.32
CA TRP A 106 23.74 63.22 10.03
C TRP A 106 23.71 62.05 9.06
N GLY A 107 24.49 61.02 9.38
CA GLY A 107 24.39 59.76 8.68
C GLY A 107 23.27 58.91 9.24
N PRO A 108 22.87 57.85 8.52
CA PRO A 108 21.76 57.01 9.02
C PRO A 108 22.16 56.05 10.13
N GLY A 109 23.44 55.84 10.39
CA GLY A 109 23.88 55.03 11.51
C GLY A 109 24.13 53.58 11.12
N THR A 110 25.03 52.94 11.86
CA THR A 110 25.32 51.53 11.66
C THR A 110 25.18 50.78 12.99
N LEU A 111 24.86 49.49 12.92
CA LEU A 111 24.36 48.79 14.09
C LEU A 111 25.40 47.79 14.59
N VAL A 112 25.74 47.88 15.88
CA VAL A 112 26.76 47.06 16.50
C VAL A 112 26.10 46.23 17.60
N THR A 113 26.27 44.90 17.52
CA THR A 113 25.64 43.95 18.42
C THR A 113 26.74 43.24 19.21
N ILE A 114 26.66 43.30 20.54
CA ILE A 114 27.40 42.43 21.43
C ILE A 114 26.32 41.66 22.19
N SER A 115 26.01 40.42 21.79
CA SER A 115 24.86 39.70 22.31
C SER A 115 25.24 38.33 22.86
N SER A 116 24.23 37.68 23.48
CA SER A 116 24.40 36.44 24.21
C SER A 116 23.31 35.41 23.90
N ALA A 117 22.41 35.73 22.98
CA ALA A 117 21.47 34.77 22.43
C ALA A 117 22.12 34.15 21.19
N SER A 118 21.48 33.13 20.66
CA SER A 118 22.06 32.30 19.61
C SER A 118 22.05 33.03 18.28
N THR A 119 23.16 32.92 17.55
CA THR A 119 23.20 33.42 16.19
C THR A 119 22.39 32.49 15.31
N GLN A 120 21.20 32.93 14.93
CA GLN A 120 20.28 32.09 14.15
C GLN A 120 20.17 32.65 12.73
N SER A 121 20.23 31.76 11.78
CA SER A 121 20.04 32.09 10.39
C SER A 121 18.56 32.30 10.09
N PRO A 122 18.22 33.23 9.19
CA PRO A 122 16.81 33.46 8.86
C PRO A 122 16.21 32.36 8.01
N SER A 123 14.91 32.15 8.21
CA SER A 123 14.11 31.30 7.35
C SER A 123 13.33 32.20 6.39
N VAL A 124 13.46 31.93 5.09
CA VAL A 124 12.92 32.78 4.04
C VAL A 124 11.76 32.05 3.38
N PHE A 125 10.61 32.71 3.35
CA PHE A 125 9.41 32.12 2.77
C PHE A 125 8.76 33.09 1.80
N PRO A 126 8.22 32.60 0.69
CA PRO A 126 7.55 33.50 -0.26
C PRO A 126 6.20 33.98 0.25
N LEU A 127 5.88 35.21 -0.11
CA LEU A 127 4.62 35.85 0.23
C LEU A 127 3.94 36.19 -1.08
N THR A 128 3.03 35.32 -1.52
CA THR A 128 2.21 35.54 -2.68
C THR A 128 0.76 35.51 -2.25
N ARG A 129 -0.06 36.31 -2.93
CA ARG A 129 -1.48 36.34 -2.62
C ARG A 129 -2.17 35.10 -3.19
N CYS A 130 -3.41 34.88 -2.73
CA CYS A 130 -4.25 33.85 -3.32
C CYS A 130 -4.66 34.28 -4.72
N CYS A 131 -4.49 33.37 -5.69
CA CYS A 131 -4.58 33.74 -7.09
C CYS A 131 -6.01 33.97 -7.56
N LYS A 132 -7.00 33.40 -6.88
CA LYS A 132 -8.39 33.74 -7.18
C LYS A 132 -8.75 35.15 -6.70
N ASN A 133 -8.02 35.67 -5.71
CA ASN A 133 -8.16 37.05 -5.30
C ASN A 133 -7.35 38.01 -6.16
N ILE A 134 -6.53 37.52 -7.09
CA ILE A 134 -5.78 38.35 -8.04
C ILE A 134 -6.57 38.53 -9.32
N PRO A 135 -6.83 39.77 -9.77
CA PRO A 135 -7.55 39.98 -11.05
C PRO A 135 -6.75 39.61 -12.31
N SER A 136 -7.49 39.42 -13.42
CA SER A 136 -6.94 39.05 -14.73
C SER A 136 -6.00 40.10 -15.29
N ASN A 137 -6.55 41.27 -15.63
CA ASN A 137 -5.74 42.48 -15.71
C ASN A 137 -5.59 43.01 -14.30
N ALA A 138 -4.41 42.78 -13.77
CA ALA A 138 -3.85 43.39 -12.60
C ALA A 138 -2.45 43.80 -13.09
N THR A 139 -2.35 45.00 -13.70
CA THR A 139 -1.20 45.44 -14.51
C THR A 139 0.10 45.54 -13.72
N SER A 140 0.00 45.67 -12.39
CA SER A 140 1.10 45.49 -11.45
C SER A 140 0.69 44.43 -10.44
N VAL A 141 1.67 43.79 -9.81
CA VAL A 141 1.40 42.86 -8.74
C VAL A 141 2.45 43.06 -7.64
N THR A 142 2.02 42.85 -6.40
CA THR A 142 2.84 43.00 -5.22
C THR A 142 3.08 41.62 -4.61
N LEU A 143 4.34 41.28 -4.38
CA LEU A 143 4.74 39.99 -3.84
C LEU A 143 5.81 40.26 -2.79
N GLY A 144 6.33 39.21 -2.15
CA GLY A 144 7.41 39.47 -1.22
C GLY A 144 8.08 38.23 -0.67
N CYS A 145 9.03 38.47 0.24
CA CYS A 145 9.64 37.44 1.06
C CYS A 145 9.58 37.83 2.54
N LEU A 146 9.29 36.84 3.38
CA LEU A 146 9.35 36.97 4.83
C LEU A 146 10.61 36.26 5.30
N ALA A 147 11.53 37.01 5.91
CA ALA A 147 12.75 36.46 6.48
C ALA A 147 12.62 36.56 7.99
N THR A 148 12.36 35.44 8.64
CA THR A 148 11.98 35.44 10.04
C THR A 148 12.88 34.51 10.84
N GLY A 149 12.89 34.74 12.16
CA GLY A 149 13.55 33.85 13.07
C GLY A 149 15.05 34.02 13.16
N TYR A 150 15.59 35.14 12.72
CA TYR A 150 17.03 35.35 12.77
C TYR A 150 17.44 36.18 13.98
N PHE A 151 18.67 35.98 14.40
CA PHE A 151 19.26 36.81 15.42
C PHE A 151 20.76 36.89 15.12
N PRO A 152 21.39 38.06 15.22
CA PRO A 152 20.80 39.40 15.36
C PRO A 152 20.70 40.09 14.02
N GLU A 153 20.58 41.41 14.09
CA GLU A 153 20.57 42.28 12.93
C GLU A 153 21.95 42.34 12.25
N PRO A 154 21.99 42.55 10.91
CA PRO A 154 20.91 42.67 9.92
C PRO A 154 20.76 41.57 8.87
N VAL A 155 19.66 41.66 8.13
CA VAL A 155 19.48 40.96 6.87
C VAL A 155 19.39 42.00 5.75
N MET A 156 19.87 41.62 4.58
CA MET A 156 19.85 42.47 3.40
C MET A 156 19.14 41.72 2.28
N VAL A 157 18.02 42.24 1.82
CA VAL A 157 17.22 41.57 0.80
C VAL A 157 17.30 42.39 -0.48
N THR A 158 17.81 41.77 -1.54
CA THR A 158 17.78 42.32 -2.89
C THR A 158 16.86 41.45 -3.74
N TRP A 159 16.57 41.92 -4.95
CA TRP A 159 15.60 41.24 -5.80
C TRP A 159 16.12 41.07 -7.22
N ASP A 160 15.91 39.88 -7.76
CA ASP A 160 16.06 39.61 -9.19
C ASP A 160 14.67 39.48 -9.79
N THR A 161 14.35 40.40 -10.70
CA THR A 161 13.04 40.51 -11.32
C THR A 161 13.03 40.03 -12.76
N GLY A 162 14.18 39.60 -13.28
CA GLY A 162 14.28 39.28 -14.69
C GLY A 162 14.32 40.51 -15.57
N SER A 163 13.40 40.60 -16.53
CA SER A 163 13.35 41.69 -17.50
C SER A 163 12.41 42.82 -17.11
N LEU A 164 11.66 42.67 -16.03
CA LEU A 164 10.69 43.67 -15.59
C LEU A 164 11.41 44.70 -14.74
N ASN A 165 10.76 45.83 -14.52
CA ASN A 165 11.20 46.69 -13.43
C ASN A 165 10.50 46.25 -12.15
N GLY A 166 11.20 46.37 -11.05
CA GLY A 166 10.58 46.05 -9.78
C GLY A 166 10.96 47.05 -8.72
N THR A 167 9.97 47.71 -8.14
CA THR A 167 10.26 48.58 -7.00
C THR A 167 10.28 47.74 -5.72
N THR A 168 11.38 47.88 -4.98
CA THR A 168 11.70 47.04 -3.83
C THR A 168 11.51 47.87 -2.56
N MET A 169 10.98 47.27 -1.50
CA MET A 169 10.68 48.08 -0.33
C MET A 169 10.87 47.16 0.87
N THR A 170 11.79 47.48 1.77
CA THR A 170 12.11 46.61 2.90
C THR A 170 11.69 47.28 4.21
N LEU A 171 10.83 46.60 4.95
CA LEU A 171 10.28 47.18 6.16
C LEU A 171 11.26 47.09 7.32
N PRO A 172 11.12 47.95 8.33
CA PRO A 172 11.86 47.76 9.58
C PRO A 172 11.45 46.47 10.30
N ALA A 173 12.43 45.91 11.00
CA ALA A 173 12.31 44.59 11.59
C ALA A 173 11.47 44.62 12.86
N THR A 174 10.80 43.50 13.13
CA THR A 174 10.02 43.31 14.35
C THR A 174 10.67 42.23 15.20
N THR A 175 10.86 42.53 16.48
CA THR A 175 11.32 41.53 17.43
C THR A 175 10.18 40.58 17.75
N LEU A 176 10.40 39.29 17.52
CA LEU A 176 9.39 38.29 17.85
C LEU A 176 9.29 38.15 19.37
N THR A 177 8.05 38.14 19.87
CA THR A 177 7.82 38.27 21.30
C THR A 177 8.14 36.99 22.06
N LEU A 178 8.03 35.83 21.41
CA LEU A 178 8.23 34.57 22.10
C LEU A 178 9.72 34.18 22.14
N SER A 179 10.44 34.41 21.05
CA SER A 179 11.81 33.93 20.92
C SER A 179 12.87 35.01 21.05
N GLY A 180 12.53 36.27 20.78
CA GLY A 180 13.51 37.33 20.74
C GLY A 180 14.20 37.51 19.42
N HIS A 181 13.93 36.65 18.44
CA HIS A 181 14.51 36.76 17.12
C HIS A 181 13.78 37.84 16.32
N TYR A 182 14.36 38.19 15.18
CA TYR A 182 13.84 39.26 14.35
C TYR A 182 13.15 38.71 13.11
N ALA A 183 12.36 39.58 12.47
CA ALA A 183 11.65 39.21 11.26
C ALA A 183 11.48 40.44 10.39
N THR A 184 11.73 40.28 9.09
CA THR A 184 11.53 41.33 8.10
C THR A 184 10.61 40.84 7.00
N ILE A 185 9.93 41.80 6.38
CA ILE A 185 9.14 41.57 5.19
C ILE A 185 9.66 42.50 4.11
N SER A 186 10.15 41.93 3.02
CA SER A 186 10.61 42.72 1.88
C SER A 186 9.66 42.49 0.72
N LEU A 187 9.18 43.57 0.13
CA LEU A 187 8.12 43.51 -0.85
C LEU A 187 8.63 44.02 -2.19
N LEU A 188 8.17 43.36 -3.25
CA LEU A 188 8.52 43.69 -4.62
C LEU A 188 7.25 43.93 -5.40
N THR A 189 7.15 45.10 -6.04
CA THR A 189 6.02 45.39 -6.92
C THR A 189 6.55 45.48 -8.34
N VAL A 190 6.01 44.63 -9.22
CA VAL A 190 6.41 44.61 -10.62
C VAL A 190 5.20 44.87 -11.50
N SER A 191 5.47 45.10 -12.78
CA SER A 191 4.42 45.34 -13.76
C SER A 191 4.69 44.55 -15.03
N GLY A 192 3.63 44.38 -15.82
CA GLY A 192 3.76 43.80 -17.15
C GLY A 192 3.46 42.32 -17.26
N ALA A 193 4.50 41.56 -17.62
CA ALA A 193 4.37 40.13 -17.90
C ALA A 193 4.71 39.31 -16.65
N TRP A 194 3.97 39.57 -15.58
CA TRP A 194 4.28 39.00 -14.27
C TRP A 194 3.77 37.59 -14.08
N ALA A 195 2.81 37.15 -14.90
CA ALA A 195 2.15 35.86 -14.65
C ALA A 195 3.04 34.68 -15.04
N LYS A 196 3.96 34.89 -15.98
CA LYS A 196 4.90 33.87 -16.40
C LYS A 196 6.32 34.15 -15.95
N GLN A 197 6.53 35.21 -15.17
CA GLN A 197 7.86 35.62 -14.76
C GLN A 197 8.26 34.95 -13.45
N MET A 198 9.50 34.49 -13.40
CA MET A 198 10.11 33.95 -12.20
C MET A 198 10.69 35.11 -11.40
N PHE A 199 10.42 35.12 -10.09
CA PHE A 199 10.89 36.18 -9.20
C PHE A 199 11.79 35.63 -8.10
N THR A 200 12.77 36.42 -7.67
CA THR A 200 13.85 35.91 -6.84
C THR A 200 14.23 36.92 -5.76
N CYS A 201 14.25 36.47 -4.51
CA CYS A 201 14.77 37.30 -3.42
C CYS A 201 16.06 36.73 -2.85
N ARG A 202 17.00 37.62 -2.58
CA ARG A 202 18.32 37.31 -2.06
C ARG A 202 18.45 37.93 -0.67
N VAL A 203 18.45 37.07 0.35
CA VAL A 203 18.52 37.48 1.73
C VAL A 203 19.91 37.13 2.26
N ALA A 204 20.68 38.13 2.64
CA ALA A 204 22.01 37.95 3.18
C ALA A 204 22.01 38.23 4.67
N HIS A 205 22.63 37.34 5.45
CA HIS A 205 22.71 37.48 6.90
C HIS A 205 24.17 37.40 7.30
N THR A 206 24.82 38.56 7.34
CA THR A 206 26.23 38.64 7.75
C THR A 206 26.57 38.26 9.21
N PRO A 207 25.69 38.36 10.23
CA PRO A 207 26.04 37.72 11.52
C PRO A 207 26.16 36.20 11.51
N SER A 208 25.47 35.49 10.62
CA SER A 208 25.68 34.04 10.52
C SER A 208 27.02 33.75 9.88
N SER A 209 27.19 34.13 8.62
CA SER A 209 28.48 34.12 7.95
C SER A 209 28.46 35.22 6.92
N THR A 210 29.65 35.61 6.46
CA THR A 210 29.82 36.69 5.48
C THR A 210 29.21 36.31 4.14
N ASP A 211 29.26 35.04 3.77
CA ASP A 211 28.66 34.56 2.54
C ASP A 211 27.40 33.74 2.81
N TRP A 212 26.69 34.03 3.89
CA TRP A 212 25.37 33.43 4.09
C TRP A 212 24.39 34.11 3.16
N VAL A 213 23.98 33.41 2.11
CA VAL A 213 22.98 33.90 1.16
C VAL A 213 21.89 32.87 1.04
N ASP A 214 20.63 33.29 1.23
CA ASP A 214 19.46 32.52 0.85
C ASP A 214 18.85 33.12 -0.41
N ASN A 215 18.77 32.29 -1.47
CA ASN A 215 18.39 32.74 -2.80
C ASN A 215 17.11 31.98 -3.19
N LYS A 216 16.00 32.56 -2.76
CA LYS A 216 14.66 31.99 -2.85
C LYS A 216 14.08 32.36 -4.21
N THR A 217 13.57 31.35 -4.93
CA THR A 217 13.02 31.47 -6.26
C THR A 217 11.56 31.01 -6.28
N PHE A 218 10.66 31.86 -6.79
CA PHE A 218 9.24 31.53 -6.78
C PHE A 218 8.48 32.35 -7.84
N SER A 219 7.28 31.89 -8.16
CA SER A 219 6.33 32.62 -8.99
C SER A 219 5.20 33.18 -8.14
N VAL A 220 4.29 33.90 -8.79
CA VAL A 220 3.36 34.75 -8.05
C VAL A 220 1.98 34.09 -8.10
N CYS A 221 1.96 32.77 -8.29
CA CYS A 221 0.66 32.13 -8.31
C CYS A 221 0.68 30.83 -7.53
N SER A 222 -0.46 30.52 -6.90
CA SER A 222 -0.64 29.24 -6.23
C SER A 222 -1.74 28.40 -6.83
N ARG A 223 -2.52 28.94 -7.78
CA ARG A 223 -3.14 28.08 -8.74
C ARG A 223 -2.08 27.39 -9.60
N ASP A 224 -1.32 28.21 -10.36
CA ASP A 224 -0.53 27.83 -11.54
C ASP A 224 -1.45 27.08 -12.49
N PHE A 225 -1.42 25.76 -12.40
CA PHE A 225 -2.17 24.82 -13.21
C PHE A 225 -3.38 24.30 -12.44
N THR A 226 -4.25 23.53 -13.09
CA THR A 226 -5.27 22.81 -12.33
C THR A 226 -4.60 21.69 -11.52
N PRO A 227 -4.93 21.55 -10.23
CA PRO A 227 -4.14 20.68 -9.37
C PRO A 227 -4.44 19.21 -9.62
N PRO A 228 -3.40 18.39 -9.82
CA PRO A 228 -3.60 16.94 -9.91
C PRO A 228 -3.91 16.37 -8.54
N THR A 229 -4.50 15.18 -8.55
CA THR A 229 -4.64 14.41 -7.33
C THR A 229 -3.95 13.06 -7.49
N VAL A 230 -3.34 12.62 -6.41
CA VAL A 230 -2.55 11.40 -6.35
C VAL A 230 -3.30 10.43 -5.45
N LYS A 231 -3.49 9.19 -5.93
CA LYS A 231 -3.94 8.12 -5.06
C LYS A 231 -3.22 6.83 -5.41
N ILE A 232 -3.05 5.96 -4.42
CA ILE A 232 -2.37 4.69 -4.61
C ILE A 232 -3.38 3.59 -4.38
N LEU A 233 -3.52 2.71 -5.35
CA LEU A 233 -4.27 1.49 -5.19
C LEU A 233 -3.34 0.28 -5.08
N GLN A 234 -3.87 -0.82 -4.56
CA GLN A 234 -3.08 -2.03 -4.39
C GLN A 234 -3.94 -3.23 -4.78
N SER A 235 -3.26 -4.32 -5.17
CA SER A 235 -3.81 -5.68 -5.28
C SER A 235 -4.58 -6.08 -4.03
N SER A 236 -5.61 -6.89 -4.20
CA SER A 236 -6.25 -7.50 -3.05
C SER A 236 -5.47 -8.74 -2.63
N CYS A 237 -5.48 -9.03 -1.33
CA CYS A 237 -5.16 -10.40 -0.94
C CYS A 237 -6.40 -11.26 -1.26
N ASP A 238 -6.23 -12.57 -1.27
CA ASP A 238 -7.32 -13.40 -1.78
C ASP A 238 -8.42 -13.72 -0.77
N GLY A 239 -9.35 -14.58 -1.20
CA GLY A 239 -10.53 -15.01 -0.46
C GLY A 239 -10.27 -15.76 0.83
N GLY A 240 -9.06 -16.25 1.04
CA GLY A 240 -8.73 -16.86 2.30
C GLY A 240 -7.99 -15.89 3.18
N GLY A 241 -7.80 -14.67 2.69
CA GLY A 241 -7.06 -13.62 3.34
C GLY A 241 -5.58 -13.65 3.08
N HIS A 242 -5.11 -14.43 2.12
CA HIS A 242 -3.67 -14.60 1.97
C HIS A 242 -3.19 -13.70 0.85
N PHE A 243 -2.00 -13.15 1.05
CA PHE A 243 -1.34 -12.29 0.07
C PHE A 243 -0.94 -13.07 -1.17
N PRO A 244 -1.01 -12.45 -2.35
CA PRO A 244 -0.37 -13.03 -3.54
C PRO A 244 1.14 -12.99 -3.42
N PRO A 245 1.87 -13.75 -4.25
CA PRO A 245 3.34 -13.78 -4.14
C PRO A 245 4.04 -12.49 -4.56
N THR A 246 3.41 -11.65 -5.37
CA THR A 246 3.89 -10.31 -5.63
C THR A 246 2.78 -9.33 -5.36
N ILE A 247 3.17 -8.11 -5.02
CA ILE A 247 2.25 -7.03 -4.69
C ILE A 247 2.42 -5.95 -5.76
N GLN A 248 1.31 -5.52 -6.33
CA GLN A 248 1.34 -4.39 -7.25
C GLN A 248 0.83 -3.14 -6.57
N LEU A 249 1.59 -2.05 -6.71
CA LEU A 249 1.15 -0.73 -6.28
C LEU A 249 0.91 0.14 -7.50
N LEU A 250 -0.28 0.71 -7.60
CA LEU A 250 -0.64 1.53 -8.76
C LEU A 250 -0.84 2.95 -8.27
N CYS A 251 0.12 3.81 -8.59
CA CYS A 251 0.02 5.23 -8.26
C CYS A 251 -0.70 5.91 -9.41
N LEU A 252 -1.83 6.53 -9.11
CA LEU A 252 -2.68 7.16 -10.11
C LEU A 252 -2.61 8.66 -9.90
N VAL A 253 -2.18 9.36 -10.93
CA VAL A 253 -2.18 10.81 -10.98
C VAL A 253 -3.29 11.24 -11.94
N SER A 254 -4.45 11.59 -11.36
CA SER A 254 -5.66 11.99 -12.06
C SER A 254 -5.48 13.27 -12.86
N GLY A 255 -6.53 13.67 -13.60
CA GLY A 255 -6.54 14.76 -14.58
C GLY A 255 -5.92 16.10 -14.27
N TYR A 256 -4.86 16.40 -15.01
CA TYR A 256 -4.07 17.61 -14.91
C TYR A 256 -3.78 18.20 -16.29
N THR A 257 -3.45 19.50 -16.30
CA THR A 257 -2.99 20.23 -17.49
C THR A 257 -1.73 19.56 -17.99
N PRO A 258 -1.66 19.11 -19.25
CA PRO A 258 -0.47 18.39 -19.79
C PRO A 258 0.88 19.07 -19.63
N GLY A 259 1.86 18.28 -19.19
CA GLY A 259 3.20 18.78 -18.94
C GLY A 259 4.09 17.60 -18.57
N THR A 260 5.36 17.91 -18.35
CA THR A 260 6.33 16.89 -17.97
C THR A 260 6.07 16.51 -16.52
N ILE A 261 6.07 15.21 -16.22
CA ILE A 261 5.66 14.70 -14.92
C ILE A 261 6.57 13.50 -14.62
N ASN A 262 6.88 13.32 -13.34
CA ASN A 262 8.10 12.64 -12.95
C ASN A 262 7.91 11.92 -11.62
N ILE A 263 8.04 10.60 -11.64
CA ILE A 263 7.53 9.78 -10.55
C ILE A 263 8.69 9.00 -9.93
N THR A 264 8.85 9.13 -8.62
CA THR A 264 9.85 8.38 -7.87
C THR A 264 9.13 7.54 -6.81
N TRP A 265 9.51 6.27 -6.69
CA TRP A 265 8.98 5.44 -5.62
C TRP A 265 10.03 5.41 -4.51
N LEU A 266 9.58 5.52 -3.26
CA LEU A 266 10.44 5.47 -2.10
C LEU A 266 10.09 4.33 -1.15
N GLU A 267 11.10 3.67 -0.58
CA GLU A 267 10.87 2.66 0.46
C GLU A 267 11.54 3.25 1.69
N ASP A 268 10.70 3.63 2.67
CA ASP A 268 11.07 4.40 3.88
C ASP A 268 11.94 5.63 3.55
N GLY A 269 11.61 6.30 2.45
CA GLY A 269 12.27 7.52 2.03
C GLY A 269 13.45 7.36 1.10
N GLN A 270 13.91 6.14 0.84
CA GLN A 270 15.08 5.96 -0.01
C GLN A 270 14.65 5.58 -1.42
N VAL A 271 15.23 6.26 -2.41
CA VAL A 271 14.92 6.07 -3.83
C VAL A 271 15.24 4.65 -4.33
N MET A 272 14.27 3.98 -4.95
CA MET A 272 14.53 2.70 -5.57
C MET A 272 14.93 2.93 -7.02
N ASP A 273 15.70 1.99 -7.57
CA ASP A 273 16.11 2.01 -8.97
C ASP A 273 14.84 1.93 -9.83
N VAL A 274 14.76 2.80 -10.82
CA VAL A 274 13.63 2.94 -11.75
C VAL A 274 13.31 1.69 -12.58
N ASP A 275 14.24 0.72 -12.69
CA ASP A 275 14.03 -0.53 -13.42
C ASP A 275 12.95 -1.43 -12.79
N LEU A 276 12.70 -1.29 -11.49
CA LEU A 276 11.78 -2.13 -10.72
C LEU A 276 10.33 -1.66 -10.87
N SER A 277 10.08 -0.60 -11.62
CA SER A 277 8.73 -0.06 -11.76
C SER A 277 8.51 0.40 -13.20
N THR A 278 7.23 0.51 -13.56
CA THR A 278 6.83 1.09 -14.83
C THR A 278 6.06 2.38 -14.61
N ALA A 279 5.79 3.05 -15.73
CA ALA A 279 5.00 4.27 -15.74
C ALA A 279 4.36 4.42 -17.12
N SER A 280 3.17 5.00 -17.14
CA SER A 280 2.38 5.18 -18.34
C SER A 280 1.65 6.50 -18.25
N THR A 281 1.63 7.22 -19.36
CA THR A 281 0.92 8.48 -19.50
C THR A 281 0.00 8.38 -20.70
N THR A 282 -1.28 8.71 -20.50
CA THR A 282 -2.22 8.81 -21.60
C THR A 282 -2.76 10.23 -21.64
N GLN A 283 -3.31 10.59 -22.80
CA GLN A 283 -3.96 11.88 -22.97
C GLN A 283 -5.36 11.69 -23.52
N GLU A 284 -6.35 12.29 -22.87
CA GLU A 284 -7.72 12.27 -23.34
C GLU A 284 -8.19 13.71 -23.46
N GLY A 285 -8.45 14.15 -24.70
CA GLY A 285 -8.83 15.53 -24.95
C GLY A 285 -7.70 16.49 -24.63
N GLU A 286 -8.03 17.39 -23.72
CA GLU A 286 -7.12 18.41 -23.22
C GLU A 286 -6.58 18.03 -21.85
N LEU A 287 -6.83 16.80 -21.38
CA LEU A 287 -6.43 16.40 -20.04
C LEU A 287 -5.58 15.14 -20.07
N ALA A 288 -4.53 15.13 -19.25
CA ALA A 288 -3.64 13.98 -19.13
C ALA A 288 -3.97 13.10 -17.94
N SER A 289 -3.52 11.85 -18.00
CA SER A 289 -3.69 10.89 -16.92
C SER A 289 -2.41 10.08 -16.81
N THR A 290 -1.97 9.82 -15.59
CA THR A 290 -0.70 9.12 -15.39
C THR A 290 -0.89 7.99 -14.38
N GLN A 291 -0.27 6.85 -14.66
CA GLN A 291 -0.24 5.72 -13.75
C GLN A 291 1.19 5.22 -13.66
N SER A 292 1.55 4.73 -12.49
CA SER A 292 2.84 4.10 -12.28
C SER A 292 2.62 2.80 -11.53
N GLU A 293 3.31 1.74 -11.95
CA GLU A 293 3.12 0.45 -11.33
C GLU A 293 4.43 0.01 -10.71
N LEU A 294 4.38 -0.43 -9.46
CA LEU A 294 5.52 -0.94 -8.74
C LEU A 294 5.25 -2.39 -8.34
N THR A 295 6.27 -3.25 -8.50
CA THR A 295 6.13 -4.65 -8.16
C THR A 295 7.01 -4.93 -6.96
N LEU A 296 6.46 -5.62 -5.98
CA LEU A 296 7.15 -5.92 -4.73
C LEU A 296 7.01 -7.38 -4.40
N SER A 297 8.01 -7.91 -3.69
CA SER A 297 7.90 -9.26 -3.17
C SER A 297 6.94 -9.23 -1.98
N GLN A 298 6.30 -10.39 -1.74
CA GLN A 298 5.43 -10.57 -0.57
C GLN A 298 6.18 -10.33 0.75
N LYS A 299 7.45 -10.74 0.82
CA LYS A 299 8.31 -10.61 2.00
C LYS A 299 8.52 -9.15 2.40
N HIS A 300 8.83 -8.32 1.41
CA HIS A 300 9.03 -6.88 1.61
C HIS A 300 7.74 -6.23 2.07
N TRP A 301 6.61 -6.64 1.48
CA TRP A 301 5.31 -6.11 1.89
C TRP A 301 5.01 -6.48 3.34
N LEU A 302 5.30 -7.73 3.74
CA LEU A 302 5.08 -8.18 5.11
C LEU A 302 6.08 -7.62 6.11
N SER A 303 7.16 -7.01 5.63
CA SER A 303 8.15 -6.41 6.53
C SER A 303 7.78 -5.00 7.00
N ASP A 304 6.57 -4.50 6.66
CA ASP A 304 5.96 -3.27 7.17
C ASP A 304 6.68 -1.99 6.76
N ARG A 305 7.42 -2.02 5.65
CA ARG A 305 8.07 -0.84 5.13
C ARG A 305 7.07 0.12 4.50
N THR A 306 7.42 1.40 4.52
CA THR A 306 6.55 2.46 4.03
C THR A 306 7.04 2.90 2.67
N TYR A 307 6.12 3.04 1.73
CA TYR A 307 6.37 3.36 0.34
C TYR A 307 5.70 4.67 -0.03
N THR A 308 6.43 5.51 -0.74
CA THR A 308 6.00 6.85 -1.08
C THR A 308 5.99 7.00 -2.60
N CYS A 309 4.87 7.48 -3.13
CA CYS A 309 4.76 7.87 -4.53
C CYS A 309 5.00 9.36 -4.61
N GLN A 310 6.10 9.74 -5.27
CA GLN A 310 6.60 11.09 -5.36
C GLN A 310 6.39 11.62 -6.77
N VAL A 311 5.58 12.67 -6.90
CA VAL A 311 5.26 13.23 -8.19
C VAL A 311 5.92 14.59 -8.29
N THR A 312 6.69 14.79 -9.35
CA THR A 312 7.28 16.09 -9.61
C THR A 312 6.65 16.58 -10.90
N TYR A 313 5.96 17.71 -10.83
CA TYR A 313 5.28 18.26 -12.00
C TYR A 313 5.50 19.76 -11.96
N GLN A 314 6.11 20.29 -13.05
CA GLN A 314 6.46 21.71 -13.27
C GLN A 314 7.12 22.37 -12.06
N GLY A 315 8.09 21.66 -11.47
CA GLY A 315 8.79 22.22 -10.34
C GLY A 315 8.01 22.22 -9.05
N HIS A 316 6.89 21.49 -8.98
CA HIS A 316 6.12 21.36 -7.76
C HIS A 316 6.01 19.90 -7.39
N THR A 317 6.10 19.61 -6.10
CA THR A 317 6.14 18.24 -5.61
C THR A 317 4.80 17.91 -4.98
N PHE A 318 4.27 16.76 -5.37
CA PHE A 318 3.13 16.10 -4.79
C PHE A 318 3.62 14.78 -4.23
N GLU A 319 2.86 14.19 -3.31
CA GLU A 319 3.26 12.91 -2.72
C GLU A 319 2.07 12.20 -2.13
N ASP A 320 2.28 10.90 -1.94
CA ASP A 320 1.32 10.04 -1.28
C ASP A 320 2.12 8.94 -0.61
N SER A 321 1.54 8.34 0.42
CA SER A 321 2.26 7.33 1.19
C SER A 321 1.36 6.14 1.46
N THR A 322 2.02 5.02 1.75
CA THR A 322 1.37 3.76 2.07
C THR A 322 2.35 2.94 2.89
N LYS A 323 1.82 2.10 3.75
CA LYS A 323 2.56 1.01 4.36
C LYS A 323 1.60 -0.16 4.37
N LYS A 324 2.11 -1.34 4.80
CA LYS A 324 1.25 -2.52 5.01
C LYS A 324 0.05 -2.14 5.87
N CYS A 325 -1.12 -2.57 5.41
CA CYS A 325 -2.37 -2.26 6.07
C CYS A 325 -2.44 -2.94 7.45
N ALA A 326 -3.33 -2.46 8.30
CA ALA A 326 -3.58 -3.15 9.56
C ALA A 326 -5.00 -2.87 10.03
N ASP A 327 -5.58 -3.87 10.68
CA ASP A 327 -6.83 -3.68 11.42
C ASP A 327 -6.61 -2.79 12.63
N SER A 328 -5.48 -2.94 13.32
CA SER A 328 -5.13 -2.08 14.43
C SER A 328 -3.64 -1.81 14.40
N ASN A 329 -3.27 -0.60 14.77
CA ASN A 329 -1.88 -0.16 14.79
C ASN A 329 -1.53 0.38 16.17
N PRO A 330 -1.13 -0.50 17.09
CA PRO A 330 -0.54 0.01 18.33
C PRO A 330 0.87 0.53 18.08
N ARG A 331 1.23 1.53 18.86
CA ARG A 331 2.55 2.15 18.82
C ARG A 331 2.76 2.86 20.13
N GLY A 332 4.02 2.92 20.55
CA GLY A 332 4.38 3.67 21.72
C GLY A 332 5.55 4.57 21.42
N VAL A 333 5.78 5.50 22.32
CA VAL A 333 6.84 6.47 22.17
C VAL A 333 8.18 5.81 22.51
N SER A 334 9.22 6.15 21.75
CA SER A 334 10.56 5.69 22.04
C SER A 334 11.51 6.88 21.96
N ALA A 335 12.68 6.73 22.57
CA ALA A 335 13.62 7.83 22.66
C ALA A 335 15.04 7.32 22.54
N TYR A 336 15.87 8.14 21.90
CA TYR A 336 17.25 7.80 21.62
C TYR A 336 18.08 9.04 21.93
N LEU A 337 19.29 8.82 22.42
CA LEU A 337 20.14 9.93 22.83
C LEU A 337 21.54 9.65 22.34
N SER A 338 22.08 10.58 21.56
CA SER A 338 23.36 10.37 20.91
C SER A 338 24.48 10.99 21.74
N ARG A 339 25.69 10.54 21.46
CA ARG A 339 26.88 11.24 21.90
C ARG A 339 27.28 12.24 20.82
N PRO A 340 28.15 13.24 21.12
CA PRO A 340 28.61 14.13 20.04
C PRO A 340 29.52 13.38 19.09
N SER A 341 29.52 13.84 17.87
CA SER A 341 30.43 13.18 16.95
C SER A 341 31.83 13.72 17.19
N PRO A 342 32.86 12.89 16.96
CA PRO A 342 34.26 13.37 17.05
C PRO A 342 34.59 14.54 16.15
N PHE A 343 34.03 14.55 14.94
CA PHE A 343 34.17 15.68 14.01
C PHE A 343 33.67 16.98 14.63
N ASP A 344 32.50 16.93 15.27
CA ASP A 344 31.96 18.11 15.94
C ASP A 344 32.79 18.47 17.16
N LEU A 345 33.31 17.46 17.86
CA LEU A 345 34.10 17.70 19.07
C LEU A 345 35.45 18.33 18.76
N PHE A 346 36.15 17.84 17.72
CA PHE A 346 37.57 18.12 17.54
C PHE A 346 37.92 18.91 16.28
N ILE A 347 37.09 18.87 15.25
CA ILE A 347 37.34 19.67 14.06
C ILE A 347 36.51 20.93 14.12
N ARG A 348 35.18 20.75 14.17
CA ARG A 348 34.27 21.89 14.27
C ARG A 348 34.38 22.57 15.63
N LYS A 349 34.77 21.82 16.66
CA LYS A 349 34.92 22.24 18.07
C LYS A 349 33.64 22.87 18.62
N SER A 350 32.50 22.26 18.31
CA SER A 350 31.21 22.73 18.80
C SER A 350 30.28 21.55 19.02
N PRO A 351 30.53 20.73 20.05
CA PRO A 351 29.77 19.49 20.19
C PRO A 351 28.36 19.74 20.70
N THR A 352 27.46 18.86 20.28
CA THR A 352 26.07 18.89 20.70
C THR A 352 25.65 17.45 20.93
N ILE A 353 24.59 17.29 21.71
CA ILE A 353 23.92 16.00 21.83
C ILE A 353 22.48 16.17 21.42
N THR A 354 21.90 15.08 20.92
CA THR A 354 20.55 15.14 20.44
C THR A 354 19.71 14.07 21.11
N CYS A 355 18.58 14.47 21.66
CA CYS A 355 17.62 13.51 22.17
C CYS A 355 16.53 13.49 21.12
N LEU A 356 16.31 12.33 20.54
CA LEU A 356 15.35 12.17 19.46
C LEU A 356 14.26 11.30 20.01
N VAL A 357 13.04 11.80 20.00
CA VAL A 357 11.93 11.03 20.50
C VAL A 357 10.96 10.81 19.35
N VAL A 358 10.71 9.53 19.03
CA VAL A 358 9.96 9.12 17.87
C VAL A 358 8.82 8.19 18.28
N ASP A 359 7.84 8.09 17.37
CA ASP A 359 6.68 7.22 17.43
C ASP A 359 5.69 7.57 18.54
N LEU A 360 5.69 8.82 18.98
CA LEU A 360 4.65 9.26 19.90
C LEU A 360 3.33 9.35 19.15
N ALA A 361 2.25 9.09 19.86
CA ALA A 361 0.93 9.29 19.29
C ALA A 361 0.57 10.75 19.43
N PRO A 362 0.26 11.47 18.32
CA PRO A 362 -0.12 12.88 18.41
C PRO A 362 -1.45 13.12 19.11
N SER A 363 -1.40 13.07 20.44
CA SER A 363 -2.52 13.35 21.33
C SER A 363 -2.71 14.85 21.53
N LYS A 364 -3.43 15.23 22.56
CA LYS A 364 -3.49 16.63 22.94
C LYS A 364 -2.31 17.01 23.83
N GLY A 365 -1.59 18.05 23.41
CA GLY A 365 -0.60 18.78 24.16
C GLY A 365 0.83 18.48 23.72
N THR A 366 1.70 19.44 24.05
CA THR A 366 3.14 19.35 23.81
C THR A 366 3.83 18.42 24.80
N VAL A 367 4.90 17.80 24.34
CA VAL A 367 5.60 16.81 25.14
C VAL A 367 6.69 17.52 25.94
N ASN A 368 6.76 17.20 27.23
CA ASN A 368 7.73 17.82 28.12
C ASN A 368 9.08 17.19 27.88
N LEU A 369 10.07 18.02 27.54
CA LEU A 369 11.40 17.53 27.19
C LEU A 369 12.43 18.40 27.89
N THR A 370 13.15 17.82 28.85
CA THR A 370 14.05 18.57 29.73
C THR A 370 15.44 17.99 29.74
N TRP A 371 16.44 18.85 29.67
CA TRP A 371 17.84 18.46 29.72
C TRP A 371 18.36 18.73 31.12
N SER A 372 19.21 17.84 31.63
CA SER A 372 19.86 18.13 32.91
C SER A 372 21.23 17.49 33.00
N ARG A 373 22.04 17.99 33.94
CA ARG A 373 23.35 17.43 34.21
C ARG A 373 23.34 16.86 35.62
N ALA A 374 24.01 15.72 35.82
CA ALA A 374 24.14 15.10 37.14
C ALA A 374 24.85 15.98 38.16
N SER A 375 25.78 16.83 37.70
CA SER A 375 26.51 17.72 38.60
C SER A 375 25.68 18.87 39.12
N GLY A 376 24.51 19.15 38.56
CA GLY A 376 23.74 20.30 38.97
C GLY A 376 24.19 21.61 38.36
N LYS A 377 25.23 21.59 37.52
CA LYS A 377 25.70 22.77 36.84
C LYS A 377 24.72 23.10 35.72
N PRO A 378 24.69 24.36 35.22
CA PRO A 378 23.60 24.71 34.29
C PRO A 378 23.82 24.14 32.90
N VAL A 379 22.70 23.87 32.24
CA VAL A 379 22.72 23.46 30.85
C VAL A 379 22.51 24.70 29.99
N ASN A 380 22.95 24.61 28.75
CA ASN A 380 22.68 25.67 27.78
C ASN A 380 21.24 25.57 27.29
N HIS A 381 20.80 26.62 26.60
CA HIS A 381 19.51 26.56 25.94
C HIS A 381 19.58 25.59 24.77
N SER A 382 18.54 24.77 24.63
CA SER A 382 18.46 23.80 23.56
C SER A 382 17.52 24.26 22.46
N THR A 383 17.60 23.59 21.32
CA THR A 383 16.65 23.80 20.24
C THR A 383 15.75 22.58 20.09
N ARG A 384 14.51 22.83 19.64
CA ARG A 384 13.48 21.80 19.60
C ARG A 384 12.76 21.90 18.26
N LYS A 385 12.67 20.78 17.56
CA LYS A 385 11.91 20.69 16.32
C LYS A 385 10.85 19.61 16.49
N GLU A 386 9.64 19.85 16.00
CA GLU A 386 8.59 18.85 16.01
C GLU A 386 8.09 18.69 14.57
N GLU A 387 8.05 17.45 14.08
CA GLU A 387 7.76 17.21 12.67
C GLU A 387 6.85 16.01 12.51
N LYS A 388 5.71 16.23 11.85
CA LYS A 388 4.83 15.13 11.50
C LYS A 388 5.43 14.30 10.38
N GLN A 389 5.35 12.99 10.52
CA GLN A 389 5.99 12.07 9.58
C GLN A 389 4.99 11.45 8.63
N ARG A 390 5.54 10.86 7.55
CA ARG A 390 4.73 10.20 6.52
C ARG A 390 3.91 9.06 7.09
N ASN A 391 4.50 8.29 8.01
CA ASN A 391 3.70 7.21 8.61
C ASN A 391 2.65 7.74 9.68
N GLY A 392 2.43 9.05 9.88
CA GLY A 392 1.43 9.58 10.76
C GLY A 392 1.89 9.89 12.17
N THR A 393 3.12 9.58 12.52
CA THR A 393 3.57 9.91 13.85
C THR A 393 4.17 11.30 13.85
N LEU A 394 4.56 11.74 15.04
CA LEU A 394 5.22 13.02 15.23
C LEU A 394 6.56 12.74 15.87
N THR A 395 7.63 13.27 15.27
CA THR A 395 8.98 13.10 15.79
C THR A 395 9.48 14.43 16.33
N VAL A 396 9.96 14.43 17.57
CA VAL A 396 10.44 15.63 18.24
C VAL A 396 11.94 15.45 18.45
N THR A 397 12.70 16.45 18.05
CA THR A 397 14.14 16.47 18.14
C THR A 397 14.57 17.61 19.05
N SER A 398 15.40 17.32 20.03
CA SER A 398 15.97 18.37 20.86
C SER A 398 17.47 18.26 20.78
N THR A 399 18.12 19.38 20.46
CA THR A 399 19.57 19.44 20.31
C THR A 399 20.13 20.38 21.35
N LEU A 400 21.06 19.88 22.16
CA LEU A 400 21.63 20.61 23.27
C LEU A 400 23.11 20.83 22.98
N PRO A 401 23.60 22.07 22.92
CA PRO A 401 25.05 22.29 22.88
C PRO A 401 25.69 21.89 24.21
N VAL A 402 26.82 21.20 24.13
CA VAL A 402 27.56 20.80 25.32
C VAL A 402 28.96 21.43 25.30
N GLY A 403 29.46 21.69 26.49
CA GLY A 403 30.83 22.15 26.63
C GLY A 403 31.83 21.07 26.24
N THR A 404 32.88 21.49 25.53
CA THR A 404 33.89 20.58 25.00
C THR A 404 34.71 19.98 26.14
N ARG A 405 35.17 20.86 27.03
CA ARG A 405 35.89 20.48 28.23
C ARG A 405 35.01 19.69 29.16
N ASP A 406 33.73 20.11 29.28
CA ASP A 406 32.69 19.41 30.04
C ASP A 406 32.55 17.95 29.60
N TRP A 407 32.43 17.73 28.29
CA TRP A 407 32.24 16.39 27.73
C TRP A 407 33.48 15.54 27.96
N ILE A 408 34.66 16.10 27.70
CA ILE A 408 35.93 15.36 27.81
C ILE A 408 36.21 14.91 29.24
N GLU A 409 35.70 15.63 30.25
CA GLU A 409 36.03 15.23 31.61
C GLU A 409 35.00 14.28 32.20
N GLY A 410 34.04 13.81 31.41
CA GLY A 410 33.27 12.67 31.81
C GLY A 410 31.91 13.02 32.38
N GLU A 411 31.37 14.19 32.06
CA GLU A 411 30.06 14.60 32.52
C GLU A 411 29.00 13.69 31.92
N THR A 412 27.94 13.47 32.69
CA THR A 412 26.80 12.68 32.25
C THR A 412 25.63 13.63 32.10
N TYR A 413 25.00 13.56 30.94
CA TYR A 413 23.89 14.40 30.57
C TYR A 413 22.65 13.52 30.51
N GLN A 414 21.52 14.06 30.92
CA GLN A 414 20.28 13.31 30.97
C GLN A 414 19.23 14.03 30.15
N CYS A 415 18.49 13.25 29.39
CA CYS A 415 17.30 13.66 28.68
C CYS A 415 16.13 13.05 29.44
N ARG A 416 15.19 13.91 29.84
CA ARG A 416 14.01 13.53 30.58
C ARG A 416 12.75 13.87 29.82
N VAL A 417 11.90 12.88 29.66
CA VAL A 417 10.72 12.94 28.81
C VAL A 417 9.52 12.74 29.71
N THR A 418 8.60 13.68 29.70
CA THR A 418 7.38 13.58 30.45
C THR A 418 6.27 13.96 29.47
N HIS A 419 5.05 13.46 29.75
CA HIS A 419 3.82 13.74 29.00
C HIS A 419 2.67 13.22 29.85
N PRO A 420 1.50 13.90 29.84
CA PRO A 420 0.37 13.48 30.68
C PRO A 420 -0.16 12.09 30.38
N HIS A 421 -0.06 11.67 29.12
CA HIS A 421 -0.54 10.36 28.72
C HIS A 421 0.50 9.28 28.96
N LEU A 422 1.70 9.66 29.38
CA LEU A 422 2.70 8.65 29.69
C LEU A 422 2.43 8.00 31.03
N PRO A 423 2.79 6.71 31.17
CA PRO A 423 2.68 6.04 32.47
C PRO A 423 3.66 6.59 33.48
N ARG A 424 4.90 6.68 33.01
CA ARG A 424 6.00 7.19 33.79
C ARG A 424 6.87 8.05 32.87
N ALA A 425 7.83 8.72 33.49
CA ALA A 425 8.81 9.49 32.77
C ALA A 425 9.82 8.56 32.09
N LEU A 426 10.24 8.97 30.90
CA LEU A 426 11.25 8.29 30.11
C LEU A 426 12.58 8.95 30.37
N MET A 427 13.63 8.14 30.56
CA MET A 427 14.95 8.64 30.87
C MET A 427 16.01 8.09 29.95
N ARG A 428 16.84 8.99 29.44
CA ARG A 428 18.00 8.58 28.65
C ARG A 428 19.17 9.36 29.21
N SER A 429 20.36 8.77 29.14
CA SER A 429 21.53 9.45 29.63
C SER A 429 22.71 9.14 28.73
N THR A 430 23.70 10.02 28.75
CA THR A 430 24.86 9.84 27.89
C THR A 430 26.09 10.43 28.58
N THR A 431 27.23 9.82 28.29
CA THR A 431 28.51 10.17 28.90
C THR A 431 29.61 9.53 28.06
N LYS A 432 30.82 10.08 28.23
CA LYS A 432 32.00 9.60 27.52
C LYS A 432 32.27 8.16 27.96
N THR A 433 32.63 7.30 27.01
CA THR A 433 32.86 5.89 27.31
C THR A 433 34.06 5.67 28.23
N SER A 434 33.86 4.85 29.24
CA SER A 434 34.84 4.52 30.26
C SER A 434 35.80 3.42 29.85
N GLY A 435 35.70 2.92 28.62
CA GLY A 435 36.63 1.94 28.13
C GLY A 435 37.98 2.54 27.80
N PRO A 436 38.92 1.67 27.39
CA PRO A 436 40.29 2.13 27.11
C PRO A 436 40.40 2.88 25.79
N ARG A 437 41.63 3.20 25.41
CA ARG A 437 41.84 3.95 24.19
C ARG A 437 42.82 3.21 23.30
N ALA A 438 42.64 3.37 21.99
CA ALA A 438 43.57 2.84 20.99
C ALA A 438 43.38 3.64 19.71
N ALA A 439 44.49 3.91 19.04
CA ALA A 439 44.46 4.78 17.88
C ALA A 439 44.01 4.00 16.64
N PRO A 440 43.36 4.67 15.68
CA PRO A 440 42.95 3.97 14.46
C PRO A 440 44.12 3.71 13.52
N GLU A 441 44.08 2.56 12.87
CA GLU A 441 44.86 2.33 11.67
C GLU A 441 43.96 2.68 10.51
N VAL A 442 44.54 3.30 9.48
CA VAL A 442 43.81 3.75 8.32
C VAL A 442 44.49 3.17 7.08
N TYR A 443 43.68 2.68 6.14
CA TYR A 443 44.18 2.13 4.88
C TYR A 443 43.19 2.56 3.81
N ALA A 444 43.68 3.22 2.77
CA ALA A 444 42.81 3.63 1.67
C ALA A 444 43.20 2.91 0.39
N PHE A 445 42.19 2.57 -0.42
CA PHE A 445 42.39 1.74 -1.61
C PHE A 445 41.52 2.26 -2.75
N ALA A 446 41.95 1.94 -3.95
CA ALA A 446 41.16 2.16 -5.15
C ALA A 446 41.01 0.81 -5.83
N THR A 447 39.81 0.57 -6.36
CA THR A 447 39.58 -0.60 -7.19
C THR A 447 40.23 -0.44 -8.57
N PRO A 448 40.55 -1.54 -9.25
CA PRO A 448 41.21 -1.42 -10.55
C PRO A 448 40.24 -1.00 -11.66
N GLU A 449 40.83 -0.57 -12.77
CA GLU A 449 40.08 -0.31 -14.00
C GLU A 449 39.77 -1.62 -14.70
N TRP A 450 38.55 -1.74 -15.20
CA TRP A 450 38.13 -2.92 -15.95
C TRP A 450 36.98 -2.45 -16.85
N PRO A 451 36.47 -3.30 -17.79
CA PRO A 451 35.39 -2.83 -18.70
C PRO A 451 34.11 -2.36 -18.01
N GLY A 452 33.49 -1.33 -18.59
CA GLY A 452 32.22 -0.86 -18.08
C GLY A 452 32.31 0.10 -16.92
N SER A 453 33.52 0.52 -16.53
CA SER A 453 33.69 1.39 -15.38
C SER A 453 34.85 2.34 -15.68
N ARG A 454 34.77 2.98 -16.84
CA ARG A 454 35.80 3.87 -17.35
C ARG A 454 35.76 5.23 -16.66
N ASP A 455 34.56 5.80 -16.55
CA ASP A 455 34.35 7.14 -16.01
C ASP A 455 33.71 7.15 -14.64
N LYS A 456 33.62 6.01 -13.96
CA LYS A 456 33.21 5.97 -12.56
C LYS A 456 34.03 4.92 -11.85
N ARG A 457 34.58 5.29 -10.70
CA ARG A 457 35.43 4.37 -9.96
C ARG A 457 34.90 4.30 -8.52
N THR A 458 35.22 3.21 -7.82
CA THR A 458 34.86 3.03 -6.43
C THR A 458 36.12 3.06 -5.58
N LEU A 459 36.13 3.90 -4.54
CA LEU A 459 37.21 3.96 -3.57
C LEU A 459 36.72 3.39 -2.25
N ALA A 460 37.66 2.86 -1.47
CA ALA A 460 37.32 2.24 -0.20
C ALA A 460 38.35 2.61 0.85
N CYS A 461 37.94 2.58 2.11
CA CYS A 461 38.81 2.89 3.23
C CYS A 461 38.48 1.96 4.38
N LEU A 462 39.53 1.39 4.99
CA LEU A 462 39.43 0.55 6.17
C LEU A 462 40.01 1.27 7.37
N ILE A 463 39.21 1.38 8.43
CA ILE A 463 39.64 2.01 9.66
C ILE A 463 39.50 0.94 10.73
N GLN A 464 40.57 0.66 11.46
CA GLN A 464 40.51 -0.53 12.30
C GLN A 464 41.43 -0.40 13.50
N ASN A 465 41.19 -1.28 14.48
CA ASN A 465 41.95 -1.46 15.71
C ASN A 465 41.88 -0.27 16.64
N PHE A 466 40.86 0.56 16.50
CA PHE A 466 40.65 1.71 17.36
C PHE A 466 39.75 1.37 18.53
N MET A 467 39.88 2.19 19.57
CA MET A 467 39.10 2.04 20.76
C MET A 467 39.07 3.44 21.36
N PRO A 468 37.91 3.95 21.81
CA PRO A 468 36.56 3.36 21.78
C PRO A 468 35.88 3.43 20.41
N GLU A 469 34.58 3.14 20.33
CA GLU A 469 33.93 2.91 19.05
C GLU A 469 33.50 4.18 18.31
N ASP A 470 33.42 5.33 18.99
CA ASP A 470 32.89 6.52 18.35
C ASP A 470 33.93 7.17 17.46
N ILE A 471 33.59 7.35 16.18
CA ILE A 471 34.54 7.80 15.17
C ILE A 471 33.76 8.52 14.07
N SER A 472 34.41 9.50 13.44
CA SER A 472 33.86 10.20 12.28
C SER A 472 34.74 9.98 11.06
N VAL A 473 34.15 9.54 9.96
CA VAL A 473 34.90 9.29 8.73
C VAL A 473 34.40 10.26 7.67
N GLN A 474 35.33 10.96 7.03
CA GLN A 474 35.02 11.85 5.91
C GLN A 474 35.99 11.58 4.78
N TRP A 475 35.59 12.00 3.58
CA TRP A 475 36.47 12.04 2.44
C TRP A 475 36.73 13.47 2.00
N LEU A 476 37.99 13.77 1.73
CA LEU A 476 38.44 15.08 1.33
C LEU A 476 39.00 14.97 -0.07
N HIS A 477 38.72 15.97 -0.90
CA HIS A 477 39.21 16.00 -2.27
C HIS A 477 39.43 17.45 -2.67
N ASN A 478 40.69 17.76 -3.02
CA ASN A 478 41.13 19.03 -3.63
C ASN A 478 40.73 20.22 -2.76
N GLU A 479 41.17 20.15 -1.50
CA GLU A 479 41.00 21.18 -0.45
C GLU A 479 39.54 21.45 -0.10
N VAL A 480 38.65 20.49 -0.35
CA VAL A 480 37.30 20.50 0.20
C VAL A 480 37.05 19.13 0.80
N GLN A 481 36.48 19.11 1.99
CA GLN A 481 35.95 17.89 2.57
C GLN A 481 34.56 17.67 2.01
N LEU A 482 34.45 16.59 1.23
CA LEU A 482 33.24 16.27 0.47
C LEU A 482 32.08 15.94 1.43
N PRO A 483 30.84 16.24 1.01
CA PRO A 483 29.66 15.92 1.83
C PRO A 483 29.50 14.44 2.14
N ASP A 484 28.96 14.17 3.34
CA ASP A 484 28.70 12.82 3.84
C ASP A 484 27.82 11.98 2.93
N ALA A 485 26.87 12.61 2.22
CA ALA A 485 25.94 11.89 1.37
C ALA A 485 26.61 11.27 0.14
N ARG A 486 27.82 11.72 -0.22
CA ARG A 486 28.53 11.21 -1.39
C ARG A 486 28.98 9.77 -1.19
N HIS A 487 29.27 9.41 0.06
CA HIS A 487 29.84 8.11 0.39
C HIS A 487 28.95 7.37 1.37
N SER A 488 29.35 6.15 1.66
CA SER A 488 28.69 5.28 2.61
C SER A 488 29.73 4.78 3.61
N THR A 489 29.31 4.60 4.86
CA THR A 489 30.24 4.15 5.89
C THR A 489 29.50 3.18 6.79
N THR A 490 30.13 2.03 7.05
CA THR A 490 29.50 0.98 7.84
C THR A 490 29.47 1.35 9.33
N GLN A 491 28.67 0.60 10.08
CA GLN A 491 28.58 0.72 11.52
C GLN A 491 29.74 -0.01 12.19
N PRO A 492 30.29 0.53 13.28
CA PRO A 492 31.41 -0.13 13.98
C PRO A 492 31.07 -1.52 14.48
N ARG A 493 31.95 -2.46 14.19
CA ARG A 493 31.83 -3.84 14.63
C ARG A 493 33.15 -4.21 15.27
N LYS A 494 33.11 -5.20 16.15
CA LYS A 494 34.29 -5.61 16.88
C LYS A 494 35.24 -6.39 15.98
N THR A 495 36.52 -6.06 16.04
CA THR A 495 37.53 -6.92 15.48
C THR A 495 37.68 -8.19 16.33
N LYS A 496 38.27 -9.23 15.70
CA LYS A 496 38.50 -10.53 16.34
C LYS A 496 39.37 -10.40 17.59
N GLY A 497 40.41 -9.57 17.51
CA GLY A 497 41.24 -9.31 18.67
C GLY A 497 40.66 -8.14 19.46
N SER A 498 41.29 -6.99 19.34
CA SER A 498 41.03 -5.84 20.20
C SER A 498 40.69 -4.63 19.36
N GLY A 499 39.51 -4.07 19.57
CA GLY A 499 39.13 -2.83 18.91
C GLY A 499 38.05 -3.03 17.87
N PHE A 500 37.73 -1.92 17.22
CA PHE A 500 36.65 -1.85 16.25
C PHE A 500 37.19 -1.59 14.86
N PHE A 501 36.31 -1.76 13.87
CA PHE A 501 36.60 -1.38 12.50
C PHE A 501 35.36 -0.84 11.82
N VAL A 502 35.59 0.00 10.80
CA VAL A 502 34.57 0.44 9.86
C VAL A 502 35.18 0.43 8.46
N PHE A 503 34.31 0.29 7.47
CA PHE A 503 34.65 0.46 6.07
C PHE A 503 33.88 1.65 5.51
N SER A 504 34.51 2.40 4.61
CA SER A 504 33.80 3.43 3.86
C SER A 504 34.00 3.25 2.37
N ARG A 505 32.91 3.47 1.63
CA ARG A 505 32.86 3.31 0.18
C ARG A 505 32.39 4.60 -0.47
N LEU A 506 33.15 5.06 -1.47
CA LEU A 506 32.85 6.31 -2.16
C LEU A 506 32.94 6.11 -3.67
N GLU A 507 31.81 6.28 -4.36
CA GLU A 507 31.83 6.28 -5.81
C GLU A 507 32.18 7.68 -6.30
N VAL A 508 33.14 7.73 -7.23
CA VAL A 508 33.65 8.98 -7.79
C VAL A 508 33.49 8.94 -9.30
N THR A 509 33.52 10.13 -9.89
CA THR A 509 33.32 10.33 -11.31
C THR A 509 34.64 10.76 -11.91
N ARG A 510 34.72 10.61 -13.25
CA ARG A 510 35.92 10.91 -14.05
C ARG A 510 36.42 12.33 -13.88
N ALA A 511 35.48 13.32 -13.89
CA ALA A 511 35.81 14.74 -13.74
C ALA A 511 36.49 15.05 -12.42
N GLU A 512 36.17 14.29 -11.36
CA GLU A 512 36.78 14.53 -10.06
C GLU A 512 38.23 14.08 -10.07
N TRP A 513 38.52 12.87 -10.57
CA TRP A 513 39.91 12.44 -10.54
C TRP A 513 40.74 13.11 -11.62
N GLU A 514 40.11 13.58 -12.71
CA GLU A 514 40.84 14.42 -13.66
C GLU A 514 41.10 15.81 -13.11
N GLN A 515 40.22 16.28 -12.21
CA GLN A 515 40.46 17.51 -11.47
C GLN A 515 41.64 17.33 -10.52
N LYS A 516 41.55 16.34 -9.65
CA LYS A 516 42.65 15.93 -8.78
C LYS A 516 42.42 14.47 -8.43
N ASP A 517 43.42 13.65 -8.65
CA ASP A 517 43.29 12.21 -8.48
C ASP A 517 43.73 11.82 -7.06
N GLU A 518 44.03 12.81 -6.22
CA GLU A 518 44.44 12.54 -4.85
C GLU A 518 43.18 12.67 -3.99
N PHE A 519 42.78 11.58 -3.35
CA PHE A 519 41.60 11.53 -2.47
C PHE A 519 42.01 11.07 -1.08
N ILE A 520 41.59 11.80 -0.05
CA ILE A 520 42.04 11.56 1.31
C ILE A 520 40.88 11.01 2.12
N CYS A 521 41.10 9.85 2.73
CA CYS A 521 40.20 9.30 3.74
C CYS A 521 40.67 9.77 5.11
N ARG A 522 39.76 10.39 5.86
CA ARG A 522 40.09 10.99 7.14
C ARG A 522 39.21 10.42 8.23
N ALA A 523 39.82 9.99 9.33
CA ALA A 523 39.12 9.56 10.52
C ALA A 523 39.38 10.55 11.65
N VAL A 524 38.33 10.91 12.36
CA VAL A 524 38.40 11.74 13.56
C VAL A 524 38.02 10.84 14.73
N HIS A 525 38.87 10.78 15.74
CA HIS A 525 38.71 9.81 16.81
C HIS A 525 39.43 10.34 18.04
N GLU A 526 38.84 10.09 19.22
CA GLU A 526 39.32 10.68 20.48
C GLU A 526 40.72 10.19 20.86
N ALA A 527 41.08 8.98 20.45
CA ALA A 527 42.36 8.37 20.79
C ALA A 527 43.41 8.66 19.75
N ALA A 528 43.05 9.31 18.65
CA ALA A 528 44.02 9.67 17.63
C ALA A 528 44.93 10.79 18.13
N SER A 529 46.11 10.85 17.54
CA SER A 529 47.20 11.70 18.00
C SER A 529 47.78 12.46 16.81
N PRO A 530 48.30 13.68 17.01
CA PRO A 530 48.34 14.51 18.23
C PRO A 530 47.12 15.40 18.40
N SER A 531 46.22 15.45 17.42
CA SER A 531 45.14 16.43 17.41
C SER A 531 43.80 15.75 17.12
N GLN A 532 43.67 14.48 17.52
CA GLN A 532 42.47 13.65 17.44
C GLN A 532 42.01 13.41 16.01
N THR A 533 42.92 13.48 15.03
CA THR A 533 42.59 13.13 13.67
C THR A 533 43.73 12.27 13.12
N VAL A 534 43.39 11.36 12.21
CA VAL A 534 44.32 10.55 11.44
C VAL A 534 43.80 10.49 10.01
N GLN A 535 44.69 10.62 9.03
CA GLN A 535 44.22 10.62 7.66
C GLN A 535 45.24 9.95 6.75
N ARG A 536 44.75 9.43 5.63
CA ARG A 536 45.60 8.80 4.64
C ARG A 536 45.08 9.15 3.26
N ALA A 537 46.01 9.45 2.37
CA ALA A 537 45.70 9.83 1.00
C ALA A 537 45.88 8.61 0.08
N VAL A 538 45.11 8.57 -1.01
CA VAL A 538 45.30 7.57 -2.05
C VAL A 538 45.18 8.24 -3.43
N SER A 539 46.01 7.79 -4.37
CA SER A 539 45.87 8.13 -5.78
C SER A 539 45.39 6.89 -6.52
N SER A 540 44.38 7.07 -7.40
CA SER A 540 43.73 5.94 -8.05
C SER A 540 44.52 5.42 -9.23
N VAL A 541 45.52 6.19 -9.69
CA VAL A 541 46.26 5.94 -10.92
C VAL A 541 47.06 4.64 -10.85
N ASN A 542 47.60 4.32 -9.63
CA ASN A 542 48.35 3.16 -9.08
C ASN A 542 49.15 2.35 -10.12
N PRO A 543 50.17 2.97 -10.73
CA PRO A 543 50.64 2.54 -12.07
C PRO A 543 51.36 1.20 -12.09
N GLY A 544 51.06 0.41 -13.11
CA GLY A 544 51.49 -0.97 -13.18
C GLY A 544 52.95 -1.20 -13.48
N LYS A 545 53.80 -0.85 -12.52
CA LYS A 545 55.24 -1.10 -12.62
C LYS A 545 55.49 -2.55 -12.22
N HIS A 546 55.34 -3.43 -13.21
CA HIS A 546 55.59 -4.85 -13.01
C HIS A 546 57.09 -5.10 -12.83
N HIS A 547 57.40 -5.92 -11.82
CA HIS A 547 58.76 -6.23 -11.34
C HIS A 547 59.52 -4.95 -10.97
N HIS A 548 58.81 -4.04 -10.30
CA HIS A 548 59.23 -2.70 -9.86
C HIS A 548 59.77 -1.85 -11.01
N GLU B 1 29.97 63.93 35.35
CA GLU B 1 29.75 64.70 36.58
C GLU B 1 28.53 65.61 36.43
N LEU B 2 28.56 66.45 35.41
CA LEU B 2 27.47 67.39 35.16
C LEU B 2 26.26 66.69 34.56
N ASP B 3 25.08 67.22 34.87
CA ASP B 3 23.81 66.61 34.52
C ASP B 3 22.99 67.54 33.64
N MET B 4 22.13 66.96 32.81
CA MET B 4 21.00 67.64 32.21
C MET B 4 19.75 66.86 32.51
N THR B 5 18.77 67.52 33.09
CA THR B 5 17.47 66.93 33.38
C THR B 5 16.48 67.43 32.36
N GLN B 6 15.96 66.52 31.54
CA GLN B 6 14.92 66.83 30.56
C GLN B 6 13.58 66.39 31.14
N THR B 7 12.68 67.35 31.34
CA THR B 7 11.39 67.10 31.95
C THR B 7 10.29 67.67 31.08
N PRO B 8 9.17 66.95 30.91
CA PRO B 8 8.89 65.57 31.35
C PRO B 8 9.43 64.53 30.38
N SER B 9 9.41 63.25 30.75
CA SER B 9 9.77 62.20 29.83
C SER B 9 8.65 61.85 28.85
N SER B 10 7.42 62.27 29.14
CA SER B 10 6.28 62.04 28.25
C SER B 10 5.26 63.16 28.42
N VAL B 11 4.65 63.58 27.32
CA VAL B 11 3.68 64.68 27.34
C VAL B 11 2.67 64.45 26.21
N SER B 12 1.40 64.75 26.47
CA SER B 12 0.39 64.51 25.45
C SER B 12 -0.49 65.75 25.29
N ALA B 13 -0.75 66.13 24.04
CA ALA B 13 -1.53 67.32 23.71
C ALA B 13 -2.12 67.13 22.32
N PRO B 14 -3.34 67.61 22.07
CA PRO B 14 -4.00 67.38 20.77
C PRO B 14 -3.57 68.41 19.71
N VAL B 15 -4.23 68.33 18.56
CA VAL B 15 -3.99 69.28 17.46
C VAL B 15 -4.59 70.64 17.81
N GLY B 16 -3.76 71.69 17.67
CA GLY B 16 -4.07 73.02 18.15
C GLY B 16 -3.56 73.30 19.54
N GLY B 17 -3.09 72.27 20.25
CA GLY B 17 -2.47 72.43 21.53
C GLY B 17 -0.97 72.65 21.38
N SER B 18 -0.29 72.63 22.52
CA SER B 18 1.13 72.91 22.57
C SER B 18 1.78 72.03 23.64
N VAL B 19 3.08 71.76 23.46
CA VAL B 19 3.85 71.08 24.49
C VAL B 19 5.04 71.96 24.87
N THR B 20 5.47 71.82 26.12
CA THR B 20 6.66 72.50 26.63
C THR B 20 7.60 71.45 27.21
N ILE B 21 8.83 71.44 26.71
CA ILE B 21 9.85 70.50 27.13
C ILE B 21 10.98 71.31 27.73
N ASN B 22 11.33 71.04 28.99
CA ASN B 22 12.33 71.83 29.69
C ASN B 22 13.60 71.03 29.87
N CYS B 23 14.73 71.68 29.69
CA CYS B 23 16.03 71.12 30.03
C CYS B 23 16.69 72.03 31.06
N GLN B 24 17.10 71.43 32.17
CA GLN B 24 17.78 72.14 33.25
C GLN B 24 19.18 71.55 33.40
N SER B 25 20.18 72.40 33.44
CA SER B 25 21.56 71.97 33.49
C SER B 25 22.18 72.30 34.84
N SER B 26 23.08 71.42 35.30
CA SER B 26 23.76 71.64 36.58
C SER B 26 24.82 72.73 36.49
N GLN B 27 25.41 72.92 35.32
CA GLN B 27 26.39 73.97 35.06
C GLN B 27 25.93 74.70 33.81
N SER B 28 26.15 76.02 33.77
CA SER B 28 25.77 76.83 32.62
C SER B 28 26.56 76.45 31.37
N VAL B 29 25.88 76.46 30.23
CA VAL B 29 26.45 76.04 28.95
C VAL B 29 27.41 77.10 28.42
N TYR B 30 28.16 76.74 27.38
CA TYR B 30 29.23 77.57 26.84
C TYR B 30 28.68 78.82 26.17
N GLY B 31 29.07 79.99 26.69
CA GLY B 31 28.55 81.25 26.20
C GLY B 31 27.12 81.53 26.58
N ASN B 32 26.59 80.81 27.58
CA ASN B 32 25.24 80.83 28.14
C ASN B 32 24.13 80.48 27.14
N ASN B 33 24.46 79.94 25.94
CA ASN B 33 23.43 79.90 24.92
C ASN B 33 23.56 78.63 24.06
N TYR B 34 24.66 77.87 24.18
CA TYR B 34 24.95 76.76 23.27
C TYR B 34 24.14 75.52 23.66
N LEU B 35 22.92 75.47 23.14
CA LEU B 35 22.07 74.29 23.28
C LEU B 35 21.24 74.13 22.02
N ALA B 36 21.00 72.88 21.66
CA ALA B 36 20.26 72.47 20.48
C ALA B 36 19.06 71.62 20.88
N TRP B 37 18.05 71.63 20.02
CA TRP B 37 16.86 70.80 20.16
C TRP B 37 16.71 69.97 18.89
N TYR B 38 16.61 68.66 19.10
CA TYR B 38 16.58 67.64 18.06
C TYR B 38 15.25 66.88 18.08
N GLN B 39 14.84 66.44 16.89
CA GLN B 39 13.65 65.64 16.69
C GLN B 39 14.05 64.29 16.10
N GLN B 40 13.66 63.19 16.73
CA GLN B 40 14.05 61.88 16.24
C GLN B 40 12.87 60.91 16.24
N LYS B 41 12.67 60.23 15.13
CA LYS B 41 11.67 59.18 15.00
C LYS B 41 12.35 57.80 14.99
N ALA B 42 11.56 56.77 14.72
CA ALA B 42 12.07 55.41 14.76
C ALA B 42 12.90 55.09 13.52
N GLY B 43 14.10 54.58 13.75
CA GLY B 43 14.99 54.19 12.67
C GLY B 43 15.68 55.34 11.96
N GLN B 44 15.62 56.54 12.51
CA GLN B 44 16.13 57.73 11.85
C GLN B 44 17.29 58.34 12.64
N PRO B 45 18.16 59.08 11.98
CA PRO B 45 19.00 60.05 12.68
C PRO B 45 18.16 61.20 13.19
N PRO B 46 18.60 61.88 14.26
CA PRO B 46 17.86 63.06 14.72
C PRO B 46 18.00 64.24 13.77
N LYS B 47 16.93 65.01 13.68
CA LYS B 47 16.87 66.18 12.81
C LYS B 47 16.92 67.43 13.67
N LEU B 48 17.77 68.37 13.28
CA LEU B 48 17.95 69.59 14.06
C LEU B 48 16.75 70.52 13.88
N LEU B 49 16.14 70.90 15.00
CA LEU B 49 15.09 71.91 15.01
C LEU B 49 15.61 73.25 15.47
N ILE B 50 16.27 73.29 16.62
CA ILE B 50 16.80 74.52 17.20
C ILE B 50 18.29 74.32 17.38
N TYR B 51 19.08 75.30 16.96
CA TYR B 51 20.46 75.40 17.43
C TYR B 51 20.61 76.80 18.03
N ARG B 52 21.57 76.91 18.96
CA ARG B 52 21.85 78.12 19.77
C ARG B 52 20.62 78.60 20.54
N ALA B 53 19.79 77.63 20.99
CA ALA B 53 18.71 77.74 21.98
C ALA B 53 17.52 78.63 21.61
N SER B 54 17.57 79.41 20.53
CA SER B 54 16.41 80.15 20.08
C SER B 54 16.33 80.23 18.56
N THR B 55 17.45 79.95 17.89
CA THR B 55 17.53 80.15 16.44
C THR B 55 17.02 78.92 15.71
N LEU B 56 16.06 79.12 14.82
CA LEU B 56 15.44 78.02 14.09
C LEU B 56 16.38 77.50 13.01
N ALA B 57 16.46 76.17 12.92
CA ALA B 57 17.29 75.56 11.88
C ALA B 57 16.60 75.65 10.52
N SER B 58 17.41 75.46 9.47
CA SER B 58 16.90 75.55 8.11
C SER B 58 16.10 74.31 7.77
N GLY B 59 14.85 74.52 7.34
CA GLY B 59 13.93 73.45 7.03
C GLY B 59 12.95 73.12 8.13
N ALA B 60 13.25 73.51 9.37
CA ALA B 60 12.32 73.34 10.47
C ALA B 60 11.20 74.38 10.36
N PRO B 61 9.96 74.01 10.71
CA PRO B 61 8.87 74.98 10.64
C PRO B 61 8.95 76.00 11.78
N SER B 62 8.21 77.09 11.62
CA SER B 62 8.24 78.21 12.55
C SER B 62 7.51 77.93 13.85
N ARG B 63 6.73 76.84 13.93
CA ARG B 63 5.99 76.46 15.12
C ARG B 63 6.88 75.88 16.23
N PHE B 64 8.12 75.55 15.94
CA PHE B 64 9.08 75.12 16.95
C PHE B 64 9.77 76.37 17.49
N LYS B 65 9.60 76.65 18.78
CA LYS B 65 10.18 77.86 19.36
C LYS B 65 11.02 77.48 20.57
N GLY B 66 12.30 77.82 20.51
CA GLY B 66 13.20 77.62 21.63
C GLY B 66 13.36 78.91 22.42
N SER B 67 13.63 78.76 23.72
CA SER B 67 13.87 79.89 24.59
C SER B 67 14.72 79.42 25.77
N GLY B 68 15.27 80.37 26.50
CA GLY B 68 16.00 80.08 27.72
C GLY B 68 17.43 80.56 27.64
N SER B 69 18.08 80.51 28.80
CA SER B 69 19.45 80.97 28.93
C SER B 69 20.08 80.29 30.14
N GLY B 70 21.41 80.25 30.14
CA GLY B 70 22.16 79.88 31.33
C GLY B 70 22.09 78.39 31.60
N THR B 71 21.26 78.05 32.58
CA THR B 71 20.95 76.66 32.89
C THR B 71 19.55 76.24 32.50
N GLN B 72 18.63 77.18 32.25
CA GLN B 72 17.22 76.84 32.10
C GLN B 72 16.79 77.10 30.66
N PHE B 73 16.30 76.06 29.98
CA PHE B 73 15.95 76.12 28.57
C PHE B 73 14.64 75.40 28.33
N THR B 74 13.89 75.87 27.32
CA THR B 74 12.54 75.39 27.06
C THR B 74 12.26 75.36 25.57
N LEU B 75 11.80 74.21 25.07
CA LEU B 75 11.24 74.09 23.72
C LEU B 75 9.74 74.08 23.80
N THR B 76 9.10 75.01 23.10
CA THR B 76 7.65 75.09 23.03
C THR B 76 7.24 74.74 21.60
N ILE B 77 6.38 73.75 21.47
CA ILE B 77 5.88 73.31 20.17
C ILE B 77 4.39 73.61 20.16
N SER B 78 4.00 74.67 19.47
CA SER B 78 2.60 75.00 19.27
C SER B 78 2.13 74.48 17.92
N ASP B 79 0.79 74.46 17.76
CA ASP B 79 0.06 74.15 16.52
C ASP B 79 0.40 72.76 16.00
N LEU B 80 -0.01 71.74 16.75
CA LEU B 80 0.55 70.41 16.62
C LEU B 80 0.04 69.70 15.36
N GLU B 81 0.92 68.88 14.76
CA GLU B 81 0.70 68.07 13.57
C GLU B 81 1.30 66.68 13.75
N SER B 82 1.03 65.77 12.79
CA SER B 82 1.45 64.39 13.03
C SER B 82 2.90 64.12 12.73
N ASP B 83 3.66 65.10 12.23
CA ASP B 83 5.08 64.88 11.98
C ASP B 83 5.88 65.08 13.26
N ASP B 84 5.22 65.46 14.36
CA ASP B 84 5.72 65.59 15.72
C ASP B 84 5.59 64.30 16.55
N ALA B 85 5.31 63.15 15.92
CA ALA B 85 5.35 61.87 16.63
C ALA B 85 6.80 61.46 16.79
N ALA B 86 7.44 61.91 17.85
CA ALA B 86 8.89 61.78 17.92
C ALA B 86 9.33 61.79 19.38
N THR B 87 10.60 61.44 19.57
CA THR B 87 11.29 61.72 20.80
C THR B 87 12.17 62.94 20.58
N TYR B 88 12.08 63.90 21.50
CA TYR B 88 12.74 65.19 21.37
C TYR B 88 13.88 65.28 22.37
N TYR B 89 15.01 65.82 21.92
CA TYR B 89 16.20 65.84 22.74
C TYR B 89 16.79 67.24 22.81
N CYS B 90 17.51 67.51 23.88
CA CYS B 90 18.32 68.72 23.96
C CYS B 90 19.80 68.36 24.12
N LEU B 91 20.63 69.21 23.53
CA LEU B 91 22.08 69.00 23.48
C LEU B 91 22.76 70.26 24.00
N GLY B 92 23.55 70.13 25.04
CA GLY B 92 24.31 71.24 25.57
C GLY B 92 25.79 71.06 25.34
N TYR B 93 26.43 72.13 24.89
CA TYR B 93 27.86 72.21 24.72
C TYR B 93 28.42 73.05 25.88
N TYR B 94 29.60 72.67 26.36
CA TYR B 94 30.15 73.23 27.58
C TYR B 94 31.62 73.60 27.41
N ASN B 95 32.12 74.34 28.40
CA ASN B 95 33.55 74.57 28.53
C ASN B 95 34.24 73.25 28.87
N GLY B 96 35.36 73.01 28.21
CA GLY B 96 36.01 71.71 28.24
C GLY B 96 35.64 70.82 27.07
N VAL B 97 34.95 71.39 26.08
CA VAL B 97 34.49 70.81 24.81
C VAL B 97 33.61 69.59 25.16
N ILE B 98 32.51 69.84 25.88
CA ILE B 98 31.70 68.76 26.41
C ILE B 98 30.30 68.84 25.82
N ASN B 99 29.89 67.80 25.10
CA ASN B 99 28.54 67.71 24.57
C ASN B 99 27.78 66.63 25.30
N VAL B 100 26.66 66.99 25.90
CA VAL B 100 25.82 66.04 26.64
C VAL B 100 24.41 66.14 26.06
N PHE B 101 23.77 64.99 25.84
CA PHE B 101 22.39 64.94 25.41
C PHE B 101 21.42 65.00 26.59
N GLY B 102 20.18 65.37 26.29
CA GLY B 102 19.09 65.27 27.25
C GLY B 102 18.47 63.89 27.30
N GLY B 103 17.46 63.75 28.16
CA GLY B 103 16.84 62.45 28.42
C GLY B 103 15.85 61.97 27.37
N GLY B 104 15.04 62.86 26.80
CA GLY B 104 14.04 62.48 25.82
C GLY B 104 12.61 62.74 26.30
N THR B 105 11.69 62.96 25.34
CA THR B 105 10.31 63.37 25.61
C THR B 105 9.43 63.01 24.41
N ASN B 106 8.28 62.36 24.66
CA ASN B 106 7.47 61.70 23.62
C ASN B 106 6.06 62.31 23.50
N VAL B 107 5.61 62.54 22.25
CA VAL B 107 4.24 63.08 22.00
C VAL B 107 3.59 62.27 20.87
N GLU B 108 2.24 62.18 20.85
CA GLU B 108 1.52 61.45 19.77
C GLU B 108 0.53 62.43 19.11
N ILE B 109 0.27 62.30 17.79
CA ILE B 109 -0.57 63.32 17.09
C ILE B 109 -0.86 62.90 15.64
N LYS B 110 -1.89 63.48 14.99
CA LYS B 110 -2.30 63.05 13.61
C LYS B 110 -2.63 64.26 12.72
N ARG B 111 -2.96 64.06 11.42
CA ARG B 111 -3.36 65.22 10.56
C ARG B 111 -4.08 64.86 9.24
N THR B 112 -3.37 64.80 8.10
CA THR B 112 -4.02 64.69 6.75
C THR B 112 -4.63 63.33 6.35
N VAL B 113 -5.05 63.20 5.08
CA VAL B 113 -5.74 61.99 4.60
C VAL B 113 -5.05 61.40 3.35
N GLY B 114 -4.90 60.05 3.28
CA GLY B 114 -4.73 59.23 2.07
C GLY B 114 -4.93 57.73 2.32
N ALA B 115 -5.88 57.04 1.62
CA ALA B 115 -6.43 55.71 1.96
C ALA B 115 -5.43 54.56 1.69
N PRO B 116 -5.50 53.46 2.46
CA PRO B 116 -4.55 52.35 2.28
C PRO B 116 -4.98 51.36 1.21
N SER B 117 -3.98 50.78 0.54
CA SER B 117 -4.18 49.60 -0.28
C SER B 117 -3.89 48.36 0.57
N VAL B 118 -4.89 47.53 0.79
CA VAL B 118 -4.77 46.39 1.68
C VAL B 118 -4.54 45.13 0.85
N PHE B 119 -3.57 44.32 1.27
CA PHE B 119 -3.31 43.02 0.68
C PHE B 119 -3.15 41.99 1.79
N ILE B 120 -3.52 40.75 1.50
CA ILE B 120 -3.37 39.66 2.46
C ILE B 120 -2.57 38.54 1.81
N PHE B 121 -1.64 37.97 2.58
CA PHE B 121 -0.73 36.93 2.15
C PHE B 121 -0.94 35.71 3.04
N PRO B 122 -1.35 34.58 2.48
CA PRO B 122 -1.38 33.32 3.24
C PRO B 122 0.03 32.83 3.53
N PRO B 123 0.21 32.00 4.57
CA PRO B 123 1.53 31.38 4.79
C PRO B 123 1.86 30.38 3.70
N SER B 124 3.15 30.30 3.39
CA SER B 124 3.64 29.40 2.36
C SER B 124 3.63 27.96 2.84
N ASP B 125 3.68 27.04 1.89
CA ASP B 125 3.72 25.62 2.21
C ASP B 125 5.07 25.19 2.76
N GLU B 126 6.14 25.94 2.45
CA GLU B 126 7.44 25.69 3.05
C GLU B 126 7.45 26.08 4.53
N GLN B 127 6.67 27.09 4.92
CA GLN B 127 6.60 27.49 6.31
C GLN B 127 5.75 26.52 7.13
N LEU B 128 4.71 25.95 6.51
CA LEU B 128 3.83 25.00 7.19
C LEU B 128 4.50 23.67 7.48
N LYS B 129 5.57 23.34 6.77
CA LYS B 129 6.37 22.17 7.12
C LYS B 129 7.19 22.39 8.38
N SER B 130 7.46 23.65 8.75
CA SER B 130 8.25 23.98 9.91
C SER B 130 7.41 24.11 11.18
N GLY B 131 6.09 24.00 11.09
CA GLY B 131 5.24 24.05 12.26
C GLY B 131 4.74 25.43 12.64
N THR B 132 4.99 26.44 11.81
CA THR B 132 4.60 27.82 12.10
C THR B 132 3.84 28.34 10.89
N ALA B 133 2.85 29.20 11.12
CA ALA B 133 2.13 29.85 10.04
C ALA B 133 2.07 31.35 10.33
N SER B 134 2.58 32.15 9.40
CA SER B 134 2.52 33.60 9.49
C SER B 134 1.63 34.12 8.38
N VAL B 135 0.59 34.86 8.75
CA VAL B 135 -0.34 35.46 7.79
C VAL B 135 -0.06 36.95 7.77
N VAL B 136 0.12 37.51 6.58
CA VAL B 136 0.67 38.87 6.44
C VAL B 136 -0.42 39.78 5.89
N CYS B 137 -0.68 40.89 6.58
CA CYS B 137 -1.57 41.93 6.07
C CYS B 137 -0.74 43.17 5.79
N LEU B 138 -0.80 43.66 4.56
CA LEU B 138 -0.05 44.82 4.11
C LEU B 138 -0.98 45.99 3.89
N LEU B 139 -0.62 47.14 4.47
CA LEU B 139 -1.30 48.41 4.26
C LEU B 139 -0.30 49.27 3.49
N ASN B 140 -0.66 49.65 2.27
CA ASN B 140 0.28 50.21 1.33
C ASN B 140 -0.09 51.64 0.95
N ASN B 141 0.91 52.53 1.05
CA ASN B 141 0.92 53.90 0.54
C ASN B 141 -0.22 54.74 1.11
N PHE B 142 -0.24 54.77 2.44
CA PHE B 142 -1.36 55.38 3.14
C PHE B 142 -0.87 56.53 3.97
N TYR B 143 -1.85 57.31 4.43
CA TYR B 143 -1.63 58.30 5.42
C TYR B 143 -3.02 58.66 5.98
N PRO B 144 -3.27 58.67 7.30
CA PRO B 144 -2.41 58.67 8.48
C PRO B 144 -1.80 57.34 8.80
N ARG B 145 -0.62 57.46 9.42
CA ARG B 145 0.05 56.39 10.14
C ARG B 145 -0.84 55.76 11.21
N GLU B 146 -1.70 56.55 11.84
CA GLU B 146 -2.75 56.06 12.72
C GLU B 146 -3.74 55.24 11.91
N ALA B 147 -3.52 53.93 11.86
CA ALA B 147 -4.48 53.00 11.30
C ALA B 147 -4.51 51.79 12.23
N LYS B 148 -5.64 51.09 12.22
CA LYS B 148 -5.86 49.98 13.14
C LYS B 148 -6.07 48.71 12.35
N VAL B 149 -5.35 47.65 12.73
CA VAL B 149 -5.40 46.36 12.07
C VAL B 149 -5.98 45.36 13.06
N GLN B 150 -7.03 44.66 12.65
CA GLN B 150 -7.65 43.64 13.47
C GLN B 150 -7.62 42.32 12.72
N TRP B 151 -7.29 41.25 13.44
CA TRP B 151 -7.23 39.92 12.87
C TRP B 151 -8.46 39.13 13.28
N LYS B 152 -9.09 38.47 12.31
CA LYS B 152 -10.26 37.64 12.57
C LYS B 152 -9.98 36.24 12.06
N VAL B 153 -9.95 35.27 12.97
CA VAL B 153 -9.71 33.88 12.64
C VAL B 153 -11.00 33.13 12.98
N ASP B 154 -11.73 32.73 11.93
CA ASP B 154 -13.10 32.20 11.99
C ASP B 154 -14.04 33.13 12.76
N ASN B 155 -13.99 34.42 12.40
CA ASN B 155 -14.73 35.56 12.96
C ASN B 155 -14.42 35.80 14.44
N ALA B 156 -13.32 35.29 14.97
CA ALA B 156 -12.90 35.55 16.34
C ALA B 156 -11.74 36.52 16.35
N LEU B 157 -11.86 37.58 17.13
CA LEU B 157 -10.85 38.64 17.14
C LEU B 157 -9.60 38.19 17.88
N GLN B 158 -8.46 38.26 17.20
CA GLN B 158 -7.20 37.81 17.78
C GLN B 158 -6.62 38.86 18.72
N SER B 159 -5.79 38.39 19.65
CA SER B 159 -5.12 39.26 20.60
C SER B 159 -3.82 38.61 21.04
N GLY B 160 -2.72 39.34 20.91
CA GLY B 160 -1.44 38.89 21.41
C GLY B 160 -0.62 38.03 20.47
N ASN B 161 -1.08 37.78 19.25
CA ASN B 161 -0.35 36.95 18.31
C ASN B 161 -0.09 37.67 16.99
N SER B 162 -0.07 38.99 17.01
CA SER B 162 0.19 39.78 15.82
C SER B 162 1.17 40.90 16.15
N GLN B 163 2.01 41.22 15.18
CA GLN B 163 3.01 42.28 15.34
C GLN B 163 3.05 43.15 14.10
N GLU B 164 3.20 44.46 14.29
CA GLU B 164 3.17 45.40 13.19
C GLU B 164 4.54 46.04 12.98
N SER B 165 4.85 46.30 11.72
CA SER B 165 6.02 47.05 11.31
C SER B 165 5.54 48.26 10.52
N VAL B 166 5.98 49.43 10.93
CA VAL B 166 5.61 50.71 10.32
C VAL B 166 6.87 51.33 9.74
N THR B 167 6.82 51.71 8.47
CA THR B 167 7.98 52.19 7.76
C THR B 167 8.29 53.65 8.11
N GLU B 168 9.37 54.16 7.53
CA GLU B 168 9.62 55.59 7.56
C GLU B 168 8.70 56.31 6.59
N GLN B 169 8.62 57.63 6.73
CA GLN B 169 7.94 58.43 5.73
C GLN B 169 8.77 58.47 4.45
N ASP B 170 8.08 58.25 3.33
CA ASP B 170 8.75 58.17 2.04
C ASP B 170 9.23 59.55 1.59
N SER B 171 10.35 59.57 0.88
CA SER B 171 10.96 60.82 0.47
C SER B 171 10.34 61.41 -0.80
N LYS B 172 9.38 60.72 -1.41
CA LYS B 172 8.77 61.21 -2.65
C LYS B 172 7.31 61.59 -2.47
N ASP B 173 6.46 60.67 -2.01
CA ASP B 173 5.04 60.95 -1.86
C ASP B 173 4.61 61.15 -0.41
N SER B 174 5.56 61.07 0.53
CA SER B 174 5.38 61.36 1.96
C SER B 174 4.34 60.47 2.63
N THR B 175 4.26 59.20 2.23
CA THR B 175 3.31 58.25 2.78
C THR B 175 4.01 57.23 3.68
N TYR B 176 3.20 56.40 4.33
CA TYR B 176 3.68 55.29 5.14
C TYR B 176 3.22 53.95 4.57
N SER B 177 3.91 52.91 5.02
CA SER B 177 3.56 51.52 4.76
C SER B 177 3.56 50.76 6.07
N LEU B 178 2.67 49.78 6.19
CA LEU B 178 2.54 48.98 7.41
C LEU B 178 2.40 47.53 7.02
N SER B 179 2.86 46.64 7.89
CA SER B 179 2.47 45.24 7.81
C SER B 179 2.16 44.70 9.20
N SER B 180 1.13 43.87 9.29
CA SER B 180 0.83 43.13 10.49
C SER B 180 0.99 41.65 10.20
N THR B 181 1.83 40.98 10.98
CA THR B 181 2.09 39.56 10.86
C THR B 181 1.36 38.86 12.00
N LEU B 182 0.43 37.98 11.64
CA LEU B 182 -0.26 37.13 12.60
C LEU B 182 0.48 35.79 12.67
N THR B 183 0.98 35.46 13.85
CA THR B 183 1.77 34.25 14.04
C THR B 183 0.93 33.22 14.77
N LEU B 184 0.74 32.06 14.14
CA LEU B 184 0.03 30.94 14.74
C LEU B 184 0.88 29.69 14.59
N SER B 185 0.54 28.67 15.36
CA SER B 185 1.13 27.36 15.11
C SER B 185 0.44 26.70 13.92
N LYS B 186 1.06 25.64 13.41
CA LYS B 186 0.50 24.89 12.29
C LYS B 186 -0.77 24.15 12.70
N ALA B 187 -0.81 23.64 13.93
CA ALA B 187 -2.02 23.00 14.46
C ALA B 187 -3.14 24.01 14.68
N ASP B 188 -2.79 25.23 15.11
CA ASP B 188 -3.80 26.27 15.22
C ASP B 188 -4.19 26.84 13.86
N TYR B 189 -3.30 26.71 12.86
CA TYR B 189 -3.64 27.20 11.53
C TYR B 189 -4.62 26.29 10.83
N GLU B 190 -4.44 24.98 10.94
CA GLU B 190 -5.23 24.01 10.18
C GLU B 190 -6.54 23.64 10.86
N LYS B 191 -6.79 24.13 12.08
CA LYS B 191 -8.07 23.95 12.74
C LYS B 191 -9.09 24.98 12.33
N HIS B 192 -8.69 26.01 11.59
CA HIS B 192 -9.57 27.11 11.25
C HIS B 192 -9.63 27.31 9.74
N LYS B 193 -10.68 27.98 9.29
CA LYS B 193 -10.90 28.19 7.87
C LYS B 193 -10.70 29.64 7.45
N VAL B 194 -11.44 30.58 8.02
CA VAL B 194 -11.49 31.95 7.51
C VAL B 194 -10.44 32.79 8.20
N TYR B 195 -9.62 33.49 7.42
CA TYR B 195 -8.58 34.38 7.94
C TYR B 195 -8.81 35.74 7.31
N ALA B 196 -9.12 36.73 8.14
CA ALA B 196 -9.52 38.05 7.69
C ALA B 196 -8.68 39.12 8.36
N CYS B 197 -8.31 40.14 7.58
CA CYS B 197 -7.63 41.33 8.07
C CYS B 197 -8.57 42.50 7.87
N GLU B 198 -8.92 43.18 8.96
CA GLU B 198 -9.82 44.32 8.94
C GLU B 198 -9.01 45.57 9.24
N VAL B 199 -9.08 46.54 8.34
CA VAL B 199 -8.27 47.75 8.38
C VAL B 199 -9.19 48.94 8.57
N THR B 200 -8.97 49.68 9.65
CA THR B 200 -9.71 50.89 9.98
C THR B 200 -8.76 52.06 9.85
N HIS B 201 -9.20 53.09 9.14
CA HIS B 201 -8.36 54.19 8.72
C HIS B 201 -9.27 55.37 8.48
N GLN B 202 -8.74 56.59 8.61
CA GLN B 202 -9.62 57.74 8.56
C GLN B 202 -10.01 58.12 7.15
N GLY B 203 -9.21 57.76 6.16
CA GLY B 203 -9.65 57.95 4.79
C GLY B 203 -10.64 56.92 4.32
N LEU B 204 -10.84 55.86 5.08
CA LEU B 204 -11.87 54.87 4.80
C LEU B 204 -13.12 55.17 5.61
N SER B 205 -14.25 55.28 4.93
CA SER B 205 -15.52 55.53 5.61
C SER B 205 -16.02 54.30 6.36
N SER B 206 -15.65 53.11 5.91
CA SER B 206 -15.94 51.86 6.57
C SER B 206 -14.64 51.08 6.67
N PRO B 207 -14.47 50.24 7.70
CA PRO B 207 -13.27 49.39 7.78
C PRO B 207 -13.28 48.32 6.70
N VAL B 208 -12.23 48.31 5.89
CA VAL B 208 -12.17 47.41 4.74
C VAL B 208 -11.64 46.08 5.24
N THR B 209 -12.10 44.98 4.66
CA THR B 209 -11.69 43.65 5.10
C THR B 209 -11.22 42.85 3.91
N LYS B 210 -10.00 42.32 4.00
CA LYS B 210 -9.49 41.36 3.02
C LYS B 210 -9.28 40.02 3.69
N SER B 211 -9.81 38.97 3.08
CA SER B 211 -9.87 37.67 3.72
C SER B 211 -9.55 36.59 2.70
N PHE B 212 -9.19 35.42 3.23
CA PHE B 212 -9.11 34.20 2.44
C PHE B 212 -9.59 33.07 3.32
N ASN B 213 -9.87 31.93 2.70
CA ASN B 213 -10.07 30.69 3.43
C ASN B 213 -8.93 29.74 3.11
N ARG B 214 -8.66 28.82 4.02
CA ARG B 214 -7.45 28.01 3.95
C ARG B 214 -7.61 26.88 2.93
N GLY B 215 -6.71 26.86 1.93
CA GLY B 215 -6.61 25.76 1.00
C GLY B 215 -7.45 25.85 -0.25
N GLU B 216 -8.29 26.88 -0.40
CA GLU B 216 -9.21 26.98 -1.52
C GLU B 216 -8.73 27.90 -2.62
N CYS B 217 -7.51 28.42 -2.53
CA CYS B 217 -7.11 29.50 -3.42
C CYS B 217 -5.92 29.16 -4.30
N LYS C 1 -11.52 -8.98 66.75
CA LYS C 1 -10.95 -7.75 66.21
C LYS C 1 -11.48 -7.50 64.78
N PRO C 2 -11.59 -6.23 64.38
CA PRO C 2 -12.01 -5.96 62.99
C PRO C 2 -10.84 -6.12 62.03
N LYS C 3 -10.93 -7.11 61.15
CA LYS C 3 -9.91 -7.24 60.13
C LYS C 3 -10.20 -6.25 59.00
N VAL C 4 -9.17 -5.97 58.20
CA VAL C 4 -9.23 -4.98 57.14
C VAL C 4 -9.24 -5.65 55.77
N SER C 5 -10.25 -5.32 54.97
CA SER C 5 -10.48 -5.86 53.64
C SER C 5 -10.23 -4.79 52.59
N LEU C 6 -9.80 -5.22 51.42
CA LEU C 6 -9.43 -4.38 50.30
C LEU C 6 -10.33 -4.69 49.12
N ASN C 7 -10.91 -3.67 48.50
CA ASN C 7 -11.62 -3.92 47.26
C ASN C 7 -11.05 -2.89 46.29
N PRO C 8 -10.31 -3.31 45.21
CA PRO C 8 -9.88 -4.69 44.85
C PRO C 8 -8.80 -5.26 45.83
N PRO C 9 -8.52 -6.56 45.94
CA PRO C 9 -7.62 -7.08 47.02
C PRO C 9 -6.18 -6.57 46.98
N TRP C 10 -5.77 -6.10 45.82
CA TRP C 10 -4.40 -5.77 45.47
C TRP C 10 -3.91 -4.54 46.21
N ASN C 11 -2.87 -4.75 47.03
CA ASN C 11 -2.13 -3.78 47.82
C ASN C 11 -1.09 -3.01 47.01
N ARG C 12 -1.02 -3.27 45.71
CA ARG C 12 -0.15 -2.57 44.80
C ARG C 12 -1.03 -2.08 43.68
N ILE C 13 -1.13 -0.77 43.53
CA ILE C 13 -1.94 -0.15 42.49
C ILE C 13 -1.06 0.75 41.65
N PHE C 14 -1.66 1.33 40.63
CA PHE C 14 -1.00 2.31 39.79
C PHE C 14 -1.33 3.68 40.35
N LYS C 15 -0.56 4.68 39.90
CA LYS C 15 -0.88 6.06 40.22
C LYS C 15 -2.22 6.40 39.62
N GLY C 16 -2.98 7.26 40.28
CA GLY C 16 -4.21 7.63 39.63
C GLY C 16 -5.39 6.71 39.77
N GLU C 17 -5.21 5.46 40.23
CA GLU C 17 -6.19 4.40 40.46
C GLU C 17 -7.02 4.55 41.76
N ASN C 18 -8.20 3.91 41.80
CA ASN C 18 -9.04 3.89 43.00
C ASN C 18 -8.81 2.58 43.73
N VAL C 19 -9.42 2.48 44.93
CA VAL C 19 -9.44 1.33 45.85
C VAL C 19 -10.30 1.75 47.05
N THR C 20 -10.94 0.82 47.74
CA THR C 20 -11.85 1.15 48.84
C THR C 20 -11.50 0.19 49.97
N LEU C 21 -11.05 0.75 51.07
CA LEU C 21 -10.65 -0.01 52.24
C LEU C 21 -11.88 -0.14 53.16
N THR C 22 -12.30 -1.37 53.37
CA THR C 22 -13.43 -1.74 54.20
C THR C 22 -12.87 -2.48 55.43
N CYS C 23 -13.53 -2.41 56.58
CA CYS C 23 -12.94 -2.91 57.83
C CYS C 23 -14.06 -3.32 58.76
N ASN C 24 -14.06 -4.61 59.07
CA ASN C 24 -15.18 -5.29 59.70
C ASN C 24 -14.64 -6.49 60.48
N GLY C 25 -15.37 -6.85 61.52
CA GLY C 25 -15.05 -8.03 62.29
C GLY C 25 -16.29 -8.77 62.73
N ASN C 26 -16.21 -9.48 63.85
CA ASN C 26 -17.41 -10.03 64.46
C ASN C 26 -18.28 -8.93 65.06
N ASN C 27 -19.60 -9.15 65.03
CA ASN C 27 -20.56 -8.17 65.54
C ASN C 27 -20.90 -8.44 67.00
N PHE C 28 -19.86 -8.55 67.83
CA PHE C 28 -20.04 -8.57 69.27
C PHE C 28 -20.51 -7.22 69.77
N PHE C 29 -19.95 -6.15 69.23
CA PHE C 29 -20.48 -4.81 69.44
C PHE C 29 -20.97 -4.30 68.10
N GLU C 30 -22.04 -3.51 68.14
CA GLU C 30 -22.75 -3.09 66.92
C GLU C 30 -21.92 -2.10 66.11
N VAL C 31 -22.09 -2.17 64.80
CA VAL C 31 -21.34 -1.32 63.88
C VAL C 31 -21.98 0.06 63.90
N SER C 32 -21.28 1.02 64.47
CA SER C 32 -21.73 2.41 64.51
C SER C 32 -20.74 3.35 63.84
N SER C 33 -19.46 3.21 64.15
CA SER C 33 -18.44 4.08 63.60
C SER C 33 -17.11 3.35 63.60
N THR C 34 -16.19 3.82 62.76
CA THR C 34 -14.88 3.20 62.58
C THR C 34 -13.86 4.33 62.62
N LYS C 35 -12.61 3.99 62.90
CA LYS C 35 -11.50 4.93 62.92
C LYS C 35 -10.50 4.48 61.86
N TRP C 36 -9.86 5.43 61.19
CA TRP C 36 -8.91 5.08 60.16
C TRP C 36 -7.53 5.64 60.52
N PHE C 37 -6.46 4.94 60.11
CA PHE C 37 -5.06 5.24 60.47
C PHE C 37 -4.10 5.22 59.27
N HIS C 38 -4.03 6.33 58.52
CA HIS C 38 -3.05 6.41 57.42
C HIS C 38 -1.73 6.68 58.12
N ASN C 39 -0.79 5.73 58.04
CA ASN C 39 0.53 5.81 58.68
C ASN C 39 0.61 5.84 60.22
N GLY C 40 -0.51 6.04 60.90
CA GLY C 40 -0.61 6.22 62.32
C GLY C 40 -1.54 7.40 62.58
N SER C 41 -1.58 8.37 61.66
CA SER C 41 -2.48 9.51 61.83
C SER C 41 -3.93 9.11 61.62
N LEU C 42 -4.81 9.65 62.47
CA LEU C 42 -6.24 9.42 62.34
C LEU C 42 -6.82 10.13 61.13
N SER C 43 -7.50 9.38 60.27
CA SER C 43 -8.18 9.97 59.12
C SER C 43 -9.57 10.46 59.52
N GLU C 44 -10.01 11.48 58.82
CA GLU C 44 -11.31 12.11 59.05
C GLU C 44 -12.51 11.37 58.43
N GLU C 45 -12.53 10.05 58.37
CA GLU C 45 -13.68 9.33 57.83
C GLU C 45 -14.20 8.45 58.95
N THR C 46 -15.50 8.55 59.25
CA THR C 46 -15.96 7.69 60.34
C THR C 46 -16.64 6.38 59.93
N ASN C 47 -17.60 6.36 58.99
CA ASN C 47 -18.39 5.26 58.40
C ASN C 47 -17.42 4.11 58.03
N SER C 48 -17.85 2.83 58.06
CA SER C 48 -16.94 1.68 57.89
C SER C 48 -16.21 1.51 56.55
N SER C 49 -16.64 2.09 55.44
CA SER C 49 -15.82 1.97 54.24
C SER C 49 -15.21 3.30 53.85
N LEU C 50 -13.88 3.30 53.71
CA LEU C 50 -13.09 4.46 53.29
C LEU C 50 -12.74 4.31 51.82
N ASN C 51 -13.05 5.31 51.04
CA ASN C 51 -12.76 5.26 49.61
C ASN C 51 -11.41 5.94 49.49
N ILE C 52 -10.58 5.44 48.59
CA ILE C 52 -9.28 6.05 48.31
C ILE C 52 -9.27 6.19 46.79
N VAL C 53 -9.56 7.37 46.40
CA VAL C 53 -9.63 7.93 45.07
C VAL C 53 -8.34 8.63 44.67
N ASN C 54 -7.99 8.55 43.37
CA ASN C 54 -6.82 9.09 42.67
C ASN C 54 -5.49 9.11 43.42
N ALA C 55 -4.78 7.97 43.39
CA ALA C 55 -3.56 7.81 44.17
C ALA C 55 -2.45 8.78 43.76
N LYS C 56 -1.80 9.34 44.76
CA LYS C 56 -0.57 10.11 44.73
C LYS C 56 0.52 9.29 45.39
N PHE C 57 1.78 9.75 45.31
CA PHE C 57 2.89 9.02 45.91
C PHE C 57 2.76 8.95 47.43
N GLU C 58 2.21 9.99 48.04
CA GLU C 58 2.05 10.09 49.49
C GLU C 58 0.94 9.18 50.02
N ASP C 59 0.09 8.64 49.15
CA ASP C 59 -0.93 7.63 49.47
C ASP C 59 -0.30 6.23 49.80
N SER C 60 1.03 6.08 49.70
CA SER C 60 1.77 4.90 50.09
C SER C 60 1.77 4.72 51.60
N GLY C 61 2.26 3.58 52.05
CA GLY C 61 2.51 3.46 53.47
C GLY C 61 1.49 2.58 54.19
N GLU C 62 1.84 2.38 55.43
CA GLU C 62 1.11 1.59 56.41
C GLU C 62 -0.31 2.15 56.61
N TYR C 63 -1.31 1.27 56.55
CA TYR C 63 -2.72 1.54 56.77
C TYR C 63 -3.20 0.67 57.94
N LYS C 64 -4.22 1.20 58.62
CA LYS C 64 -4.89 0.53 59.74
C LYS C 64 -6.24 1.15 60.07
N CYS C 65 -7.10 0.33 60.66
CA CYS C 65 -8.48 0.61 61.01
C CYS C 65 -8.67 0.24 62.47
N GLN C 66 -9.83 0.65 63.03
CA GLN C 66 -10.19 0.37 64.42
C GLN C 66 -11.69 0.58 64.53
N HIS C 67 -12.35 -0.08 65.49
CA HIS C 67 -13.75 0.15 65.81
C HIS C 67 -13.80 0.64 67.27
N GLN C 68 -14.95 0.64 67.89
CA GLN C 68 -15.06 0.87 69.33
C GLN C 68 -14.52 -0.34 70.22
N GLN C 69 -13.78 -1.31 69.71
CA GLN C 69 -13.11 -2.34 70.50
C GLN C 69 -11.84 -1.77 71.12
N VAL C 70 -11.11 -2.61 71.86
CA VAL C 70 -9.97 -2.12 72.62
C VAL C 70 -8.66 -2.18 71.82
N ASN C 71 -8.32 -3.31 71.20
CA ASN C 71 -7.06 -3.37 70.48
C ASN C 71 -7.35 -3.24 68.97
N GLU C 72 -6.30 -3.06 68.19
CA GLU C 72 -6.41 -2.53 66.83
C GLU C 72 -6.22 -3.63 65.79
N SER C 73 -6.06 -3.23 64.53
CA SER C 73 -6.02 -4.15 63.41
C SER C 73 -4.60 -4.24 62.86
N GLU C 74 -4.43 -5.02 61.79
CA GLU C 74 -3.07 -5.35 61.43
C GLU C 74 -2.48 -4.28 60.51
N PRO C 75 -1.13 -4.28 60.25
CA PRO C 75 -0.56 -3.08 59.57
C PRO C 75 -0.59 -3.48 58.10
N VAL C 76 -1.72 -3.28 57.41
CA VAL C 76 -1.66 -3.51 55.96
C VAL C 76 -0.86 -2.40 55.28
N TYR C 77 -0.09 -2.77 54.28
CA TYR C 77 0.82 -1.85 53.61
C TYR C 77 0.38 -1.60 52.18
N LEU C 78 0.49 -0.35 51.73
CA LEU C 78 0.02 -0.02 50.38
C LEU C 78 1.18 0.65 49.67
N GLU C 79 1.80 -0.05 48.73
CA GLU C 79 2.80 0.61 47.91
C GLU C 79 2.10 1.15 46.68
N VAL C 80 2.42 2.38 46.29
CA VAL C 80 1.90 2.99 45.07
C VAL C 80 3.02 3.31 44.08
N PHE C 81 2.88 2.81 42.86
CA PHE C 81 3.88 3.03 41.85
C PHE C 81 3.28 3.73 40.65
N SER C 82 4.13 4.46 39.94
CA SER C 82 3.90 4.91 38.59
C SER C 82 5.02 4.28 37.80
N ASP C 83 4.67 3.56 36.74
CA ASP C 83 5.57 2.76 35.91
C ASP C 83 4.71 2.26 34.77
N TRP C 84 5.26 1.37 33.94
CA TRP C 84 4.60 0.78 32.80
C TRP C 84 3.91 -0.53 33.11
N LEU C 85 4.60 -1.45 33.77
CA LEU C 85 4.01 -2.74 34.10
C LEU C 85 4.10 -3.03 35.59
N LEU C 86 2.96 -3.24 36.25
CA LEU C 86 2.96 -3.69 37.63
C LEU C 86 2.38 -5.09 37.65
N LEU C 87 3.18 -6.05 38.08
CA LEU C 87 2.72 -7.42 38.26
C LEU C 87 1.91 -7.42 39.55
N GLN C 88 0.60 -7.24 39.45
CA GLN C 88 -0.18 -7.31 40.68
C GLN C 88 -0.34 -8.76 41.12
N ALA C 89 -0.54 -8.91 42.44
CA ALA C 89 -0.72 -10.17 43.13
C ALA C 89 -1.73 -10.06 44.27
N SER C 90 -2.47 -11.15 44.44
CA SER C 90 -3.49 -11.35 45.46
C SER C 90 -3.04 -11.13 46.91
N ALA C 91 -2.14 -11.96 47.44
CA ALA C 91 -1.62 -11.80 48.81
C ALA C 91 -0.11 -11.91 48.92
N GLU C 92 0.46 -11.16 49.88
CA GLU C 92 1.92 -11.11 50.05
C GLU C 92 2.43 -12.29 50.90
N VAL C 93 1.57 -12.83 51.77
CA VAL C 93 1.82 -14.06 52.52
C VAL C 93 0.55 -14.89 52.39
N VAL C 94 0.69 -16.15 52.04
CA VAL C 94 -0.51 -16.96 51.92
C VAL C 94 -0.30 -18.22 52.73
N MET C 95 -1.42 -18.86 53.09
CA MET C 95 -1.44 -20.15 53.74
C MET C 95 -1.96 -21.12 52.71
N GLU C 96 -1.27 -22.28 52.54
CA GLU C 96 -1.52 -23.39 51.59
C GLU C 96 -2.97 -23.61 51.17
N GLY C 97 -3.21 -23.93 49.90
CA GLY C 97 -4.57 -24.24 49.50
C GLY C 97 -5.49 -23.05 49.29
N GLN C 98 -5.09 -21.84 49.65
CA GLN C 98 -5.89 -20.66 49.35
C GLN C 98 -5.68 -20.24 47.89
N PRO C 99 -6.67 -19.58 47.29
CA PRO C 99 -6.53 -19.09 45.89
C PRO C 99 -5.51 -17.96 45.73
N LEU C 100 -4.74 -18.03 44.64
CA LEU C 100 -3.79 -16.99 44.30
C LEU C 100 -3.98 -16.62 42.84
N PHE C 101 -4.25 -15.34 42.59
CA PHE C 101 -4.38 -14.83 41.24
C PHE C 101 -3.24 -13.86 40.98
N LEU C 102 -2.56 -14.04 39.87
CA LEU C 102 -1.53 -13.12 39.42
C LEU C 102 -1.95 -12.50 38.10
N ARG C 103 -1.52 -11.26 37.90
CA ARG C 103 -1.94 -10.31 36.86
C ARG C 103 -0.86 -9.31 36.54
N CYS C 104 -0.31 -9.36 35.33
CA CYS C 104 0.71 -8.41 34.94
C CYS C 104 -0.08 -7.25 34.34
N HIS C 105 -0.29 -6.22 35.12
CA HIS C 105 -1.22 -5.17 34.77
C HIS C 105 -0.51 -3.98 34.15
N GLY C 106 -1.13 -3.38 33.14
CA GLY C 106 -0.54 -2.26 32.43
C GLY C 106 -1.39 -1.02 32.65
N TRP C 107 -0.71 0.12 32.70
CA TRP C 107 -1.21 1.50 32.90
C TRP C 107 -2.46 1.90 32.16
N ARG C 108 -3.56 2.17 32.89
CA ARG C 108 -4.82 2.74 32.37
C ARG C 108 -5.49 1.82 31.35
N ASN C 109 -5.69 0.55 31.75
CA ASN C 109 -6.39 -0.51 31.02
C ASN C 109 -5.69 -0.96 29.72
N TRP C 110 -4.47 -0.48 29.46
CA TRP C 110 -3.69 -0.78 28.27
C TRP C 110 -3.34 -2.26 28.21
N ASP C 111 -3.22 -2.76 26.99
CA ASP C 111 -3.02 -4.19 26.77
C ASP C 111 -1.56 -4.56 26.52
N VAL C 112 -1.10 -5.39 27.41
CA VAL C 112 0.23 -5.98 27.44
C VAL C 112 0.20 -7.33 26.71
N TYR C 113 1.07 -7.44 25.73
CA TYR C 113 1.16 -8.62 24.89
C TYR C 113 2.42 -9.35 25.28
N LYS C 114 2.59 -10.54 24.67
CA LYS C 114 3.73 -11.47 24.85
C LYS C 114 4.16 -11.60 26.32
N VAL C 115 3.19 -11.85 27.19
CA VAL C 115 3.41 -11.80 28.63
C VAL C 115 4.09 -13.07 29.12
N ILE C 116 5.19 -12.90 29.87
CA ILE C 116 5.95 -14.01 30.44
C ILE C 116 6.13 -13.77 31.93
N TYR C 117 5.75 -14.75 32.75
CA TYR C 117 6.01 -14.71 34.17
C TYR C 117 7.31 -15.41 34.55
N TYR C 118 8.01 -14.83 35.51
CA TYR C 118 9.22 -15.42 36.08
C TYR C 118 9.03 -15.65 37.57
N LYS C 119 9.33 -16.86 38.01
CA LYS C 119 9.37 -17.23 39.42
C LYS C 119 10.80 -17.66 39.68
N ASP C 120 11.53 -16.82 40.45
CA ASP C 120 12.90 -17.03 40.90
C ASP C 120 13.92 -17.02 39.77
N GLY C 121 13.57 -16.49 38.61
CA GLY C 121 14.44 -16.40 37.46
C GLY C 121 13.96 -17.22 36.29
N GLU C 122 13.33 -18.36 36.56
CA GLU C 122 12.90 -19.23 35.49
C GLU C 122 11.50 -18.82 35.03
N ALA C 123 11.22 -19.14 33.79
CA ALA C 123 9.95 -18.84 33.13
C ALA C 123 8.80 -19.76 33.54
N LEU C 124 7.93 -19.24 34.42
CA LEU C 124 6.82 -20.02 34.96
C LEU C 124 5.74 -20.30 33.92
N LYS C 125 5.24 -19.27 33.24
CA LYS C 125 4.30 -19.44 32.15
C LYS C 125 4.41 -18.25 31.21
N TYR C 126 4.16 -18.50 29.93
CA TYR C 126 4.10 -17.49 28.88
C TYR C 126 2.76 -17.64 28.18
N TRP C 127 2.15 -16.51 27.86
CA TRP C 127 0.96 -16.52 27.04
C TRP C 127 1.04 -15.32 26.11
N TYR C 128 0.35 -15.46 24.97
CA TYR C 128 0.35 -14.49 23.88
C TYR C 128 -0.15 -13.15 24.37
N GLU C 129 -1.27 -13.19 25.02
CA GLU C 129 -1.90 -12.05 25.62
C GLU C 129 -1.59 -12.13 27.08
N ASN C 130 -2.19 -11.21 27.81
CA ASN C 130 -2.03 -11.10 29.23
C ASN C 130 -2.79 -12.28 29.86
N HIS C 131 -2.32 -12.75 31.00
CA HIS C 131 -3.03 -13.90 31.55
C HIS C 131 -3.08 -13.81 33.06
N ASN C 132 -4.06 -14.52 33.59
CA ASN C 132 -4.34 -14.57 35.02
C ASN C 132 -3.76 -15.91 35.39
N ILE C 133 -2.57 -15.94 35.99
CA ILE C 133 -2.21 -17.20 36.64
C ILE C 133 -3.11 -17.32 37.85
N SER C 134 -3.58 -18.52 38.09
CA SER C 134 -4.44 -18.82 39.21
C SER C 134 -4.00 -20.19 39.69
N ILE C 135 -3.45 -20.18 40.87
CA ILE C 135 -3.01 -21.38 41.53
C ILE C 135 -3.93 -21.41 42.73
N THR C 136 -4.75 -22.45 42.78
CA THR C 136 -5.69 -22.67 43.85
C THR C 136 -5.01 -23.18 45.10
N ASN C 137 -3.79 -23.66 44.97
CA ASN C 137 -3.04 -24.18 46.09
C ASN C 137 -1.80 -23.29 46.22
N ALA C 138 -0.96 -23.57 47.20
CA ALA C 138 0.20 -22.74 47.45
C ALA C 138 1.25 -23.61 48.11
N THR C 139 2.18 -24.16 47.34
CA THR C 139 3.17 -25.05 47.95
C THR C 139 4.24 -24.24 48.66
N VAL C 140 5.06 -24.91 49.48
CA VAL C 140 6.10 -24.19 50.21
C VAL C 140 7.26 -23.86 49.30
N GLU C 141 7.38 -24.57 48.18
CA GLU C 141 8.36 -24.22 47.16
C GLU C 141 7.85 -23.12 46.22
N ASP C 142 6.59 -22.67 46.39
CA ASP C 142 6.06 -21.67 45.50
C ASP C 142 6.62 -20.30 45.82
N SER C 143 7.09 -20.13 47.06
CA SER C 143 7.79 -18.96 47.58
C SER C 143 8.87 -18.52 46.62
N GLY C 144 8.75 -17.30 46.10
CA GLY C 144 9.81 -16.82 45.25
C GLY C 144 9.68 -15.34 44.99
N THR C 145 10.73 -14.80 44.40
CA THR C 145 10.68 -13.44 43.90
C THR C 145 10.25 -13.52 42.44
N TYR C 146 9.10 -12.93 42.17
CA TYR C 146 8.45 -12.99 40.88
C TYR C 146 8.70 -11.68 40.16
N TYR C 147 8.59 -11.74 38.82
CA TYR C 147 8.53 -10.57 37.93
C TYR C 147 8.08 -10.97 36.56
N CYS C 148 7.55 -10.01 35.81
CA CYS C 148 6.98 -10.29 34.50
C CYS C 148 7.49 -9.38 33.40
N THR C 149 7.83 -9.98 32.26
CA THR C 149 8.25 -9.18 31.11
C THR C 149 7.06 -9.13 30.16
N GLY C 150 6.78 -7.94 29.62
CA GLY C 150 5.67 -7.75 28.72
C GLY C 150 5.99 -6.79 27.58
N LYS C 151 5.00 -6.64 26.70
CA LYS C 151 5.12 -5.79 25.53
C LYS C 151 3.86 -4.93 25.47
N VAL C 152 4.03 -3.64 25.71
CA VAL C 152 2.95 -2.66 25.74
C VAL C 152 3.24 -1.65 24.65
N TRP C 153 2.31 -1.51 23.69
CA TRP C 153 2.42 -0.59 22.54
C TRP C 153 3.67 -0.81 21.71
N GLN C 154 4.02 -2.08 21.53
CA GLN C 154 5.12 -2.75 20.81
C GLN C 154 6.41 -2.73 21.62
N LEU C 155 6.48 -2.06 22.78
CA LEU C 155 7.78 -1.98 23.46
C LEU C 155 7.82 -2.86 24.70
N ASP C 156 9.04 -3.26 25.06
CA ASP C 156 9.27 -4.21 26.14
C ASP C 156 9.39 -3.48 27.46
N TYR C 157 8.78 -4.06 28.49
CA TYR C 157 8.79 -3.49 29.83
C TYR C 157 8.86 -4.63 30.82
N GLU C 158 9.80 -4.55 31.76
CA GLU C 158 9.85 -5.48 32.87
C GLU C 158 9.29 -4.88 34.15
N SER C 159 8.49 -5.67 34.87
CA SER C 159 7.91 -5.20 36.12
C SER C 159 8.95 -5.28 37.23
N GLU C 160 8.75 -4.48 38.27
CA GLU C 160 9.58 -4.59 39.45
C GLU C 160 9.31 -5.91 40.18
N PRO C 161 10.34 -6.59 40.68
CA PRO C 161 10.13 -7.90 41.31
C PRO C 161 9.44 -7.79 42.65
N LEU C 162 8.74 -8.85 43.01
CA LEU C 162 8.04 -8.94 44.27
C LEU C 162 8.21 -10.33 44.85
N ASN C 163 8.82 -10.39 46.03
CA ASN C 163 9.05 -11.64 46.73
C ASN C 163 7.84 -12.03 47.55
N ILE C 164 7.42 -13.29 47.47
CA ILE C 164 6.25 -13.81 48.20
C ILE C 164 6.65 -15.15 48.80
N THR C 165 6.20 -15.44 50.03
CA THR C 165 6.61 -16.65 50.72
C THR C 165 5.46 -17.24 51.55
N VAL C 166 5.18 -18.53 51.25
CA VAL C 166 4.18 -19.30 51.95
C VAL C 166 4.86 -19.91 53.18
N ILE C 167 4.08 -20.26 54.19
CA ILE C 167 4.59 -20.88 55.40
C ILE C 167 3.62 -22.03 55.67
N LYS C 168 3.94 -22.91 56.61
CA LYS C 168 3.03 -23.99 56.96
C LYS C 168 1.93 -23.54 57.91
N ALA C 169 0.70 -23.84 57.51
CA ALA C 169 -0.52 -23.41 58.18
C ALA C 169 -0.78 -24.17 59.48
N PRO C 170 -0.42 -25.46 59.64
CA PRO C 170 -0.17 -25.93 61.01
C PRO C 170 1.04 -25.24 61.61
N ARG C 171 0.83 -24.64 62.79
CA ARG C 171 1.78 -23.81 63.55
C ARG C 171 2.37 -22.65 62.75
N GLN D 1 -58.41 -43.94 -46.89
CA GLN D 1 -58.42 -45.25 -46.24
C GLN D 1 -57.14 -45.46 -45.45
N SER D 2 -57.21 -45.19 -44.15
CA SER D 2 -56.06 -45.28 -43.27
C SER D 2 -56.53 -45.59 -41.86
N LEU D 3 -55.56 -45.91 -41.01
CA LEU D 3 -55.80 -46.21 -39.61
C LEU D 3 -54.81 -45.40 -38.79
N GLU D 4 -55.21 -45.02 -37.58
CA GLU D 4 -54.29 -44.31 -36.70
C GLU D 4 -54.54 -44.71 -35.26
N GLU D 5 -53.48 -44.70 -34.46
CA GLU D 5 -53.54 -45.10 -33.06
C GLU D 5 -53.34 -43.90 -32.15
N SER D 6 -53.98 -43.94 -30.99
CA SER D 6 -53.89 -42.85 -30.04
C SER D 6 -54.03 -43.41 -28.62
N GLY D 7 -53.53 -42.64 -27.65
CA GLY D 7 -53.64 -42.99 -26.25
C GLY D 7 -52.37 -43.55 -25.63
N GLY D 8 -51.32 -43.77 -26.42
CA GLY D 8 -50.08 -44.28 -25.87
C GLY D 8 -49.31 -43.20 -25.13
N ARG D 9 -48.93 -43.50 -23.90
CA ARG D 9 -48.30 -42.51 -23.02
C ARG D 9 -47.50 -43.26 -21.96
N LEU D 10 -46.98 -42.51 -20.99
CA LEU D 10 -46.24 -43.09 -19.88
C LEU D 10 -47.18 -43.26 -18.69
N VAL D 11 -47.30 -44.49 -18.19
CA VAL D 11 -48.03 -44.77 -16.96
C VAL D 11 -47.19 -45.66 -16.07
N THR D 12 -47.62 -45.75 -14.81
CA THR D 12 -46.98 -46.59 -13.81
C THR D 12 -47.31 -48.06 -14.07
N PRO D 13 -46.54 -49.00 -13.50
CA PRO D 13 -46.98 -50.39 -13.46
C PRO D 13 -48.27 -50.58 -12.68
N GLY D 14 -49.15 -51.44 -13.22
CA GLY D 14 -50.45 -51.66 -12.65
C GLY D 14 -51.53 -50.73 -13.12
N THR D 15 -51.18 -49.68 -13.86
CA THR D 15 -52.17 -48.72 -14.33
C THR D 15 -52.89 -49.30 -15.55
N PRO D 16 -54.22 -49.30 -15.56
CA PRO D 16 -54.95 -49.67 -16.78
C PRO D 16 -54.78 -48.60 -17.85
N LEU D 17 -54.86 -49.03 -19.11
CA LEU D 17 -54.63 -48.11 -20.22
C LEU D 17 -55.58 -48.46 -21.34
N THR D 18 -56.00 -47.46 -22.11
CA THR D 18 -56.90 -47.66 -23.25
C THR D 18 -56.33 -46.95 -24.47
N LEU D 19 -56.11 -47.70 -25.54
CA LEU D 19 -55.73 -47.16 -26.84
C LEU D 19 -56.94 -47.11 -27.76
N THR D 20 -56.90 -46.17 -28.70
CA THR D 20 -57.98 -45.99 -29.66
C THR D 20 -57.41 -46.05 -31.06
N CYS D 21 -57.93 -46.97 -31.86
CA CYS D 21 -57.64 -47.03 -33.29
C CYS D 21 -58.79 -46.34 -34.01
N THR D 22 -58.51 -45.18 -34.59
CA THR D 22 -59.47 -44.46 -35.39
C THR D 22 -59.24 -44.84 -36.85
N VAL D 23 -60.28 -45.29 -37.52
CA VAL D 23 -60.19 -45.70 -38.91
C VAL D 23 -60.84 -44.65 -39.79
N SER D 24 -60.46 -44.63 -41.06
CA SER D 24 -61.05 -43.69 -42.02
C SER D 24 -61.05 -44.33 -43.40
N GLY D 25 -62.18 -44.25 -44.09
CA GLY D 25 -62.25 -44.74 -45.45
C GLY D 25 -63.04 -46.02 -45.62
N PHE D 26 -62.89 -46.95 -44.69
CA PHE D 26 -63.60 -48.22 -44.76
C PHE D 26 -64.57 -48.33 -43.59
N SER D 27 -65.34 -49.41 -43.61
CA SER D 27 -66.36 -49.68 -42.60
C SER D 27 -65.91 -50.83 -41.71
N LEU D 28 -66.26 -50.75 -40.43
CA LEU D 28 -65.98 -51.81 -39.48
C LEU D 28 -67.02 -52.92 -39.50
N SER D 29 -68.12 -52.72 -40.24
CA SER D 29 -69.09 -53.79 -40.49
C SER D 29 -68.68 -54.68 -41.65
N THR D 30 -67.61 -54.34 -42.36
CA THR D 30 -67.02 -55.17 -43.41
C THR D 30 -65.67 -55.74 -43.01
N TYR D 31 -64.86 -54.97 -42.31
CA TYR D 31 -63.49 -55.34 -42.02
C TYR D 31 -63.29 -55.56 -40.52
N ASN D 32 -62.37 -56.48 -40.21
CA ASN D 32 -61.95 -56.78 -38.86
C ASN D 32 -60.84 -55.84 -38.44
N ILE D 33 -60.51 -55.85 -37.14
CA ILE D 33 -59.43 -55.02 -36.63
C ILE D 33 -58.46 -55.91 -35.87
N HIS D 34 -57.21 -55.95 -36.32
CA HIS D 34 -56.13 -56.63 -35.63
C HIS D 34 -55.34 -55.66 -34.76
N TRP D 35 -54.83 -56.18 -33.65
CA TRP D 35 -53.89 -55.49 -32.78
C TRP D 35 -52.61 -56.29 -32.69
N VAL D 36 -51.49 -55.61 -32.97
CA VAL D 36 -50.14 -56.16 -32.99
C VAL D 36 -49.28 -55.21 -32.15
N ARG D 37 -48.37 -55.75 -31.32
CA ARG D 37 -47.43 -54.87 -30.65
C ARG D 37 -45.99 -55.23 -30.99
N GLN D 38 -45.08 -54.32 -30.62
CA GLN D 38 -43.65 -54.49 -30.91
C GLN D 38 -42.86 -53.70 -29.88
N ALA D 39 -42.14 -54.40 -29.00
CA ALA D 39 -41.22 -53.74 -28.08
C ALA D 39 -40.03 -53.18 -28.84
N PRO D 40 -39.35 -52.15 -28.30
CA PRO D 40 -38.13 -51.63 -28.97
C PRO D 40 -36.99 -52.62 -29.01
N GLY D 41 -36.53 -52.90 -30.23
CA GLY D 41 -35.50 -53.88 -30.49
C GLY D 41 -35.98 -55.31 -30.67
N LYS D 42 -37.28 -55.56 -30.61
CA LYS D 42 -37.81 -56.91 -30.70
C LYS D 42 -38.70 -56.96 -31.93
N GLY D 43 -39.03 -58.16 -32.42
CA GLY D 43 -39.89 -58.31 -33.58
C GLY D 43 -41.37 -58.05 -33.29
N LEU D 44 -42.20 -58.41 -34.27
CA LEU D 44 -43.62 -58.16 -34.15
C LEU D 44 -44.30 -59.28 -33.36
N GLU D 45 -45.43 -58.94 -32.75
CA GLU D 45 -46.14 -59.86 -31.87
C GLU D 45 -47.64 -59.57 -31.96
N TRP D 46 -48.40 -60.58 -32.37
CA TRP D 46 -49.84 -60.44 -32.51
C TRP D 46 -50.53 -60.45 -31.14
N ILE D 47 -51.43 -59.49 -30.93
CA ILE D 47 -52.22 -59.47 -29.71
C ILE D 47 -53.60 -60.08 -29.99
N GLY D 48 -54.36 -59.46 -30.89
CA GLY D 48 -55.74 -59.89 -30.97
C GLY D 48 -56.44 -59.41 -32.22
N VAL D 49 -57.72 -59.76 -32.32
CA VAL D 49 -58.58 -59.33 -33.42
C VAL D 49 -60.02 -59.21 -32.89
N ILE D 50 -60.72 -58.18 -33.34
CA ILE D 50 -62.18 -58.10 -33.23
C ILE D 50 -62.73 -58.28 -34.64
N ASP D 51 -63.80 -59.05 -34.77
CA ASP D 51 -64.46 -59.21 -36.05
C ASP D 51 -65.53 -58.12 -36.22
N THR D 52 -66.37 -58.30 -37.23
CA THR D 52 -67.45 -57.34 -37.47
C THR D 52 -68.59 -57.53 -36.46
N GLY D 53 -68.79 -58.76 -35.98
CA GLY D 53 -69.82 -59.02 -35.00
C GLY D 53 -69.45 -58.68 -33.57
N GLY D 54 -68.20 -58.34 -33.32
CA GLY D 54 -67.75 -57.99 -31.99
C GLY D 54 -67.01 -59.09 -31.24
N GLY D 55 -66.85 -60.26 -31.86
CA GLY D 55 -66.14 -61.35 -31.20
C GLY D 55 -64.64 -61.09 -31.23
N THR D 56 -64.01 -61.24 -30.08
CA THR D 56 -62.59 -60.93 -29.92
C THR D 56 -61.82 -62.19 -29.63
N TYR D 57 -60.71 -62.37 -30.36
CA TYR D 57 -59.85 -63.52 -30.19
C TYR D 57 -58.42 -63.06 -30.01
N PHE D 58 -57.72 -63.69 -29.08
CA PHE D 58 -56.43 -63.21 -28.62
C PHE D 58 -55.40 -64.32 -28.76
N ALA D 59 -54.17 -64.00 -28.39
CA ALA D 59 -53.09 -64.97 -28.38
C ALA D 59 -53.07 -65.75 -27.07
N SER D 60 -52.11 -66.68 -26.96
CA SER D 60 -52.05 -67.54 -25.79
C SER D 60 -51.47 -66.83 -24.57
N TRP D 61 -50.58 -65.86 -24.79
CA TRP D 61 -49.92 -65.15 -23.70
C TRP D 61 -50.76 -63.99 -23.15
N ALA D 62 -51.91 -63.70 -23.76
CA ALA D 62 -52.70 -62.53 -23.39
C ALA D 62 -53.36 -62.72 -22.03
N LYS D 63 -53.99 -63.89 -21.83
CA LYS D 63 -54.54 -64.38 -20.55
C LYS D 63 -55.63 -63.46 -19.98
N GLY D 64 -56.41 -62.85 -20.86
CA GLY D 64 -57.51 -62.01 -20.42
C GLY D 64 -57.13 -60.61 -20.00
N ARG D 65 -55.86 -60.22 -20.15
CA ARG D 65 -55.44 -58.87 -19.82
C ARG D 65 -55.82 -57.86 -20.88
N PHE D 66 -56.17 -58.32 -22.07
CA PHE D 66 -56.43 -57.46 -23.21
C PHE D 66 -57.90 -57.60 -23.58
N ALA D 67 -58.53 -56.47 -23.89
CA ALA D 67 -59.92 -56.49 -24.30
C ALA D 67 -60.10 -55.54 -25.48
N ILE D 68 -60.88 -55.95 -26.47
CA ILE D 68 -61.09 -55.14 -27.66
C ILE D 68 -62.58 -54.81 -27.71
N SER D 69 -62.92 -53.55 -27.97
CA SER D 69 -64.31 -53.16 -28.04
C SER D 69 -64.53 -52.21 -29.21
N LYS D 70 -65.67 -52.36 -29.89
CA LYS D 70 -66.08 -51.40 -30.91
C LYS D 70 -66.88 -50.28 -30.24
N THR D 71 -66.32 -49.08 -30.21
CA THR D 71 -66.94 -47.95 -29.53
C THR D 71 -67.81 -47.09 -30.44
N SER D 72 -67.41 -46.89 -31.68
CA SER D 72 -68.21 -46.16 -32.65
C SER D 72 -68.02 -46.81 -34.01
N SER D 73 -68.50 -46.14 -35.05
CA SER D 73 -68.35 -46.65 -36.41
C SER D 73 -66.95 -46.43 -36.97
N THR D 74 -66.16 -45.56 -36.35
CA THR D 74 -64.81 -45.29 -36.80
C THR D 74 -63.73 -45.61 -35.77
N THR D 75 -64.08 -45.90 -34.52
CA THR D 75 -63.10 -46.09 -33.46
C THR D 75 -63.23 -47.48 -32.84
N VAL D 76 -62.09 -48.09 -32.55
CA VAL D 76 -62.01 -49.38 -31.87
C VAL D 76 -61.03 -49.22 -30.70
N ASP D 77 -61.47 -49.55 -29.49
CA ASP D 77 -60.65 -49.40 -28.31
C ASP D 77 -60.00 -50.72 -27.91
N LEU D 78 -58.77 -50.62 -27.41
CA LEU D 78 -58.04 -51.73 -26.83
C LEU D 78 -57.67 -51.38 -25.40
N LYS D 79 -58.16 -52.17 -24.45
CA LYS D 79 -57.95 -51.93 -23.03
C LYS D 79 -56.94 -52.95 -22.50
N MET D 80 -55.91 -52.45 -21.81
CA MET D 80 -54.90 -53.26 -21.17
C MET D 80 -55.02 -53.12 -19.67
N THR D 81 -54.96 -54.24 -18.97
CA THR D 81 -54.79 -54.28 -17.52
C THR D 81 -53.52 -55.05 -17.21
N SER D 82 -53.09 -54.92 -15.94
CA SER D 82 -51.93 -55.60 -15.34
C SER D 82 -50.63 -55.33 -16.08
N LEU D 83 -50.38 -54.05 -16.38
CA LEU D 83 -49.22 -53.68 -17.16
C LEU D 83 -47.95 -53.68 -16.32
N THR D 84 -46.94 -54.38 -16.80
CA THR D 84 -45.59 -54.34 -16.27
C THR D 84 -44.66 -53.76 -17.33
N ALA D 85 -43.36 -53.80 -17.06
CA ALA D 85 -42.38 -53.16 -17.95
C ALA D 85 -42.14 -53.93 -19.24
N ALA D 86 -42.60 -55.17 -19.33
CA ALA D 86 -42.50 -55.94 -20.57
C ALA D 86 -43.48 -55.50 -21.65
N ASP D 87 -44.49 -54.71 -21.29
CA ASP D 87 -45.49 -54.22 -22.23
C ASP D 87 -45.12 -52.89 -22.85
N THR D 88 -43.90 -52.39 -22.60
CA THR D 88 -43.41 -51.16 -23.21
C THR D 88 -43.16 -51.42 -24.69
N ALA D 89 -44.04 -50.87 -25.54
CA ALA D 89 -44.07 -51.30 -26.93
C ALA D 89 -44.76 -50.24 -27.79
N THR D 90 -44.51 -50.33 -29.10
CA THR D 90 -45.25 -49.60 -30.10
C THR D 90 -46.37 -50.52 -30.59
N TYR D 91 -47.60 -50.02 -30.51
CA TYR D 91 -48.80 -50.80 -30.76
C TYR D 91 -49.39 -50.35 -32.09
N PHE D 92 -49.68 -51.33 -32.95
CA PHE D 92 -50.28 -51.12 -34.25
C PHE D 92 -51.68 -51.72 -34.30
N CYS D 93 -52.58 -51.03 -34.98
CA CYS D 93 -53.86 -51.57 -35.35
C CYS D 93 -53.90 -51.71 -36.87
N ALA D 94 -54.59 -52.75 -37.34
CA ALA D 94 -54.55 -53.10 -38.75
C ALA D 94 -55.94 -53.49 -39.23
N LYS D 95 -56.26 -53.10 -40.46
CA LYS D 95 -57.52 -53.47 -41.10
C LYS D 95 -57.38 -54.91 -41.59
N GLY D 96 -58.08 -55.84 -40.94
CA GLY D 96 -58.00 -57.24 -41.31
C GLY D 96 -59.12 -57.61 -42.27
N PHE D 97 -58.72 -58.26 -43.37
CA PHE D 97 -59.69 -58.79 -44.32
C PHE D 97 -60.38 -60.03 -43.73
N ASP D 98 -59.63 -60.84 -43.00
CA ASP D 98 -60.16 -62.03 -42.35
C ASP D 98 -59.53 -62.13 -40.97
N TYR D 99 -59.64 -63.30 -40.35
CA TYR D 99 -59.00 -63.53 -39.05
C TYR D 99 -57.49 -63.71 -39.16
N SER D 100 -56.97 -63.95 -40.37
CA SER D 100 -55.55 -63.83 -40.60
C SER D 100 -55.14 -62.36 -40.53
N ALA D 101 -53.98 -62.09 -39.96
CA ALA D 101 -53.44 -60.74 -39.96
C ALA D 101 -52.50 -60.51 -41.14
N SER D 102 -52.96 -60.87 -42.33
CA SER D 102 -52.22 -60.71 -43.57
C SER D 102 -52.85 -59.52 -44.29
N THR D 103 -52.23 -58.35 -44.14
CA THR D 103 -52.88 -57.13 -44.59
C THR D 103 -51.84 -56.08 -44.96
N ASN D 104 -52.26 -55.15 -45.81
CA ASN D 104 -51.39 -54.09 -46.31
C ASN D 104 -51.74 -52.72 -45.74
N LEU D 105 -52.76 -52.62 -44.89
CA LEU D 105 -53.20 -51.34 -44.34
C LEU D 105 -52.98 -51.36 -42.83
N TRP D 106 -51.99 -50.60 -42.38
CA TRP D 106 -51.62 -50.54 -40.97
C TRP D 106 -51.59 -49.10 -40.52
N GLY D 107 -51.79 -48.89 -39.22
CA GLY D 107 -51.58 -47.60 -38.63
C GLY D 107 -50.12 -47.37 -38.31
N PRO D 108 -49.74 -46.12 -38.00
CA PRO D 108 -48.33 -45.85 -37.68
C PRO D 108 -47.89 -46.34 -36.31
N GLY D 109 -48.80 -46.66 -35.42
CA GLY D 109 -48.43 -47.17 -34.12
C GLY D 109 -48.33 -46.08 -33.07
N THR D 110 -48.60 -46.46 -31.82
CA THR D 110 -48.47 -45.55 -30.69
C THR D 110 -47.55 -46.17 -29.64
N LEU D 111 -46.87 -45.33 -28.88
CA LEU D 111 -45.80 -45.78 -28.00
C LEU D 111 -46.27 -45.81 -26.57
N VAL D 112 -46.12 -46.96 -25.91
CA VAL D 112 -46.57 -47.18 -24.54
C VAL D 112 -45.35 -47.49 -23.69
N THR D 113 -45.15 -46.69 -22.64
CA THR D 113 -43.98 -46.78 -21.77
C THR D 113 -44.47 -47.03 -20.34
N ILE D 114 -43.80 -47.96 -19.65
CA ILE D 114 -44.19 -48.36 -18.30
C ILE D 114 -43.01 -48.05 -17.39
N SER D 115 -43.06 -46.93 -16.67
CA SER D 115 -41.95 -46.52 -15.83
C SER D 115 -42.46 -45.70 -14.65
N SER D 116 -41.52 -45.27 -13.81
CA SER D 116 -41.82 -44.65 -12.53
C SER D 116 -40.97 -43.41 -12.26
N ALA D 117 -40.39 -42.80 -13.29
CA ALA D 117 -39.60 -41.59 -13.09
C ALA D 117 -40.43 -40.35 -13.39
N SER D 118 -39.87 -39.20 -13.02
CA SER D 118 -40.58 -37.93 -13.13
C SER D 118 -40.54 -37.42 -14.57
N THR D 119 -41.60 -36.71 -14.94
CA THR D 119 -41.67 -36.09 -16.27
C THR D 119 -40.77 -34.86 -16.29
N GLN D 120 -39.68 -34.94 -17.03
CA GLN D 120 -38.70 -33.87 -17.08
C GLN D 120 -38.61 -33.30 -18.49
N SER D 121 -38.51 -31.97 -18.58
CA SER D 121 -38.33 -31.27 -19.82
C SER D 121 -36.86 -31.35 -20.27
N PRO D 122 -36.59 -31.41 -21.57
CA PRO D 122 -35.21 -31.46 -22.04
C PRO D 122 -34.51 -30.12 -21.92
N SER D 123 -33.23 -30.20 -21.65
CA SER D 123 -32.34 -29.06 -21.74
C SER D 123 -31.62 -29.15 -23.09
N VAL D 124 -31.73 -28.08 -23.86
CA VAL D 124 -31.25 -28.06 -25.24
C VAL D 124 -29.99 -27.21 -25.28
N PHE D 125 -28.92 -27.79 -25.80
CA PHE D 125 -27.61 -27.15 -25.86
C PHE D 125 -27.08 -27.16 -27.28
N PRO D 126 -26.40 -26.10 -27.71
CA PRO D 126 -25.84 -26.10 -29.06
C PRO D 126 -24.57 -26.92 -29.13
N LEU D 127 -24.32 -27.47 -30.31
CA LEU D 127 -23.17 -28.31 -30.57
C LEU D 127 -22.47 -27.72 -31.79
N THR D 128 -21.43 -26.95 -31.53
CA THR D 128 -20.64 -26.33 -32.57
C THR D 128 -19.21 -26.80 -32.43
N ARG D 129 -18.57 -27.07 -33.57
CA ARG D 129 -17.15 -27.39 -33.51
C ARG D 129 -16.33 -26.15 -33.26
N CYS D 130 -15.09 -26.36 -32.84
CA CYS D 130 -14.22 -25.26 -32.48
C CYS D 130 -13.72 -24.53 -33.72
N CYS D 131 -13.81 -23.20 -33.70
CA CYS D 131 -13.68 -22.41 -34.91
C CYS D 131 -12.23 -22.30 -35.38
N LYS D 132 -11.25 -22.54 -34.51
CA LYS D 132 -9.88 -22.66 -35.00
C LYS D 132 -9.66 -24.00 -35.68
N ASN D 133 -10.42 -25.03 -35.29
CA ASN D 133 -10.35 -26.34 -35.93
C ASN D 133 -11.23 -26.42 -37.17
N ILE D 134 -12.11 -25.46 -37.40
CA ILE D 134 -12.88 -25.35 -38.63
C ILE D 134 -11.99 -24.71 -39.69
N PRO D 135 -11.87 -25.30 -40.89
CA PRO D 135 -11.09 -24.67 -41.97
C PRO D 135 -11.75 -23.41 -42.51
N SER D 136 -10.94 -22.63 -43.23
CA SER D 136 -11.33 -21.31 -43.71
C SER D 136 -12.44 -21.39 -44.77
N ASN D 137 -12.26 -22.26 -45.76
CA ASN D 137 -13.33 -22.53 -46.72
C ASN D 137 -14.53 -23.23 -46.05
N ALA D 138 -14.34 -24.49 -45.62
CA ALA D 138 -15.29 -25.44 -45.03
C ALA D 138 -16.68 -25.40 -45.66
N THR D 139 -16.75 -25.76 -46.94
CA THR D 139 -17.87 -25.50 -47.85
C THR D 139 -19.21 -26.08 -47.39
N SER D 140 -19.15 -27.19 -46.67
CA SER D 140 -20.25 -27.62 -45.82
C SER D 140 -19.75 -27.67 -44.38
N VAL D 141 -20.67 -27.50 -43.44
CA VAL D 141 -20.34 -27.54 -42.01
C VAL D 141 -21.45 -28.32 -41.31
N THR D 142 -21.05 -29.02 -40.24
CA THR D 142 -21.92 -29.87 -39.44
C THR D 142 -22.02 -29.27 -38.05
N LEU D 143 -23.25 -29.09 -37.57
CA LEU D 143 -23.55 -28.53 -36.25
C LEU D 143 -24.72 -29.30 -35.67
N GLY D 144 -25.14 -28.96 -34.46
CA GLY D 144 -26.24 -29.73 -33.90
C GLY D 144 -26.81 -29.17 -32.61
N CYS D 145 -27.77 -29.91 -32.07
CA CYS D 145 -28.35 -29.67 -30.75
C CYS D 145 -28.40 -30.96 -29.94
N LEU D 146 -28.09 -30.81 -28.66
CA LEU D 146 -28.19 -31.86 -27.65
C LEU D 146 -29.43 -31.58 -26.82
N ALA D 147 -30.40 -32.50 -26.87
CA ALA D 147 -31.60 -32.40 -26.06
C ALA D 147 -31.52 -33.48 -25.00
N THR D 148 -31.18 -33.09 -23.77
CA THR D 148 -30.81 -34.06 -22.76
C THR D 148 -31.65 -33.91 -21.50
N GLY D 149 -31.59 -34.94 -20.67
CA GLY D 149 -32.18 -34.88 -19.37
C GLY D 149 -33.68 -35.00 -19.33
N TYR D 150 -34.30 -35.46 -20.40
CA TYR D 150 -35.74 -35.51 -20.44
C TYR D 150 -36.26 -36.91 -20.15
N PHE D 151 -37.45 -36.94 -19.60
CA PHE D 151 -38.16 -38.19 -19.41
C PHE D 151 -39.65 -37.91 -19.59
N PRO D 152 -40.39 -38.77 -20.29
CA PRO D 152 -39.92 -39.87 -21.14
C PRO D 152 -39.76 -39.46 -22.59
N GLU D 153 -39.65 -40.50 -23.41
CA GLU D 153 -39.63 -40.38 -24.85
C GLU D 153 -41.03 -39.94 -25.32
N PRO D 154 -41.12 -39.13 -26.40
CA PRO D 154 -40.10 -38.48 -27.23
C PRO D 154 -39.95 -36.95 -27.24
N VAL D 155 -38.87 -36.53 -27.88
CA VAL D 155 -38.67 -35.17 -28.36
C VAL D 155 -38.68 -35.23 -29.88
N MET D 156 -38.90 -34.08 -30.50
CA MET D 156 -38.73 -33.94 -31.95
C MET D 156 -37.94 -32.68 -32.21
N VAL D 157 -36.97 -32.75 -33.13
CA VAL D 157 -36.16 -31.61 -33.50
C VAL D 157 -36.35 -31.34 -34.97
N THR D 158 -36.78 -30.11 -35.29
CA THR D 158 -36.69 -29.58 -36.64
C THR D 158 -35.68 -28.44 -36.67
N TRP D 159 -35.45 -27.92 -37.87
CA TRP D 159 -34.40 -26.95 -38.04
C TRP D 159 -34.87 -25.79 -38.90
N ASP D 160 -34.54 -24.58 -38.46
CA ASP D 160 -34.60 -23.38 -39.27
C ASP D 160 -33.18 -23.05 -39.72
N THR D 161 -32.97 -23.11 -41.02
CA THR D 161 -31.66 -22.93 -41.63
C THR D 161 -31.59 -21.66 -42.46
N GLY D 162 -32.67 -20.89 -42.51
CA GLY D 162 -32.69 -19.64 -43.24
C GLY D 162 -32.75 -19.86 -44.74
N SER D 163 -31.85 -19.19 -45.46
CA SER D 163 -31.82 -19.30 -46.91
C SER D 163 -31.06 -20.55 -47.34
N LEU D 164 -30.32 -21.15 -46.43
CA LEU D 164 -29.82 -22.48 -46.64
C LEU D 164 -30.96 -23.52 -46.36
N ASN D 165 -30.84 -24.66 -47.03
CA ASN D 165 -31.31 -26.03 -46.96
C ASN D 165 -30.90 -27.00 -45.86
N GLY D 166 -29.77 -27.70 -45.96
CA GLY D 166 -29.24 -28.41 -44.81
C GLY D 166 -29.87 -29.77 -44.60
N THR D 167 -29.06 -30.82 -44.64
CA THR D 167 -29.52 -32.14 -44.31
C THR D 167 -29.59 -32.28 -42.79
N THR D 168 -30.69 -32.84 -42.30
CA THR D 168 -30.93 -33.02 -40.87
C THR D 168 -30.92 -34.50 -40.53
N MET D 169 -30.20 -34.85 -39.47
CA MET D 169 -30.05 -36.24 -39.05
C MET D 169 -30.27 -36.32 -37.55
N THR D 170 -31.23 -37.13 -37.12
CA THR D 170 -31.52 -37.31 -35.71
C THR D 170 -31.15 -38.72 -35.27
N LEU D 171 -30.27 -38.81 -34.27
CA LEU D 171 -29.82 -40.09 -33.77
C LEU D 171 -30.81 -40.65 -32.75
N PRO D 172 -30.82 -41.97 -32.53
CA PRO D 172 -31.66 -42.55 -31.47
C PRO D 172 -31.25 -42.13 -30.06
N ALA D 173 -32.24 -42.16 -29.17
CA ALA D 173 -32.06 -41.69 -27.80
C ALA D 173 -31.27 -42.69 -26.97
N THR D 174 -30.45 -42.17 -26.07
CA THR D 174 -29.70 -42.96 -25.12
C THR D 174 -30.22 -42.71 -23.72
N THR D 175 -30.43 -43.79 -22.97
CA THR D 175 -30.80 -43.67 -21.56
C THR D 175 -29.57 -43.29 -20.76
N LEU D 176 -29.68 -42.21 -19.99
CA LEU D 176 -28.59 -41.80 -19.10
C LEU D 176 -28.47 -42.79 -17.95
N THR D 177 -27.24 -43.19 -17.65
CA THR D 177 -27.01 -44.28 -16.71
C THR D 177 -27.24 -43.83 -15.26
N LEU D 178 -27.04 -42.55 -14.97
CA LEU D 178 -27.17 -42.09 -13.60
C LEU D 178 -28.60 -41.71 -13.25
N SER D 179 -29.32 -41.06 -14.19
CA SER D 179 -30.63 -40.52 -13.89
C SER D 179 -31.79 -41.31 -14.49
N GLY D 180 -31.54 -42.08 -15.56
CA GLY D 180 -32.62 -42.73 -16.27
C GLY D 180 -33.31 -41.88 -17.30
N HIS D 181 -32.92 -40.62 -17.45
CA HIS D 181 -33.50 -39.74 -18.44
C HIS D 181 -32.89 -40.02 -19.81
N TYR D 182 -33.47 -39.40 -20.83
CA TYR D 182 -33.03 -39.62 -22.20
C TYR D 182 -32.27 -38.40 -22.73
N ALA D 183 -31.58 -38.63 -23.83
CA ALA D 183 -30.81 -37.58 -24.49
C ALA D 183 -30.72 -37.90 -25.97
N THR D 184 -30.83 -36.87 -26.81
CA THR D 184 -30.73 -37.02 -28.25
C THR D 184 -29.77 -35.99 -28.83
N ILE D 185 -29.22 -36.35 -29.98
CA ILE D 185 -28.37 -35.49 -30.78
C ILE D 185 -29.06 -35.31 -32.12
N SER D 186 -29.34 -34.08 -32.49
CA SER D 186 -29.81 -33.78 -33.83
C SER D 186 -28.77 -32.92 -34.54
N LEU D 187 -28.39 -33.33 -35.74
CA LEU D 187 -27.31 -32.70 -36.47
C LEU D 187 -27.83 -32.10 -37.76
N LEU D 188 -27.21 -31.02 -38.16
CA LEU D 188 -27.55 -30.28 -39.34
C LEU D 188 -26.28 -30.01 -40.12
N THR D 189 -26.27 -30.42 -41.38
CA THR D 189 -25.14 -30.16 -42.28
C THR D 189 -25.63 -29.19 -43.34
N VAL D 190 -25.03 -28.00 -43.37
CA VAL D 190 -25.42 -26.97 -44.34
C VAL D 190 -24.26 -26.67 -45.26
N SER D 191 -24.59 -26.07 -46.40
CA SER D 191 -23.59 -25.61 -47.36
C SER D 191 -23.93 -24.19 -47.79
N GLY D 192 -22.89 -23.41 -48.05
CA GLY D 192 -23.07 -22.05 -48.53
C GLY D 192 -22.50 -20.96 -47.64
N ALA D 193 -23.33 -19.97 -47.30
CA ALA D 193 -22.90 -18.83 -46.49
C ALA D 193 -23.24 -19.06 -45.02
N TRP D 194 -22.71 -20.16 -44.49
CA TRP D 194 -22.98 -20.61 -43.13
C TRP D 194 -22.31 -19.76 -42.07
N ALA D 195 -21.25 -19.02 -42.44
CA ALA D 195 -20.47 -18.28 -41.45
C ALA D 195 -21.22 -17.07 -40.91
N LYS D 196 -22.17 -16.55 -41.68
CA LYS D 196 -23.00 -15.42 -41.28
C LYS D 196 -24.45 -15.83 -41.04
N GLN D 197 -24.77 -17.11 -41.20
CA GLN D 197 -26.14 -17.58 -41.14
C GLN D 197 -26.49 -18.02 -39.72
N MET D 198 -27.72 -17.71 -39.31
CA MET D 198 -28.15 -17.89 -37.94
C MET D 198 -29.06 -19.12 -37.95
N PHE D 199 -28.74 -20.14 -37.14
CA PHE D 199 -29.41 -21.43 -37.23
C PHE D 199 -30.21 -21.74 -35.97
N THR D 200 -31.32 -22.43 -36.14
CA THR D 200 -32.26 -22.68 -35.06
C THR D 200 -32.69 -24.13 -35.03
N CYS D 201 -32.66 -24.73 -33.85
CA CYS D 201 -33.29 -26.04 -33.68
C CYS D 201 -34.54 -25.93 -32.81
N ARG D 202 -35.57 -26.67 -33.20
CA ARG D 202 -36.86 -26.67 -32.51
C ARG D 202 -37.04 -28.05 -31.89
N VAL D 203 -36.95 -28.10 -30.58
CA VAL D 203 -37.11 -29.32 -29.80
C VAL D 203 -38.45 -29.23 -29.08
N ALA D 204 -39.33 -30.17 -29.39
CA ALA D 204 -40.62 -30.27 -28.74
C ALA D 204 -40.71 -31.56 -27.95
N HIS D 205 -41.26 -31.48 -26.75
CA HIS D 205 -41.40 -32.62 -25.85
C HIS D 205 -42.87 -32.69 -25.45
N THR D 206 -43.63 -33.46 -26.24
CA THR D 206 -45.04 -33.70 -25.93
C THR D 206 -45.37 -34.41 -24.60
N PRO D 207 -44.52 -35.26 -23.99
CA PRO D 207 -44.83 -35.66 -22.59
C PRO D 207 -44.77 -34.55 -21.55
N SER D 208 -44.04 -33.46 -21.77
CA SER D 208 -44.11 -32.34 -20.84
C SER D 208 -45.42 -31.57 -21.02
N SER D 209 -45.58 -30.96 -22.18
CA SER D 209 -46.85 -30.38 -22.59
C SER D 209 -46.89 -30.45 -24.10
N THR D 210 -48.10 -30.31 -24.66
CA THR D 210 -48.31 -30.40 -26.10
C THR D 210 -47.64 -29.24 -26.84
N ASP D 211 -47.62 -28.05 -26.25
CA ASP D 211 -46.94 -26.91 -26.85
C ASP D 211 -45.72 -26.55 -26.01
N TRP D 212 -44.98 -27.55 -25.54
CA TRP D 212 -43.63 -27.32 -25.05
C TRP D 212 -42.71 -27.23 -26.24
N VAL D 213 -42.22 -26.04 -26.54
CA VAL D 213 -41.34 -25.82 -27.69
C VAL D 213 -40.11 -25.06 -27.21
N ASP D 214 -38.93 -25.58 -27.51
CA ASP D 214 -37.66 -24.89 -27.25
C ASP D 214 -36.95 -24.66 -28.57
N ASN D 215 -36.90 -23.40 -29.00
CA ASN D 215 -35.89 -23.02 -29.98
C ASN D 215 -34.57 -22.69 -29.30
N LYS D 216 -33.51 -23.28 -29.83
CA LYS D 216 -32.16 -22.84 -29.52
C LYS D 216 -31.62 -22.22 -30.80
N THR D 217 -31.22 -20.95 -30.71
CA THR D 217 -30.83 -20.16 -31.86
C THR D 217 -29.37 -19.75 -31.68
N PHE D 218 -28.52 -20.13 -32.63
CA PHE D 218 -27.07 -20.03 -32.46
C PHE D 218 -26.42 -19.97 -33.84
N SER D 219 -25.15 -19.57 -33.87
CA SER D 219 -24.36 -19.55 -35.09
C SER D 219 -23.29 -20.64 -35.01
N VAL D 220 -22.51 -20.78 -36.09
CA VAL D 220 -21.45 -21.79 -36.14
C VAL D 220 -20.31 -21.42 -35.21
N CYS D 221 -19.91 -20.15 -35.24
CA CYS D 221 -18.88 -19.64 -34.36
C CYS D 221 -19.52 -18.82 -33.25
N SER D 222 -19.11 -19.11 -32.01
CA SER D 222 -19.24 -18.14 -30.94
C SER D 222 -18.34 -16.94 -31.25
N ARG D 223 -18.72 -15.78 -30.72
CA ARG D 223 -18.10 -14.49 -31.08
C ARG D 223 -16.70 -14.43 -30.43
N ASP D 224 -15.76 -15.10 -31.11
CA ASP D 224 -14.34 -15.33 -30.77
C ASP D 224 -14.15 -16.04 -29.43
N PHE D 225 -14.57 -15.36 -28.34
CA PHE D 225 -14.61 -15.80 -26.96
C PHE D 225 -13.19 -16.09 -26.46
N THR D 226 -12.40 -15.01 -26.49
CA THR D 226 -11.17 -14.90 -25.73
C THR D 226 -11.60 -14.83 -24.28
N PRO D 227 -11.14 -15.71 -23.40
CA PRO D 227 -11.48 -15.62 -21.97
C PRO D 227 -10.86 -14.39 -21.33
N PRO D 228 -11.67 -13.45 -20.86
CA PRO D 228 -11.13 -12.17 -20.39
C PRO D 228 -10.64 -12.28 -18.96
N THR D 229 -9.45 -11.74 -18.71
CA THR D 229 -8.83 -11.86 -17.40
C THR D 229 -9.48 -10.91 -16.41
N VAL D 230 -9.82 -11.43 -15.24
CA VAL D 230 -10.46 -10.66 -14.18
C VAL D 230 -9.40 -10.41 -13.11
N LYS D 231 -9.34 -9.18 -12.60
CA LYS D 231 -8.53 -8.91 -11.43
C LYS D 231 -9.16 -7.82 -10.58
N ILE D 232 -8.97 -7.91 -9.26
CA ILE D 232 -9.55 -6.95 -8.33
C ILE D 232 -8.37 -6.18 -7.73
N LEU D 233 -8.45 -4.86 -7.80
CA LEU D 233 -7.57 -3.91 -7.16
C LEU D 233 -8.35 -3.20 -6.05
N GLN D 234 -7.65 -2.65 -5.07
CA GLN D 234 -8.37 -1.99 -3.98
C GLN D 234 -7.66 -0.73 -3.54
N SER D 235 -8.45 0.14 -2.90
CA SER D 235 -8.04 1.34 -2.17
C SER D 235 -6.92 1.11 -1.16
N SER D 236 -6.17 2.17 -0.87
CA SER D 236 -5.17 2.10 0.18
C SER D 236 -5.79 2.44 1.53
N CYS D 237 -5.30 1.79 2.58
CA CYS D 237 -5.29 2.43 3.89
C CYS D 237 -4.10 3.38 3.89
N ASP D 238 -4.07 4.33 4.82
CA ASP D 238 -3.02 5.34 4.74
C ASP D 238 -1.71 4.88 5.37
N GLY D 239 -0.79 5.84 5.51
CA GLY D 239 0.55 5.61 6.02
C GLY D 239 0.61 5.21 7.47
N GLY D 240 -0.45 5.42 8.24
CA GLY D 240 -0.46 4.86 9.57
C GLY D 240 -1.19 3.54 9.62
N GLY D 241 -1.65 3.05 8.48
CA GLY D 241 -2.44 1.84 8.42
C GLY D 241 -3.88 2.00 8.80
N HIS D 242 -4.41 3.22 8.81
CA HIS D 242 -5.79 3.41 9.22
C HIS D 242 -6.68 3.37 8.00
N PHE D 243 -7.88 2.85 8.18
CA PHE D 243 -8.77 2.80 7.05
C PHE D 243 -9.42 4.16 6.75
N PRO D 244 -9.71 4.42 5.49
CA PRO D 244 -10.43 5.64 5.11
C PRO D 244 -11.93 5.44 5.31
N PRO D 245 -12.79 6.49 5.18
CA PRO D 245 -14.24 6.30 5.43
C PRO D 245 -14.91 5.34 4.46
N THR D 246 -14.45 5.28 3.21
CA THR D 246 -14.96 4.31 2.27
C THR D 246 -13.80 3.57 1.62
N ILE D 247 -14.16 2.42 1.05
CA ILE D 247 -13.26 1.50 0.37
C ILE D 247 -13.66 1.45 -1.09
N GLN D 248 -12.71 1.70 -1.98
CA GLN D 248 -12.95 1.49 -3.40
C GLN D 248 -12.40 0.14 -3.83
N LEU D 249 -13.22 -0.65 -4.54
CA LEU D 249 -12.76 -1.83 -5.28
C LEU D 249 -12.84 -1.61 -6.78
N LEU D 250 -11.78 -1.96 -7.50
CA LEU D 250 -11.73 -1.71 -8.93
C LEU D 250 -11.51 -3.06 -9.63
N CYS D 251 -12.53 -3.54 -10.32
CA CYS D 251 -12.45 -4.81 -11.05
C CYS D 251 -12.01 -4.47 -12.47
N LEU D 252 -10.94 -5.12 -12.91
CA LEU D 252 -10.31 -4.85 -14.19
C LEU D 252 -10.45 -6.07 -15.07
N VAL D 253 -10.94 -5.83 -16.29
CA VAL D 253 -11.07 -6.81 -17.35
C VAL D 253 -10.18 -6.33 -18.49
N SER D 254 -8.92 -6.75 -18.45
CA SER D 254 -7.85 -6.15 -19.24
C SER D 254 -7.46 -7.02 -20.43
N GLY D 255 -7.51 -6.44 -21.63
CA GLY D 255 -6.99 -7.04 -22.84
C GLY D 255 -7.75 -8.23 -23.38
N TYR D 256 -8.91 -7.97 -23.97
CA TYR D 256 -9.77 -9.04 -24.45
C TYR D 256 -10.41 -8.58 -25.74
N THR D 257 -10.82 -9.55 -26.57
CA THR D 257 -11.51 -9.26 -27.81
C THR D 257 -12.87 -8.63 -27.49
N PRO D 258 -13.21 -7.47 -28.08
CA PRO D 258 -14.44 -6.74 -27.69
C PRO D 258 -15.75 -7.49 -27.89
N GLY D 259 -16.69 -7.23 -26.97
CA GLY D 259 -18.02 -7.80 -27.07
C GLY D 259 -18.86 -7.39 -25.88
N THR D 260 -20.07 -7.95 -25.83
CA THR D 260 -21.02 -7.63 -24.78
C THR D 260 -20.55 -8.16 -23.43
N ILE D 261 -20.75 -7.36 -22.39
CA ILE D 261 -20.28 -7.71 -21.05
C ILE D 261 -21.24 -7.14 -20.00
N ASN D 262 -21.33 -7.83 -18.86
CA ASN D 262 -21.48 -7.09 -17.59
C ASN D 262 -20.51 -7.52 -16.50
N ILE D 263 -20.59 -6.75 -15.43
CA ILE D 263 -19.89 -6.93 -14.16
C ILE D 263 -20.94 -6.78 -13.07
N THR D 264 -21.05 -7.78 -12.22
CA THR D 264 -22.00 -7.76 -11.12
C THR D 264 -21.19 -7.93 -9.85
N TRP D 265 -21.50 -7.17 -8.81
CA TRP D 265 -20.83 -7.35 -7.54
C TRP D 265 -21.71 -8.10 -6.58
N LEU D 266 -21.12 -9.06 -5.88
CA LEU D 266 -21.78 -9.77 -4.82
C LEU D 266 -21.19 -9.45 -3.46
N GLU D 267 -22.05 -9.33 -2.46
CA GLU D 267 -21.61 -9.26 -1.08
C GLU D 267 -22.19 -10.51 -0.45
N ASP D 268 -21.30 -11.40 -0.01
CA ASP D 268 -21.59 -12.77 0.44
C ASP D 268 -22.58 -13.51 -0.47
N GLY D 269 -22.29 -13.46 -1.77
CA GLY D 269 -23.02 -14.18 -2.78
C GLY D 269 -24.36 -13.61 -3.20
N GLN D 270 -24.78 -12.45 -2.67
CA GLN D 270 -26.02 -11.84 -3.10
C GLN D 270 -25.71 -10.60 -3.92
N VAL D 271 -26.45 -10.40 -5.01
CA VAL D 271 -26.25 -9.29 -5.93
C VAL D 271 -26.54 -7.93 -5.28
N MET D 272 -25.57 -7.02 -5.37
CA MET D 272 -25.69 -5.66 -4.88
C MET D 272 -26.33 -4.77 -5.93
N ASP D 273 -27.01 -3.72 -5.45
CA ASP D 273 -27.73 -2.73 -6.27
C ASP D 273 -26.84 -2.12 -7.35
N VAL D 274 -27.43 -1.93 -8.54
CA VAL D 274 -26.70 -1.48 -9.74
C VAL D 274 -26.10 -0.09 -9.57
N ASP D 275 -26.72 0.77 -8.75
CA ASP D 275 -26.24 2.15 -8.59
C ASP D 275 -25.02 2.26 -7.67
N LEU D 276 -24.59 1.16 -7.05
CA LEU D 276 -23.50 1.10 -6.08
C LEU D 276 -22.14 0.95 -6.77
N SER D 277 -22.13 0.78 -8.09
CA SER D 277 -20.91 0.56 -8.83
C SER D 277 -21.08 1.14 -10.23
N THR D 278 -19.97 1.57 -10.82
CA THR D 278 -19.96 2.15 -12.16
C THR D 278 -18.90 1.48 -13.01
N ALA D 279 -19.27 1.11 -14.23
CA ALA D 279 -18.41 0.41 -15.18
C ALA D 279 -18.13 1.31 -16.39
N SER D 280 -16.93 1.16 -16.94
CA SER D 280 -16.54 1.90 -18.13
C SER D 280 -15.65 1.03 -18.99
N THR D 281 -15.65 1.32 -20.30
CA THR D 281 -14.96 0.51 -21.30
C THR D 281 -14.15 1.40 -22.24
N THR D 282 -12.94 0.95 -22.53
CA THR D 282 -12.09 1.56 -23.54
C THR D 282 -11.60 0.48 -24.49
N GLN D 283 -11.07 0.91 -25.63
CA GLN D 283 -10.49 0.00 -26.60
C GLN D 283 -9.13 0.53 -26.99
N GLU D 284 -8.18 -0.39 -27.19
CA GLU D 284 -6.83 -0.04 -27.64
C GLU D 284 -6.38 -1.09 -28.66
N GLY D 285 -6.20 -0.63 -29.90
CA GLY D 285 -5.88 -1.50 -31.02
C GLY D 285 -7.00 -2.48 -31.31
N GLU D 286 -6.71 -3.76 -31.06
CA GLU D 286 -7.75 -4.79 -31.04
C GLU D 286 -8.32 -4.97 -29.65
N LEU D 287 -7.48 -4.93 -28.62
CA LEU D 287 -7.86 -5.38 -27.29
C LEU D 287 -8.73 -4.37 -26.57
N ALA D 288 -9.75 -4.86 -25.89
CA ALA D 288 -10.59 -3.99 -25.09
C ALA D 288 -10.11 -4.01 -23.65
N SER D 289 -10.51 -2.99 -22.89
CA SER D 289 -10.29 -2.98 -21.47
C SER D 289 -11.53 -2.43 -20.81
N THR D 290 -11.89 -3.04 -19.71
CA THR D 290 -13.10 -2.71 -18.98
C THR D 290 -12.72 -2.54 -17.50
N GLN D 291 -13.40 -1.62 -16.83
CA GLN D 291 -13.18 -1.45 -15.40
C GLN D 291 -14.52 -1.20 -14.74
N SER D 292 -14.59 -1.53 -13.45
CA SER D 292 -15.77 -1.27 -12.65
C SER D 292 -15.34 -0.86 -11.25
N GLU D 293 -15.95 0.19 -10.74
CA GLU D 293 -15.61 0.71 -9.43
C GLU D 293 -16.79 0.54 -8.51
N LEU D 294 -16.54 -0.07 -7.36
CA LEU D 294 -17.52 -0.34 -6.31
C LEU D 294 -17.14 0.42 -5.04
N THR D 295 -18.10 1.12 -4.43
CA THR D 295 -17.82 1.84 -3.20
C THR D 295 -18.45 1.07 -2.04
N LEU D 296 -17.65 0.82 -1.02
CA LEU D 296 -18.10 0.15 0.20
C LEU D 296 -17.89 1.05 1.39
N SER D 297 -18.76 0.92 2.38
CA SER D 297 -18.49 1.52 3.68
C SER D 297 -17.34 0.80 4.36
N GLN D 298 -16.63 1.55 5.21
CA GLN D 298 -15.57 0.99 6.06
C GLN D 298 -16.08 -0.17 6.91
N LYS D 299 -17.28 -0.02 7.48
CA LYS D 299 -17.91 -1.02 8.35
C LYS D 299 -18.13 -2.34 7.62
N HIS D 300 -18.64 -2.27 6.38
CA HIS D 300 -18.87 -3.45 5.55
C HIS D 300 -17.56 -4.16 5.22
N TRP D 301 -16.53 -3.39 4.85
CA TRP D 301 -15.20 -3.94 4.61
C TRP D 301 -14.65 -4.64 5.85
N LEU D 302 -14.85 -4.02 7.02
CA LEU D 302 -14.33 -4.54 8.26
C LEU D 302 -15.16 -5.69 8.81
N SER D 303 -16.34 -5.96 8.22
CA SER D 303 -17.17 -7.07 8.67
C SER D 303 -16.71 -8.43 8.15
N ASP D 304 -15.69 -8.47 7.28
CA ASP D 304 -15.03 -9.67 6.73
C ASP D 304 -15.91 -10.42 5.75
N ARG D 305 -16.87 -9.72 5.15
CA ARG D 305 -17.67 -10.25 4.06
C ARG D 305 -16.85 -10.43 2.78
N THR D 306 -17.32 -11.34 1.94
CA THR D 306 -16.66 -11.66 0.68
C THR D 306 -17.38 -10.89 -0.41
N TYR D 307 -16.61 -10.19 -1.23
CA TYR D 307 -17.10 -9.39 -2.34
C TYR D 307 -16.63 -10.07 -3.61
N THR D 308 -17.56 -10.34 -4.50
CA THR D 308 -17.27 -11.06 -5.72
C THR D 308 -17.52 -10.22 -6.95
N CYS D 309 -16.53 -10.15 -7.83
CA CYS D 309 -16.67 -9.54 -9.15
C CYS D 309 -17.06 -10.65 -10.12
N GLN D 310 -18.25 -10.53 -10.72
CA GLN D 310 -18.86 -11.54 -11.59
C GLN D 310 -18.88 -10.92 -12.98
N VAL D 311 -18.08 -11.45 -13.89
CA VAL D 311 -17.96 -10.87 -15.21
C VAL D 311 -18.64 -11.83 -16.16
N THR D 312 -19.62 -11.36 -16.90
CA THR D 312 -20.25 -12.24 -17.88
C THR D 312 -19.94 -11.68 -19.26
N TYR D 313 -19.17 -12.45 -20.01
CA TYR D 313 -18.67 -12.08 -21.32
C TYR D 313 -19.13 -13.18 -22.25
N GLN D 314 -19.90 -12.79 -23.28
CA GLN D 314 -20.51 -13.67 -24.30
C GLN D 314 -21.34 -14.81 -23.69
N GLY D 315 -22.01 -14.52 -22.57
CA GLY D 315 -22.83 -15.51 -21.90
C GLY D 315 -22.10 -16.38 -20.90
N HIS D 316 -20.77 -16.29 -20.82
CA HIS D 316 -20.01 -17.12 -19.91
C HIS D 316 -19.47 -16.30 -18.74
N THR D 317 -19.37 -16.94 -17.59
CA THR D 317 -19.05 -16.28 -16.33
C THR D 317 -17.58 -16.52 -15.98
N PHE D 318 -16.92 -15.45 -15.59
CA PHE D 318 -15.55 -15.36 -15.13
C PHE D 318 -15.59 -14.68 -13.77
N GLU D 319 -14.81 -15.20 -12.81
CA GLU D 319 -14.95 -14.73 -11.45
C GLU D 319 -13.66 -14.34 -10.76
N ASP D 320 -13.79 -13.33 -9.87
CA ASP D 320 -12.78 -13.11 -8.85
C ASP D 320 -13.47 -12.68 -7.56
N SER D 321 -12.76 -12.86 -6.44
CA SER D 321 -13.34 -12.62 -5.12
C SER D 321 -12.32 -12.00 -4.19
N THR D 322 -12.85 -11.40 -3.12
CA THR D 322 -12.04 -10.73 -2.10
C THR D 322 -12.83 -10.79 -0.80
N LYS D 323 -12.11 -10.61 0.30
CA LYS D 323 -12.65 -10.39 1.63
C LYS D 323 -11.55 -9.64 2.34
N LYS D 324 -11.83 -9.19 3.59
CA LYS D 324 -10.85 -8.43 4.35
C LYS D 324 -9.59 -9.29 4.50
N CYS D 325 -8.43 -8.64 4.36
CA CYS D 325 -7.17 -9.35 4.31
C CYS D 325 -6.82 -9.98 5.68
N ALA D 326 -5.78 -10.84 5.71
CA ALA D 326 -5.33 -11.44 6.97
C ALA D 326 -3.90 -11.02 7.27
N ASP D 327 -3.71 -10.39 8.43
CA ASP D 327 -2.53 -9.58 8.73
C ASP D 327 -1.48 -10.39 9.53
N SER D 328 -1.19 -11.62 9.09
CA SER D 328 0.06 -12.39 9.31
C SER D 328 0.54 -12.70 10.73
N ASN D 329 -0.10 -12.13 11.76
CA ASN D 329 0.22 -12.43 13.17
C ASN D 329 -1.10 -12.44 13.92
N PRO D 330 -1.81 -13.58 13.91
CA PRO D 330 -3.18 -13.58 14.46
C PRO D 330 -3.25 -13.50 15.97
N ARG D 331 -2.29 -14.12 16.65
CA ARG D 331 -2.23 -14.16 18.11
C ARG D 331 -0.87 -13.68 18.59
N GLY D 332 -0.22 -12.80 17.85
CA GLY D 332 1.06 -12.28 18.31
C GLY D 332 2.24 -13.15 17.95
N VAL D 333 1.99 -14.32 17.35
CA VAL D 333 3.00 -15.26 16.91
C VAL D 333 3.78 -14.61 15.77
N SER D 334 5.05 -15.00 15.60
CA SER D 334 5.71 -14.61 14.36
C SER D 334 6.24 -15.82 13.61
N ALA D 335 6.29 -15.68 12.29
CA ALA D 335 6.85 -16.70 11.42
C ALA D 335 7.70 -16.06 10.34
N TYR D 336 8.81 -16.70 10.04
CA TYR D 336 9.81 -16.22 9.11
C TYR D 336 10.18 -17.37 8.20
N LEU D 337 10.48 -17.05 6.95
CA LEU D 337 10.76 -18.08 5.96
C LEU D 337 11.91 -17.58 5.09
N SER D 338 13.00 -18.33 5.08
CA SER D 338 14.22 -17.86 4.45
C SER D 338 14.30 -18.33 2.99
N ARG D 339 15.21 -17.74 2.26
CA ARG D 339 15.62 -18.19 0.95
C ARG D 339 16.87 -19.06 1.08
N PRO D 340 17.22 -19.89 0.06
CA PRO D 340 18.46 -20.67 0.17
C PRO D 340 19.69 -19.79 0.20
N SER D 341 20.71 -20.27 0.87
CA SER D 341 21.95 -19.54 0.74
C SER D 341 22.56 -19.88 -0.62
N PRO D 342 23.20 -18.92 -1.28
CA PRO D 342 23.83 -19.20 -2.59
C PRO D 342 24.93 -20.24 -2.52
N PHE D 343 25.69 -20.29 -1.41
CA PHE D 343 26.72 -21.31 -1.20
C PHE D 343 26.10 -22.71 -1.16
N ASP D 344 24.99 -22.85 -0.42
CA ASP D 344 24.27 -24.12 -0.35
C ASP D 344 23.73 -24.52 -1.71
N LEU D 345 23.26 -23.54 -2.46
CA LEU D 345 22.62 -23.75 -3.75
C LEU D 345 23.60 -24.10 -4.85
N PHE D 346 24.68 -23.32 -4.97
CA PHE D 346 25.58 -23.43 -6.12
C PHE D 346 26.88 -24.18 -5.86
N ILE D 347 27.36 -24.26 -4.62
CA ILE D 347 28.64 -24.91 -4.35
C ILE D 347 28.40 -26.31 -3.83
N ARG D 348 27.65 -26.42 -2.75
CA ARG D 348 27.34 -27.74 -2.22
C ARG D 348 26.29 -28.44 -3.07
N LYS D 349 25.49 -27.67 -3.81
CA LYS D 349 24.34 -28.10 -4.62
C LYS D 349 23.33 -28.88 -3.80
N SER D 350 23.10 -28.41 -2.57
CA SER D 350 22.04 -28.92 -1.72
C SER D 350 21.34 -27.75 -1.03
N PRO D 351 20.53 -26.97 -1.78
CA PRO D 351 19.89 -25.81 -1.18
C PRO D 351 18.77 -26.24 -0.25
N THR D 352 18.60 -25.45 0.81
CA THR D 352 17.54 -25.68 1.78
C THR D 352 16.89 -24.34 2.07
N ILE D 353 15.64 -24.42 2.54
CA ILE D 353 14.95 -23.25 3.07
C ILE D 353 14.49 -23.59 4.48
N THR D 354 14.29 -22.55 5.27
CA THR D 354 14.00 -22.76 6.68
C THR D 354 12.81 -21.90 7.07
N CYS D 355 11.84 -22.52 7.73
CA CYS D 355 10.65 -21.87 8.23
C CYS D 355 10.75 -21.88 9.74
N LEU D 356 10.70 -20.71 10.34
CA LEU D 356 10.86 -20.58 11.78
C LEU D 356 9.65 -19.87 12.36
N VAL D 357 9.04 -20.45 13.37
CA VAL D 357 7.87 -19.86 13.98
C VAL D 357 8.19 -19.71 15.47
N VAL D 358 8.08 -18.47 15.94
CA VAL D 358 8.47 -18.08 17.29
C VAL D 358 7.26 -17.53 18.01
N ASP D 359 7.40 -17.55 19.35
CA ASP D 359 6.51 -17.00 20.36
C ASP D 359 5.19 -17.76 20.40
N LEU D 360 5.26 -19.05 20.10
CA LEU D 360 4.12 -19.91 20.31
C LEU D 360 4.01 -20.27 21.78
N ALA D 361 2.80 -20.66 22.19
CA ALA D 361 2.62 -21.12 23.54
C ALA D 361 3.04 -22.58 23.65
N PRO D 362 3.61 -22.98 24.78
CA PRO D 362 4.01 -24.39 24.95
C PRO D 362 2.88 -25.37 25.28
N SER D 363 1.64 -25.13 24.86
CA SER D 363 0.51 -25.99 25.21
C SER D 363 0.58 -27.34 24.49
N LYS D 364 -0.36 -28.21 24.84
CA LYS D 364 -0.46 -29.51 24.21
C LYS D 364 -1.08 -29.37 22.81
N GLY D 365 -1.09 -30.46 22.06
CA GLY D 365 -1.58 -30.47 20.71
C GLY D 365 -0.49 -29.96 19.78
N THR D 366 0.14 -30.90 19.08
CA THR D 366 1.27 -30.62 18.20
C THR D 366 0.87 -29.72 17.04
N VAL D 367 1.78 -28.82 16.67
CA VAL D 367 1.53 -27.97 15.51
C VAL D 367 1.60 -28.79 14.23
N ASN D 368 0.72 -28.46 13.31
CA ASN D 368 0.66 -29.09 12.01
C ASN D 368 1.48 -28.22 11.06
N LEU D 369 2.67 -28.70 10.72
CA LEU D 369 3.52 -28.02 9.76
C LEU D 369 3.49 -28.74 8.43
N THR D 370 3.15 -28.00 7.38
CA THR D 370 3.03 -28.57 6.04
C THR D 370 3.70 -27.67 5.03
N TRP D 371 4.37 -28.26 4.05
CA TRP D 371 5.07 -27.55 3.01
C TRP D 371 4.31 -27.72 1.71
N SER D 372 4.43 -26.73 0.80
CA SER D 372 3.80 -26.90 -0.51
C SER D 372 4.38 -25.94 -1.54
N ARG D 373 4.17 -26.31 -2.80
CA ARG D 373 4.48 -25.52 -3.97
C ARG D 373 3.18 -25.04 -4.59
N ALA D 374 3.20 -23.84 -5.19
CA ALA D 374 2.01 -23.28 -5.85
C ALA D 374 1.56 -24.11 -7.04
N SER D 375 2.48 -24.83 -7.68
CA SER D 375 2.20 -25.69 -8.82
C SER D 375 1.61 -27.04 -8.42
N GLY D 376 1.60 -27.38 -7.13
CA GLY D 376 1.08 -28.67 -6.72
C GLY D 376 2.01 -29.85 -6.88
N LYS D 377 3.22 -29.65 -7.38
CA LYS D 377 4.20 -30.72 -7.48
C LYS D 377 4.66 -31.16 -6.08
N PRO D 378 5.20 -32.39 -5.93
CA PRO D 378 5.49 -32.89 -4.59
C PRO D 378 6.70 -32.23 -3.93
N VAL D 379 6.69 -32.23 -2.61
CA VAL D 379 7.82 -31.76 -1.82
C VAL D 379 8.34 -32.94 -1.00
N ASN D 380 9.59 -32.81 -0.57
CA ASN D 380 10.18 -33.85 0.25
C ASN D 380 9.74 -33.70 1.71
N HIS D 381 10.14 -34.67 2.52
CA HIS D 381 10.03 -34.53 3.96
C HIS D 381 11.01 -33.46 4.46
N SER D 382 10.68 -32.87 5.60
CA SER D 382 11.55 -31.85 6.17
C SER D 382 11.98 -32.30 7.56
N THR D 383 12.94 -31.54 8.11
CA THR D 383 13.35 -31.70 9.51
C THR D 383 12.48 -30.88 10.44
N ARG D 384 11.37 -31.48 10.88
CA ARG D 384 10.52 -30.80 11.84
C ARG D 384 11.18 -30.87 13.22
N LYS D 385 11.30 -29.71 13.88
CA LYS D 385 11.94 -29.62 15.19
C LYS D 385 11.23 -28.58 16.04
N GLU D 386 10.98 -28.92 17.29
CA GLU D 386 10.42 -27.98 18.25
C GLU D 386 11.40 -27.87 19.42
N GLU D 387 11.49 -26.68 20.03
CA GLU D 387 12.14 -26.54 21.32
C GLU D 387 11.64 -25.32 22.11
N LYS D 388 11.39 -25.56 23.39
CA LYS D 388 11.04 -24.53 24.34
C LYS D 388 12.26 -23.66 24.65
N GLN D 389 12.05 -22.35 24.77
CA GLN D 389 13.14 -21.41 25.02
C GLN D 389 13.23 -21.11 26.52
N ARG D 390 14.35 -20.49 26.91
CA ARG D 390 14.61 -20.16 28.32
C ARG D 390 13.63 -19.12 28.89
N ASN D 391 13.03 -18.34 28.02
CA ASN D 391 12.04 -17.32 28.30
C ASN D 391 10.61 -17.82 28.20
N GLY D 392 10.43 -19.13 28.16
CA GLY D 392 9.11 -19.70 28.19
C GLY D 392 8.33 -19.78 26.90
N THR D 393 8.93 -19.44 25.79
CA THR D 393 8.21 -19.55 24.53
C THR D 393 8.60 -20.86 23.87
N LEU D 394 7.92 -21.18 22.78
CA LEU D 394 8.23 -22.39 22.05
C LEU D 394 8.46 -21.98 20.61
N THR D 395 9.60 -22.40 20.06
CA THR D 395 9.90 -22.18 18.66
C THR D 395 9.91 -23.51 17.91
N VAL D 396 9.37 -23.48 16.71
CA VAL D 396 9.38 -24.64 15.84
C VAL D 396 10.17 -24.20 14.63
N THR D 397 11.10 -25.05 14.21
CA THR D 397 11.95 -24.77 13.08
C THR D 397 11.89 -25.96 12.15
N SER D 398 11.83 -25.67 10.86
CA SER D 398 11.84 -26.71 9.86
C SER D 398 12.76 -26.31 8.74
N THR D 399 13.49 -27.28 8.23
CA THR D 399 14.39 -27.05 7.13
C THR D 399 14.03 -28.04 6.03
N LEU D 400 13.74 -27.53 4.86
CA LEU D 400 13.34 -28.32 3.74
C LEU D 400 14.41 -28.30 2.67
N PRO D 401 14.88 -29.44 2.18
CA PRO D 401 15.76 -29.41 1.01
C PRO D 401 14.89 -29.20 -0.21
N VAL D 402 15.40 -28.38 -1.14
CA VAL D 402 14.67 -28.04 -2.35
C VAL D 402 15.56 -28.33 -3.56
N GLY D 403 14.90 -28.53 -4.70
CA GLY D 403 15.64 -28.74 -5.93
C GLY D 403 16.29 -27.45 -6.37
N THR D 404 17.54 -27.59 -6.85
CA THR D 404 18.33 -26.45 -7.34
C THR D 404 17.68 -25.81 -8.55
N ARG D 405 17.33 -26.64 -9.54
CA ARG D 405 16.69 -26.21 -10.77
C ARG D 405 15.29 -25.67 -10.50
N ASP D 406 14.55 -26.36 -9.62
CA ASP D 406 13.23 -25.94 -9.15
C ASP D 406 13.24 -24.51 -8.62
N TRP D 407 14.24 -24.20 -7.78
CA TRP D 407 14.37 -22.85 -7.22
C TRP D 407 14.70 -21.84 -8.32
N ILE D 408 15.67 -22.18 -9.19
CA ILE D 408 16.20 -21.25 -10.21
C ILE D 408 15.11 -20.85 -11.21
N GLU D 409 14.13 -21.72 -11.46
CA GLU D 409 13.08 -21.37 -12.41
C GLU D 409 11.92 -20.62 -11.76
N GLY D 410 12.01 -20.29 -10.48
CA GLY D 410 11.09 -19.35 -9.90
C GLY D 410 9.92 -19.96 -9.18
N GLU D 411 10.05 -21.19 -8.67
CA GLU D 411 8.99 -21.79 -7.86
C GLU D 411 8.79 -21.00 -6.57
N THR D 412 7.56 -21.02 -6.07
CA THR D 412 7.21 -20.41 -4.80
C THR D 412 6.94 -21.52 -3.82
N TYR D 413 7.53 -21.42 -2.65
CA TYR D 413 7.40 -22.44 -1.63
C TYR D 413 6.68 -21.83 -0.45
N GLN D 414 5.81 -22.62 0.17
CA GLN D 414 4.87 -22.13 1.16
C GLN D 414 5.00 -23.01 2.40
N CYS D 415 5.11 -22.35 3.54
CA CYS D 415 5.15 -22.97 4.86
C CYS D 415 3.84 -22.68 5.55
N ARG D 416 3.19 -23.73 6.04
CA ARG D 416 1.84 -23.66 6.59
C ARG D 416 1.80 -24.22 8.00
N VAL D 417 1.32 -23.41 8.94
CA VAL D 417 1.33 -23.79 10.35
C VAL D 417 -0.09 -23.72 10.89
N THR D 418 -0.49 -24.77 11.58
CA THR D 418 -1.78 -24.82 12.27
C THR D 418 -1.56 -25.22 13.71
N HIS D 419 -2.07 -24.42 14.63
CA HIS D 419 -2.06 -24.77 16.04
C HIS D 419 -3.51 -24.80 16.52
N PRO D 420 -3.86 -25.65 17.50
CA PRO D 420 -5.27 -25.72 17.98
C PRO D 420 -5.80 -24.43 18.58
N HIS D 421 -4.95 -23.63 19.20
CA HIS D 421 -5.37 -22.38 19.81
C HIS D 421 -5.42 -21.25 18.80
N LEU D 422 -4.80 -21.40 17.64
CA LEU D 422 -4.86 -20.34 16.65
C LEU D 422 -6.22 -20.36 15.94
N PRO D 423 -6.79 -19.17 15.64
CA PRO D 423 -8.14 -19.12 15.07
C PRO D 423 -8.14 -19.50 13.60
N ARG D 424 -7.02 -19.28 12.92
CA ARG D 424 -6.92 -19.64 11.52
C ARG D 424 -5.49 -20.04 11.22
N ALA D 425 -5.32 -20.70 10.08
CA ALA D 425 -4.04 -21.19 9.62
C ALA D 425 -3.15 -20.00 9.27
N LEU D 426 -1.85 -20.16 9.48
CA LEU D 426 -0.89 -19.11 9.17
C LEU D 426 0.02 -19.58 8.04
N MET D 427 0.23 -18.71 7.05
CA MET D 427 0.98 -19.09 5.86
C MET D 427 2.12 -18.11 5.63
N ARG D 428 3.24 -18.64 5.15
CA ARG D 428 4.35 -17.83 4.68
C ARG D 428 4.76 -18.35 3.31
N SER D 429 5.20 -17.46 2.44
CA SER D 429 5.58 -17.84 1.09
C SER D 429 6.89 -17.19 0.69
N THR D 430 7.68 -17.89 -0.10
CA THR D 430 8.96 -17.36 -0.55
C THR D 430 9.17 -17.79 -2.00
N THR D 431 9.89 -16.94 -2.72
CA THR D 431 10.19 -17.17 -4.13
C THR D 431 11.39 -16.35 -4.53
N LYS D 432 11.93 -16.68 -5.71
CA LYS D 432 13.07 -16.04 -6.31
C LYS D 432 12.68 -14.58 -6.68
N THR D 433 13.69 -13.72 -6.78
CA THR D 433 13.49 -12.29 -7.06
C THR D 433 12.90 -12.03 -8.45
N SER D 434 12.16 -10.94 -8.55
CA SER D 434 11.55 -10.54 -9.80
C SER D 434 12.26 -9.33 -10.41
N GLY D 435 13.38 -8.94 -9.82
CA GLY D 435 14.10 -7.78 -10.28
C GLY D 435 15.11 -8.27 -11.29
N PRO D 436 15.99 -7.40 -11.76
CA PRO D 436 16.98 -7.83 -12.76
C PRO D 436 18.14 -8.60 -12.16
N ARG D 437 19.12 -8.94 -12.99
CA ARG D 437 20.32 -9.63 -12.54
C ARG D 437 21.56 -8.85 -12.97
N ALA D 438 22.54 -8.80 -12.07
CA ALA D 438 23.81 -8.12 -12.32
C ALA D 438 24.88 -8.88 -11.58
N ALA D 439 25.98 -9.21 -12.27
CA ALA D 439 27.00 -10.01 -11.63
C ALA D 439 27.84 -9.16 -10.67
N PRO D 440 28.40 -9.75 -9.61
CA PRO D 440 29.18 -8.94 -8.68
C PRO D 440 30.57 -8.66 -9.21
N GLU D 441 31.07 -7.48 -8.85
CA GLU D 441 32.48 -7.16 -8.96
C GLU D 441 33.16 -7.54 -7.66
N VAL D 442 34.35 -8.13 -7.75
CA VAL D 442 35.10 -8.60 -6.59
C VAL D 442 36.47 -7.95 -6.65
N TYR D 443 36.84 -7.26 -5.57
CA TYR D 443 38.15 -6.63 -5.45
C TYR D 443 38.74 -7.07 -4.12
N ALA D 444 40.02 -7.39 -4.10
CA ALA D 444 40.63 -7.89 -2.88
C ALA D 444 41.94 -7.17 -2.62
N PHE D 445 42.13 -6.74 -1.38
CA PHE D 445 43.29 -5.93 -1.01
C PHE D 445 43.92 -6.50 0.24
N ALA D 446 45.25 -6.35 0.31
CA ALA D 446 46.01 -6.66 1.50
C ALA D 446 46.49 -5.35 2.09
N THR D 447 46.34 -5.20 3.41
CA THR D 447 46.86 -4.02 4.08
C THR D 447 48.39 -4.02 4.07
N PRO D 448 49.02 -2.85 3.96
CA PRO D 448 50.45 -2.76 4.22
C PRO D 448 50.76 -2.96 5.69
N GLU D 449 52.04 -3.23 5.96
CA GLU D 449 52.51 -3.43 7.33
C GLU D 449 52.35 -2.17 8.17
N TRP D 450 51.76 -2.34 9.36
CA TRP D 450 51.63 -1.27 10.33
C TRP D 450 52.69 -1.44 11.40
N PRO D 451 53.38 -0.35 11.79
CA PRO D 451 54.48 -0.44 12.78
C PRO D 451 54.04 -1.04 14.12
N GLY D 452 54.75 -2.06 14.55
CA GLY D 452 54.39 -2.73 15.79
C GLY D 452 53.48 -3.93 15.64
N SER D 453 53.08 -4.29 14.42
CA SER D 453 52.17 -5.41 14.20
C SER D 453 52.75 -6.34 13.14
N ARG D 454 53.94 -6.86 13.45
CA ARG D 454 54.74 -7.66 12.51
C ARG D 454 54.09 -8.99 12.15
N ASP D 455 53.28 -9.56 13.04
CA ASP D 455 52.85 -10.94 12.85
C ASP D 455 51.38 -11.04 12.48
N LYS D 456 50.75 -9.95 12.08
CA LYS D 456 49.36 -9.96 11.66
C LYS D 456 49.18 -9.06 10.45
N ARG D 457 48.21 -9.44 9.60
CA ARG D 457 47.74 -8.58 8.51
C ARG D 457 46.23 -8.70 8.42
N THR D 458 45.62 -7.74 7.74
CA THR D 458 44.20 -7.76 7.48
C THR D 458 43.97 -7.81 5.98
N LEU D 459 43.08 -8.71 5.54
CA LEU D 459 42.64 -8.78 4.17
C LEU D 459 41.24 -8.19 4.06
N ALA D 460 41.02 -7.40 3.02
CA ALA D 460 39.72 -6.76 2.79
C ALA D 460 39.21 -7.11 1.42
N CYS D 461 37.93 -7.48 1.33
CA CYS D 461 37.32 -7.84 0.07
C CYS D 461 36.09 -6.95 -0.13
N LEU D 462 36.03 -6.28 -1.28
CA LEU D 462 34.87 -5.48 -1.64
C LEU D 462 34.11 -6.15 -2.78
N ILE D 463 32.83 -6.43 -2.55
CA ILE D 463 31.98 -7.12 -3.52
C ILE D 463 30.82 -6.18 -3.80
N GLN D 464 30.62 -5.83 -5.07
CA GLN D 464 29.72 -4.72 -5.35
C GLN D 464 29.03 -4.85 -6.69
N ASN D 465 27.92 -4.09 -6.80
CA ASN D 465 27.12 -3.88 -8.01
C ASN D 465 26.38 -5.13 -8.44
N PHE D 466 26.10 -6.01 -7.50
CA PHE D 466 25.34 -7.21 -7.83
C PHE D 466 23.85 -7.03 -7.61
N MET D 467 23.07 -7.80 -8.36
CA MET D 467 21.65 -7.80 -8.22
C MET D 467 21.22 -9.23 -8.54
N PRO D 468 20.33 -9.86 -7.76
CA PRO D 468 19.69 -9.42 -6.51
C PRO D 468 20.59 -9.43 -5.28
N GLU D 469 20.04 -9.22 -4.09
CA GLU D 469 20.88 -9.01 -2.92
C GLU D 469 21.44 -10.29 -2.30
N ASP D 470 20.96 -11.47 -2.69
CA ASP D 470 21.38 -12.70 -2.01
C ASP D 470 22.79 -13.09 -2.48
N ILE D 471 23.70 -13.28 -1.52
CA ILE D 471 25.10 -13.56 -1.85
C ILE D 471 25.74 -14.32 -0.70
N SER D 472 26.72 -15.18 -1.02
CA SER D 472 27.55 -15.83 -0.03
C SER D 472 29.01 -15.45 -0.23
N VAL D 473 29.74 -15.28 0.87
CA VAL D 473 31.14 -14.93 0.81
C VAL D 473 31.93 -16.00 1.57
N GLN D 474 32.99 -16.50 0.95
CA GLN D 474 33.88 -17.43 1.61
C GLN D 474 35.31 -16.95 1.44
N TRP D 475 36.16 -17.36 2.37
CA TRP D 475 37.59 -17.15 2.26
C TRP D 475 38.26 -18.51 2.21
N LEU D 476 39.27 -18.63 1.36
CA LEU D 476 40.01 -19.85 1.24
C LEU D 476 41.50 -19.59 1.43
N HIS D 477 42.16 -20.55 2.07
CA HIS D 477 43.60 -20.57 2.24
C HIS D 477 44.08 -21.99 2.08
N ASN D 478 45.09 -22.17 1.22
CA ASN D 478 45.72 -23.45 0.89
C ASN D 478 44.70 -24.42 0.30
N GLU D 479 43.88 -23.88 -0.61
CA GLU D 479 42.81 -24.50 -1.40
C GLU D 479 41.62 -25.00 -0.57
N VAL D 480 41.60 -24.75 0.75
CA VAL D 480 40.53 -25.20 1.62
C VAL D 480 39.85 -23.96 2.19
N GLN D 481 38.53 -24.03 2.31
CA GLN D 481 37.76 -22.90 2.79
C GLN D 481 37.93 -22.76 4.30
N LEU D 482 38.25 -21.55 4.72
CA LEU D 482 38.50 -21.21 6.10
C LEU D 482 37.17 -21.15 6.87
N PRO D 483 37.18 -21.43 8.18
CA PRO D 483 35.97 -21.29 9.01
C PRO D 483 35.37 -19.89 8.98
N ASP D 484 34.04 -19.85 9.06
CA ASP D 484 33.28 -18.60 9.01
C ASP D 484 33.60 -17.67 10.18
N ALA D 485 33.95 -18.22 11.35
CA ALA D 485 34.29 -17.41 12.52
C ALA D 485 35.58 -16.58 12.34
N ARG D 486 36.41 -16.90 11.35
CA ARG D 486 37.68 -16.22 11.15
C ARG D 486 37.51 -14.85 10.52
N HIS D 487 36.38 -14.61 9.85
CA HIS D 487 36.20 -13.42 9.06
C HIS D 487 34.83 -12.81 9.33
N SER D 488 34.73 -11.52 9.09
CA SER D 488 33.52 -10.76 9.33
C SER D 488 33.05 -10.12 8.03
N THR D 489 31.78 -10.32 7.70
CA THR D 489 31.22 -9.76 6.48
C THR D 489 29.95 -9.01 6.84
N THR D 490 29.79 -7.82 6.26
CA THR D 490 28.64 -6.97 6.50
C THR D 490 27.41 -7.47 5.75
N GLN D 491 26.26 -6.90 6.11
CA GLN D 491 24.99 -7.19 5.48
C GLN D 491 24.87 -6.36 4.21
N PRO D 492 24.18 -6.87 3.18
CA PRO D 492 24.06 -6.11 1.92
C PRO D 492 23.32 -4.78 2.08
N ARG D 493 23.91 -3.74 1.52
CA ARG D 493 23.36 -2.40 1.50
C ARG D 493 23.49 -1.89 0.08
N LYS D 494 22.59 -0.99 -0.31
CA LYS D 494 22.56 -0.46 -1.67
C LYS D 494 23.75 0.43 -1.96
N THR D 495 24.28 0.31 -3.18
CA THR D 495 25.24 1.27 -3.72
C THR D 495 24.57 2.62 -4.04
N LYS D 496 25.34 3.51 -4.68
CA LYS D 496 24.79 4.79 -5.11
C LYS D 496 23.90 4.65 -6.33
N GLY D 497 24.16 3.66 -7.18
CA GLY D 497 23.32 3.46 -8.34
C GLY D 497 22.64 2.11 -8.27
N SER D 498 22.97 1.24 -9.22
CA SER D 498 22.37 -0.08 -9.28
C SER D 498 23.18 -1.07 -8.44
N GLY D 499 22.47 -1.88 -7.68
CA GLY D 499 23.08 -3.03 -7.03
C GLY D 499 23.49 -2.76 -5.60
N PHE D 500 24.12 -3.78 -5.02
CA PHE D 500 24.40 -3.83 -3.60
C PHE D 500 25.90 -4.03 -3.41
N PHE D 501 26.39 -3.76 -2.20
CA PHE D 501 27.75 -4.11 -1.86
C PHE D 501 27.86 -4.69 -0.46
N VAL D 502 28.94 -5.46 -0.26
CA VAL D 502 29.40 -5.90 1.05
C VAL D 502 30.93 -5.80 1.09
N PHE D 503 31.43 -5.68 2.31
CA PHE D 503 32.86 -5.79 2.63
C PHE D 503 33.08 -7.03 3.47
N SER D 504 34.22 -7.69 3.26
CA SER D 504 34.64 -8.78 4.14
C SER D 504 36.03 -8.52 4.67
N ARG D 505 36.25 -8.90 5.93
CA ARG D 505 37.47 -8.62 6.67
C ARG D 505 38.00 -9.91 7.25
N LEU D 506 39.29 -10.18 7.02
CA LEU D 506 39.91 -11.38 7.56
C LEU D 506 41.28 -11.06 8.16
N GLU D 507 41.41 -11.24 9.46
CA GLU D 507 42.71 -11.10 10.11
C GLU D 507 43.50 -12.39 9.95
N VAL D 508 44.77 -12.27 9.57
CA VAL D 508 45.64 -13.41 9.37
C VAL D 508 46.92 -13.23 10.18
N THR D 509 47.58 -14.35 10.40
CA THR D 509 48.80 -14.46 11.19
C THR D 509 49.96 -14.78 10.26
N ARG D 510 51.17 -14.50 10.77
CA ARG D 510 52.42 -14.71 10.03
C ARG D 510 52.61 -16.16 9.62
N ALA D 511 52.27 -17.11 10.52
CA ALA D 511 52.34 -18.55 10.27
C ALA D 511 51.52 -18.96 9.04
N GLU D 512 50.37 -18.31 8.86
CA GLU D 512 49.47 -18.62 7.76
C GLU D 512 50.06 -18.17 6.43
N TRP D 513 50.53 -16.91 6.35
CA TRP D 513 51.06 -16.44 5.08
C TRP D 513 52.43 -17.02 4.79
N GLU D 514 53.20 -17.40 5.80
CA GLU D 514 54.44 -18.12 5.52
C GLU D 514 54.14 -19.54 5.05
N GLN D 515 53.01 -20.10 5.49
CA GLN D 515 52.59 -21.40 4.99
C GLN D 515 52.11 -21.30 3.54
N LYS D 516 51.24 -20.33 3.28
CA LYS D 516 50.84 -19.94 1.92
C LYS D 516 50.30 -18.51 1.99
N ASP D 517 50.88 -17.61 1.21
CA ASP D 517 50.57 -16.19 1.31
C ASP D 517 49.46 -15.83 0.32
N GLU D 518 48.96 -16.80 -0.44
CA GLU D 518 47.86 -16.54 -1.34
C GLU D 518 46.56 -16.94 -0.65
N PHE D 519 45.61 -16.01 -0.58
CA PHE D 519 44.29 -16.21 0.03
C PHE D 519 43.23 -15.77 -0.94
N ILE D 520 42.14 -16.53 -1.04
CA ILE D 520 41.12 -16.30 -2.06
C ILE D 520 39.84 -15.82 -1.40
N CYS D 521 39.34 -14.68 -1.85
CA CYS D 521 38.00 -14.19 -1.50
C CYS D 521 37.04 -14.59 -2.61
N ARG D 522 36.07 -15.45 -2.29
CA ARG D 522 35.17 -15.97 -3.31
C ARG D 522 33.74 -15.59 -2.97
N ALA D 523 33.03 -15.05 -3.95
CA ALA D 523 31.63 -14.69 -3.82
C ALA D 523 30.80 -15.63 -4.66
N VAL D 524 29.71 -16.10 -4.08
CA VAL D 524 28.72 -16.90 -4.78
C VAL D 524 27.45 -16.07 -4.91
N HIS D 525 26.96 -15.93 -6.14
CA HIS D 525 25.86 -15.03 -6.45
C HIS D 525 25.17 -15.58 -7.68
N GLU D 526 23.83 -15.53 -7.68
CA GLU D 526 23.00 -16.15 -8.71
C GLU D 526 23.20 -15.57 -10.12
N ALA D 527 23.67 -14.34 -10.22
CA ALA D 527 23.82 -13.65 -11.49
C ALA D 527 25.20 -13.84 -12.10
N ALA D 528 26.09 -14.52 -11.39
CA ALA D 528 27.47 -14.72 -11.83
C ALA D 528 27.54 -15.87 -12.82
N SER D 529 28.41 -15.71 -13.82
CA SER D 529 28.50 -16.65 -14.92
C SER D 529 29.93 -17.17 -15.07
N PRO D 530 30.14 -18.46 -15.42
CA PRO D 530 29.15 -19.48 -15.81
C PRO D 530 28.64 -20.37 -14.67
N SER D 531 29.18 -20.33 -13.45
CA SER D 531 28.78 -21.30 -12.46
C SER D 531 28.40 -20.62 -11.15
N GLN D 532 27.89 -19.39 -11.26
CA GLN D 532 27.36 -18.58 -10.15
C GLN D 532 28.41 -18.27 -9.09
N THR D 533 29.67 -18.13 -9.52
CA THR D 533 30.79 -18.05 -8.61
C THR D 533 31.86 -17.18 -9.24
N VAL D 534 32.27 -16.14 -8.55
CA VAL D 534 33.38 -15.31 -9.00
C VAL D 534 34.28 -15.03 -7.80
N GLN D 535 35.59 -15.12 -8.02
CA GLN D 535 36.53 -15.03 -6.93
C GLN D 535 37.71 -14.18 -7.34
N ARG D 536 38.47 -13.78 -6.33
CA ARG D 536 39.69 -13.03 -6.56
C ARG D 536 40.64 -13.42 -5.45
N ALA D 537 41.84 -13.80 -5.85
CA ALA D 537 42.86 -14.13 -4.88
C ALA D 537 43.69 -12.88 -4.59
N VAL D 538 44.37 -12.87 -3.44
CA VAL D 538 45.28 -11.78 -3.13
C VAL D 538 46.46 -12.36 -2.34
N SER D 539 47.62 -11.74 -2.51
CA SER D 539 48.85 -12.07 -1.82
C SER D 539 49.33 -10.85 -1.05
N SER D 540 50.25 -11.07 -0.11
CA SER D 540 50.96 -9.94 0.53
C SER D 540 52.38 -9.82 -0.04
N VAL D 541 52.46 -9.63 -1.36
CA VAL D 541 53.74 -9.44 -2.02
C VAL D 541 53.78 -8.07 -2.66
N ASN D 542 54.98 -7.67 -3.06
CA ASN D 542 55.26 -6.45 -3.80
C ASN D 542 55.58 -6.86 -5.25
N PRO D 543 55.61 -5.90 -6.20
CA PRO D 543 56.10 -6.23 -7.55
C PRO D 543 57.54 -6.73 -7.63
N GLY D 544 58.47 -6.08 -6.91
CA GLY D 544 59.89 -6.46 -6.75
C GLY D 544 60.68 -6.65 -8.05
N GLU E 1 -47.78 -72.31 -27.53
CA GLU E 1 -47.50 -73.74 -27.47
C GLU E 1 -46.98 -74.23 -28.82
N LEU E 2 -47.31 -73.51 -29.89
CA LEU E 2 -46.80 -73.84 -31.21
C LEU E 2 -45.76 -72.81 -31.63
N ASP E 3 -44.79 -73.26 -32.43
CA ASP E 3 -43.60 -72.48 -32.74
C ASP E 3 -43.55 -72.11 -34.21
N MET E 4 -42.92 -70.98 -34.48
CA MET E 4 -42.60 -70.54 -35.84
C MET E 4 -41.14 -70.11 -35.88
N THR E 5 -40.31 -70.93 -36.53
CA THR E 5 -38.87 -70.74 -36.54
C THR E 5 -38.51 -70.07 -37.86
N GLN E 6 -38.03 -68.82 -37.77
CA GLN E 6 -37.57 -68.07 -38.92
C GLN E 6 -36.04 -68.11 -38.94
N THR E 7 -35.49 -68.69 -40.00
CA THR E 7 -34.06 -68.87 -40.15
C THR E 7 -33.59 -68.33 -41.49
N PRO E 8 -32.44 -67.64 -41.54
CA PRO E 8 -31.57 -67.22 -40.43
C PRO E 8 -32.07 -65.94 -39.77
N SER E 9 -31.47 -65.52 -38.66
CA SER E 9 -31.82 -64.21 -38.09
C SER E 9 -31.11 -63.07 -38.80
N SER E 10 -30.04 -63.35 -39.54
CA SER E 10 -29.31 -62.34 -40.28
C SER E 10 -28.70 -62.96 -41.52
N VAL E 11 -28.68 -62.20 -42.60
CA VAL E 11 -28.13 -62.65 -43.87
C VAL E 11 -27.59 -61.42 -44.61
N SER E 12 -26.48 -61.60 -45.32
CA SER E 12 -25.86 -60.52 -46.07
C SER E 12 -25.64 -60.95 -47.51
N ALA E 13 -25.95 -60.04 -48.43
CA ALA E 13 -25.78 -60.27 -49.86
C ALA E 13 -25.66 -58.91 -50.54
N PRO E 14 -24.85 -58.79 -51.60
CA PRO E 14 -24.66 -57.49 -52.24
C PRO E 14 -25.84 -57.11 -53.15
N VAL E 15 -25.67 -55.99 -53.84
CA VAL E 15 -26.68 -55.50 -54.78
C VAL E 15 -26.66 -56.39 -56.02
N GLY E 16 -27.82 -56.94 -56.36
CA GLY E 16 -27.94 -57.90 -57.44
C GLY E 16 -27.93 -59.34 -56.98
N GLY E 17 -27.67 -59.58 -55.70
CA GLY E 17 -27.72 -60.92 -55.15
C GLY E 17 -29.13 -61.32 -54.76
N SER E 18 -29.21 -62.45 -54.06
CA SER E 18 -30.49 -62.98 -53.61
C SER E 18 -30.34 -63.51 -52.20
N VAL E 19 -31.42 -63.43 -51.43
CA VAL E 19 -31.47 -64.03 -50.10
C VAL E 19 -32.68 -64.95 -50.02
N THR E 20 -32.58 -65.94 -49.15
CA THR E 20 -33.66 -66.88 -48.87
C THR E 20 -33.91 -66.89 -47.36
N ILE E 21 -35.17 -66.67 -46.98
CA ILE E 21 -35.59 -66.67 -45.58
C ILE E 21 -36.61 -67.79 -45.43
N ASN E 22 -36.35 -68.71 -44.50
CA ASN E 22 -37.23 -69.85 -44.31
C ASN E 22 -38.00 -69.71 -43.01
N CYS E 23 -39.26 -70.11 -43.04
CA CYS E 23 -40.08 -70.24 -41.84
C CYS E 23 -40.60 -71.66 -41.77
N GLN E 24 -40.35 -72.30 -40.63
CA GLN E 24 -40.78 -73.66 -40.36
C GLN E 24 -41.74 -73.63 -39.19
N SER E 25 -42.90 -74.25 -39.36
CA SER E 25 -43.94 -74.23 -38.36
C SER E 25 -44.07 -75.60 -37.69
N SER E 26 -44.39 -75.58 -36.39
CA SER E 26 -44.56 -76.84 -35.67
C SER E 26 -45.87 -77.52 -36.01
N GLN E 27 -46.89 -76.75 -36.38
CA GLN E 27 -48.17 -77.27 -36.83
C GLN E 27 -48.47 -76.59 -38.16
N SER E 28 -49.11 -77.33 -39.07
CA SER E 28 -49.47 -76.78 -40.38
C SER E 28 -50.50 -75.65 -40.24
N VAL E 29 -50.34 -74.63 -41.09
CA VAL E 29 -51.18 -73.44 -41.06
C VAL E 29 -52.55 -73.76 -41.65
N TYR E 30 -53.49 -72.82 -41.50
CA TYR E 30 -54.89 -73.04 -41.86
C TYR E 30 -55.03 -73.10 -43.37
N GLY E 31 -55.52 -74.24 -43.88
CA GLY E 31 -55.63 -74.43 -45.31
C GLY E 31 -54.32 -74.66 -46.03
N ASN E 32 -53.24 -74.94 -45.29
CA ASN E 32 -51.88 -75.26 -45.72
C ASN E 32 -51.15 -74.13 -46.44
N ASN E 33 -51.72 -72.92 -46.48
CA ASN E 33 -51.05 -71.82 -47.18
C ASN E 33 -51.22 -70.46 -46.53
N TYR E 34 -51.88 -70.35 -45.37
CA TYR E 34 -52.14 -69.04 -44.78
C TYR E 34 -50.88 -68.54 -44.06
N LEU E 35 -49.98 -67.97 -44.85
CA LEU E 35 -48.80 -67.31 -44.33
C LEU E 35 -48.49 -66.09 -45.18
N ALA E 36 -48.05 -65.03 -44.51
CA ALA E 36 -47.71 -63.75 -45.09
C ALA E 36 -46.23 -63.43 -44.85
N TRP E 37 -45.68 -62.63 -45.73
CA TRP E 37 -44.32 -62.13 -45.62
C TRP E 37 -44.36 -60.60 -45.64
N TYR E 38 -43.76 -60.01 -44.61
CA TYR E 38 -43.77 -58.59 -44.32
C TYR E 38 -42.36 -58.02 -44.35
N GLN E 39 -42.24 -56.76 -44.77
CA GLN E 39 -41.01 -56.00 -44.72
C GLN E 39 -41.20 -54.80 -43.81
N GLN E 40 -40.28 -54.60 -42.87
CA GLN E 40 -40.38 -53.50 -41.93
C GLN E 40 -39.04 -52.79 -41.80
N LYS E 41 -39.10 -51.47 -41.86
CA LYS E 41 -37.98 -50.58 -41.57
C LYS E 41 -38.24 -49.87 -40.24
N ALA E 42 -37.27 -49.08 -39.80
CA ALA E 42 -37.33 -48.47 -38.47
C ALA E 42 -38.29 -47.29 -38.45
N GLY E 43 -39.11 -47.24 -37.40
CA GLY E 43 -40.09 -46.18 -37.23
C GLY E 43 -41.33 -46.33 -38.07
N GLN E 44 -41.52 -47.47 -38.73
CA GLN E 44 -42.57 -47.66 -39.72
C GLN E 44 -43.35 -48.92 -39.42
N PRO E 45 -44.64 -48.96 -39.79
CA PRO E 45 -45.39 -50.23 -39.76
C PRO E 45 -44.89 -51.18 -40.83
N PRO E 46 -45.06 -52.49 -40.65
CA PRO E 46 -44.61 -53.44 -41.68
C PRO E 46 -45.49 -53.40 -42.93
N LYS E 47 -44.84 -53.68 -44.06
CA LYS E 47 -45.48 -53.61 -45.36
C LYS E 47 -45.62 -55.01 -45.92
N LEU E 48 -46.84 -55.33 -46.37
CA LEU E 48 -47.12 -56.67 -46.88
C LEU E 48 -46.47 -56.89 -48.24
N LEU E 49 -45.70 -57.97 -48.35
CA LEU E 49 -45.11 -58.40 -49.60
C LEU E 49 -45.81 -59.62 -50.17
N ILE E 50 -45.95 -60.66 -49.36
CA ILE E 50 -46.58 -61.91 -49.78
C ILE E 50 -47.75 -62.18 -48.84
N TYR E 51 -48.89 -62.54 -49.40
CA TYR E 51 -49.95 -63.17 -48.62
C TYR E 51 -50.33 -64.46 -49.34
N ARG E 52 -50.94 -65.38 -48.57
CA ARG E 52 -51.36 -66.74 -49.01
C ARG E 52 -50.19 -67.57 -49.53
N ALA E 53 -48.98 -67.28 -49.00
CA ALA E 53 -47.69 -67.98 -49.13
C ALA E 53 -47.03 -67.93 -50.50
N SER E 54 -47.74 -67.45 -51.54
CA SER E 54 -47.10 -67.26 -52.84
C SER E 54 -47.60 -66.01 -53.56
N THR E 55 -48.75 -65.48 -53.15
CA THR E 55 -49.39 -64.42 -53.91
C THR E 55 -48.78 -63.08 -53.52
N LEU E 56 -48.30 -62.36 -54.53
CA LEU E 56 -47.64 -61.07 -54.32
C LEU E 56 -48.68 -60.01 -53.96
N ALA E 57 -48.35 -59.19 -52.96
CA ALA E 57 -49.25 -58.12 -52.56
C ALA E 57 -49.19 -56.98 -53.56
N SER E 58 -50.22 -56.12 -53.51
CA SER E 58 -50.32 -55.01 -54.44
C SER E 58 -49.33 -53.92 -54.05
N GLY E 59 -48.49 -53.51 -55.00
CA GLY E 59 -47.45 -52.54 -54.77
C GLY E 59 -46.10 -53.15 -54.50
N ALA E 60 -46.04 -54.41 -54.11
CA ALA E 60 -44.77 -55.10 -53.91
C ALA E 60 -44.16 -55.46 -55.27
N PRO E 61 -42.84 -55.38 -55.41
CA PRO E 61 -42.21 -55.71 -56.70
C PRO E 61 -42.19 -57.21 -56.94
N SER E 62 -41.96 -57.56 -58.21
CA SER E 62 -42.01 -58.96 -58.64
C SER E 62 -40.79 -59.76 -58.21
N ARG E 63 -39.73 -59.11 -57.74
CA ARG E 63 -38.53 -59.79 -57.29
C ARG E 63 -38.69 -60.47 -55.92
N PHE E 64 -39.77 -60.20 -55.20
CA PHE E 64 -40.11 -60.91 -53.99
C PHE E 64 -40.94 -62.13 -54.36
N LYS E 65 -40.46 -63.32 -54.04
CA LYS E 65 -41.14 -64.55 -54.43
C LYS E 65 -41.34 -65.42 -53.19
N GLY E 66 -42.59 -65.67 -52.83
CA GLY E 66 -42.92 -66.57 -51.75
C GLY E 66 -43.22 -67.95 -52.28
N SER E 67 -42.92 -68.95 -51.46
CA SER E 67 -43.15 -70.35 -51.83
C SER E 67 -43.30 -71.16 -50.56
N GLY E 68 -43.81 -72.37 -50.71
CA GLY E 68 -43.90 -73.31 -49.61
C GLY E 68 -45.33 -73.72 -49.33
N SER E 69 -45.45 -74.74 -48.49
CA SER E 69 -46.75 -75.28 -48.13
C SER E 69 -46.64 -75.95 -46.78
N GLY E 70 -47.78 -76.08 -46.11
CA GLY E 70 -47.88 -76.93 -44.93
C GLY E 70 -47.23 -76.31 -43.72
N THR E 71 -46.04 -76.79 -43.43
CA THR E 71 -45.19 -76.24 -42.40
C THR E 71 -43.97 -75.50 -42.93
N GLN E 72 -43.55 -75.73 -44.18
CA GLN E 72 -42.26 -75.24 -44.66
C GLN E 72 -42.49 -74.16 -45.72
N PHE E 73 -41.96 -72.96 -45.48
CA PHE E 73 -42.22 -71.80 -46.31
C PHE E 73 -40.93 -71.03 -46.50
N THR E 74 -40.79 -70.36 -47.64
CA THR E 74 -39.55 -69.71 -48.05
C THR E 74 -39.85 -68.44 -48.83
N LEU E 75 -39.24 -67.33 -48.42
CA LEU E 75 -39.23 -66.10 -49.20
C LEU E 75 -37.87 -65.96 -49.88
N THR E 76 -37.89 -65.68 -51.18
CA THR E 76 -36.69 -65.45 -51.97
C THR E 76 -36.72 -64.02 -52.48
N ILE E 77 -35.69 -63.26 -52.16
CA ILE E 77 -35.52 -61.91 -52.70
C ILE E 77 -34.33 -61.96 -53.64
N SER E 78 -34.62 -62.09 -54.93
CA SER E 78 -33.64 -61.92 -55.98
C SER E 78 -33.57 -60.45 -56.36
N ASP E 79 -32.48 -60.11 -57.08
CA ASP E 79 -32.20 -58.79 -57.67
C ASP E 79 -32.19 -57.69 -56.60
N LEU E 80 -31.26 -57.85 -55.66
CA LEU E 80 -31.26 -57.05 -54.44
C LEU E 80 -30.83 -55.61 -54.69
N GLU E 81 -31.52 -54.69 -54.04
CA GLU E 81 -31.24 -53.27 -54.10
C GLU E 81 -30.91 -52.78 -52.69
N SER E 82 -30.43 -51.53 -52.60
CA SER E 82 -30.12 -50.93 -51.31
C SER E 82 -31.37 -50.54 -50.54
N ASP E 83 -32.53 -50.45 -51.20
CA ASP E 83 -33.79 -50.21 -50.52
C ASP E 83 -34.25 -51.41 -49.71
N ASP E 84 -33.78 -52.61 -50.05
CA ASP E 84 -34.26 -53.84 -49.43
C ASP E 84 -33.59 -54.15 -48.09
N ALA E 85 -32.69 -53.29 -47.60
CA ALA E 85 -32.05 -53.47 -46.29
C ALA E 85 -33.06 -53.16 -45.20
N ALA E 86 -33.70 -54.21 -44.68
CA ALA E 86 -34.78 -54.08 -43.73
C ALA E 86 -34.88 -55.37 -42.93
N THR E 87 -35.90 -55.46 -42.08
CA THR E 87 -36.16 -56.66 -41.29
C THR E 87 -37.44 -57.32 -41.79
N TYR E 88 -37.37 -58.62 -42.06
CA TYR E 88 -38.44 -59.33 -42.74
C TYR E 88 -39.06 -60.36 -41.81
N TYR E 89 -40.37 -60.53 -41.92
CA TYR E 89 -41.14 -61.36 -41.01
C TYR E 89 -42.09 -62.26 -41.77
N CYS E 90 -42.44 -63.38 -41.15
CA CYS E 90 -43.50 -64.25 -41.65
C CYS E 90 -44.60 -64.40 -40.61
N LEU E 91 -45.83 -64.51 -41.11
CA LEU E 91 -47.04 -64.57 -40.28
C LEU E 91 -47.84 -65.80 -40.68
N GLY E 92 -48.08 -66.69 -39.75
CA GLY E 92 -48.90 -67.86 -39.98
C GLY E 92 -50.22 -67.74 -39.22
N TYR E 93 -51.30 -68.00 -39.94
CA TYR E 93 -52.62 -68.08 -39.36
C TYR E 93 -52.98 -69.54 -39.19
N TYR E 94 -53.64 -69.85 -38.07
CA TYR E 94 -53.84 -71.22 -37.62
C TYR E 94 -55.29 -71.46 -37.27
N ASN E 95 -55.61 -72.73 -37.08
CA ASN E 95 -56.93 -73.12 -36.60
C ASN E 95 -57.08 -72.73 -35.13
N GLY E 96 -58.27 -72.24 -34.79
CA GLY E 96 -58.53 -71.67 -33.48
C GLY E 96 -58.40 -70.16 -33.42
N VAL E 97 -58.22 -69.52 -34.58
CA VAL E 97 -57.96 -68.10 -34.83
C VAL E 97 -56.72 -67.73 -34.01
N ILE E 98 -55.55 -68.13 -34.53
CA ILE E 98 -54.26 -67.85 -33.91
C ILE E 98 -53.33 -67.30 -34.99
N ASN E 99 -52.79 -66.11 -34.77
CA ASN E 99 -51.79 -65.54 -35.67
C ASN E 99 -50.46 -65.46 -34.96
N VAL E 100 -49.43 -66.04 -35.56
CA VAL E 100 -48.10 -66.11 -34.98
C VAL E 100 -47.13 -65.44 -35.94
N PHE E 101 -46.35 -64.50 -35.44
CA PHE E 101 -45.28 -63.90 -36.23
C PHE E 101 -44.02 -64.76 -36.18
N GLY E 102 -43.19 -64.62 -37.20
CA GLY E 102 -41.87 -65.19 -37.18
C GLY E 102 -40.90 -64.38 -36.33
N GLY E 103 -39.73 -64.97 -36.10
CA GLY E 103 -38.72 -64.32 -35.27
C GLY E 103 -38.03 -63.13 -35.93
N GLY E 104 -37.99 -63.10 -37.25
CA GLY E 104 -37.39 -61.96 -37.92
C GLY E 104 -36.07 -62.31 -38.56
N THR E 105 -35.76 -61.61 -39.64
CA THR E 105 -34.51 -61.79 -40.37
C THR E 105 -34.04 -60.43 -40.84
N ASN E 106 -32.84 -60.03 -40.42
CA ASN E 106 -32.25 -58.79 -40.87
C ASN E 106 -31.47 -59.03 -42.15
N VAL E 107 -31.83 -58.30 -43.21
CA VAL E 107 -31.14 -58.38 -44.49
C VAL E 107 -30.20 -57.19 -44.58
N GLU E 108 -28.91 -57.48 -44.71
CA GLU E 108 -27.87 -56.47 -44.84
C GLU E 108 -27.38 -56.46 -46.28
N ILE E 109 -27.32 -55.28 -46.87
CA ILE E 109 -26.72 -55.14 -48.19
C ILE E 109 -25.22 -54.99 -48.01
N LYS E 110 -24.45 -55.89 -48.63
CA LYS E 110 -23.00 -55.85 -48.54
C LYS E 110 -22.48 -54.77 -49.46
N ARG E 111 -21.92 -53.73 -48.87
CA ARG E 111 -21.42 -52.59 -49.61
C ARG E 111 -19.97 -52.37 -49.21
N THR E 112 -19.38 -51.33 -49.77
CA THR E 112 -17.96 -51.07 -49.61
C THR E 112 -17.65 -50.44 -48.26
N VAL E 113 -16.37 -50.48 -47.91
CA VAL E 113 -15.91 -49.99 -46.62
C VAL E 113 -15.75 -48.49 -46.67
N GLY E 114 -16.44 -47.79 -45.76
CA GLY E 114 -16.29 -46.36 -45.66
C GLY E 114 -15.64 -45.96 -44.36
N ALA E 115 -14.62 -45.11 -44.43
CA ALA E 115 -14.01 -44.59 -43.22
C ALA E 115 -14.89 -43.50 -42.62
N PRO E 116 -15.01 -43.43 -41.30
CA PRO E 116 -15.85 -42.40 -40.67
C PRO E 116 -15.18 -41.03 -40.71
N SER E 117 -16.02 -40.00 -40.80
CA SER E 117 -15.59 -38.62 -40.62
C SER E 117 -15.80 -38.25 -39.17
N VAL E 118 -14.74 -37.85 -38.50
CA VAL E 118 -14.76 -37.62 -37.05
C VAL E 118 -14.85 -36.11 -36.80
N PHE E 119 -15.77 -35.74 -35.92
CA PHE E 119 -15.89 -34.36 -35.47
C PHE E 119 -15.98 -34.35 -33.95
N ILE E 120 -15.50 -33.27 -33.34
CA ILE E 120 -15.56 -33.13 -31.89
C ILE E 120 -16.24 -31.81 -31.56
N PHE E 121 -17.11 -31.85 -30.57
CA PHE E 121 -17.93 -30.73 -30.10
C PHE E 121 -17.60 -30.47 -28.64
N PRO E 122 -17.05 -29.31 -28.31
CA PRO E 122 -16.91 -28.93 -26.90
C PRO E 122 -18.27 -28.61 -26.31
N PRO E 123 -18.42 -28.71 -24.98
CA PRO E 123 -19.68 -28.31 -24.36
C PRO E 123 -19.90 -26.81 -24.41
N SER E 124 -21.17 -26.44 -24.51
CA SER E 124 -21.54 -25.03 -24.58
C SER E 124 -21.37 -24.38 -23.23
N ASP E 125 -21.25 -23.05 -23.26
CA ASP E 125 -21.13 -22.26 -22.03
C ASP E 125 -22.41 -22.27 -21.20
N GLU E 126 -23.57 -22.41 -21.84
CA GLU E 126 -24.83 -22.47 -21.10
C GLU E 126 -25.04 -23.84 -20.46
N GLN E 127 -24.36 -24.88 -20.98
CA GLN E 127 -24.38 -26.15 -20.27
C GLN E 127 -23.51 -26.11 -19.04
N LEU E 128 -22.41 -25.35 -19.10
CA LEU E 128 -21.48 -25.21 -17.98
C LEU E 128 -22.07 -24.44 -16.82
N LYS E 129 -23.09 -23.61 -17.05
CA LYS E 129 -23.79 -22.94 -15.97
C LYS E 129 -24.69 -23.90 -15.18
N SER E 130 -25.04 -25.04 -15.75
CA SER E 130 -25.88 -26.03 -15.08
C SER E 130 -25.08 -27.04 -14.29
N GLY E 131 -23.75 -27.01 -14.36
CA GLY E 131 -22.92 -27.91 -13.59
C GLY E 131 -22.54 -29.20 -14.28
N THR E 132 -22.83 -29.34 -15.56
CA THR E 132 -22.55 -30.57 -16.30
C THR E 132 -21.87 -30.19 -17.60
N ALA E 133 -20.94 -31.01 -18.07
CA ALA E 133 -20.28 -30.82 -19.35
C ALA E 133 -20.38 -32.10 -20.15
N SER E 134 -20.89 -32.02 -21.37
CA SER E 134 -20.95 -33.15 -22.28
C SER E 134 -20.12 -32.84 -23.51
N VAL E 135 -19.17 -33.71 -23.82
CA VAL E 135 -18.27 -33.55 -24.95
C VAL E 135 -18.66 -34.59 -26.00
N VAL E 136 -18.85 -34.15 -27.24
CA VAL E 136 -19.50 -34.98 -28.25
C VAL E 136 -18.49 -35.36 -29.33
N CYS E 137 -18.36 -36.65 -29.61
CA CYS E 137 -17.57 -37.14 -30.73
C CYS E 137 -18.50 -37.78 -31.74
N LEU E 138 -18.45 -37.31 -32.99
CA LEU E 138 -19.31 -37.77 -34.05
C LEU E 138 -18.51 -38.55 -35.08
N LEU E 139 -19.02 -39.72 -35.44
CA LEU E 139 -18.46 -40.59 -36.48
C LEU E 139 -19.50 -40.62 -37.60
N ASN E 140 -19.12 -40.17 -38.78
CA ASN E 140 -20.08 -39.90 -39.83
C ASN E 140 -19.81 -40.76 -41.06
N ASN E 141 -20.87 -41.43 -41.53
CA ASN E 141 -21.00 -42.06 -42.85
C ASN E 141 -19.95 -43.15 -43.08
N PHE E 142 -20.05 -44.19 -42.25
CA PHE E 142 -19.09 -45.27 -42.28
C PHE E 142 -19.80 -46.60 -42.50
N TYR E 143 -19.05 -47.52 -43.11
CA TYR E 143 -19.43 -48.89 -43.28
C TYR E 143 -18.12 -49.64 -43.13
N PRO E 144 -18.08 -50.79 -42.44
CA PRO E 144 -19.14 -51.45 -41.66
C PRO E 144 -19.35 -50.80 -40.29
N ARG E 145 -20.23 -51.38 -39.47
CA ARG E 145 -20.74 -50.69 -38.30
C ARG E 145 -19.75 -50.72 -37.13
N GLU E 146 -18.77 -51.61 -37.16
CA GLU E 146 -17.92 -51.82 -36.00
C GLU E 146 -16.80 -50.78 -35.94
N ALA E 147 -16.73 -50.07 -34.82
CA ALA E 147 -15.71 -49.06 -34.58
C ALA E 147 -15.54 -48.93 -33.07
N LYS E 148 -14.42 -48.33 -32.67
CA LYS E 148 -14.13 -48.16 -31.25
C LYS E 148 -13.79 -46.71 -30.96
N VAL E 149 -14.43 -46.14 -29.94
CA VAL E 149 -14.26 -44.76 -29.54
C VAL E 149 -13.63 -44.74 -28.15
N GLN E 150 -12.52 -44.03 -28.00
CA GLN E 150 -11.85 -43.90 -26.73
C GLN E 150 -11.72 -42.43 -26.37
N TRP E 151 -12.02 -42.12 -25.12
CA TRP E 151 -11.95 -40.75 -24.63
C TRP E 151 -10.67 -40.56 -23.82
N LYS E 152 -9.95 -39.47 -24.10
CA LYS E 152 -8.72 -39.16 -23.39
C LYS E 152 -8.84 -37.77 -22.79
N VAL E 153 -8.82 -37.70 -21.47
CA VAL E 153 -8.93 -36.44 -20.74
C VAL E 153 -7.61 -36.22 -20.04
N ASP E 154 -6.82 -35.26 -20.55
CA ASP E 154 -5.41 -35.02 -20.24
C ASP E 154 -4.58 -36.31 -20.36
N ASN E 155 -4.76 -36.98 -21.50
CA ASN E 155 -4.16 -38.26 -21.91
C ASN E 155 -4.51 -39.44 -21.00
N ALA E 156 -5.56 -39.31 -20.18
CA ALA E 156 -6.01 -40.41 -19.34
C ALA E 156 -7.25 -41.03 -19.98
N LEU E 157 -7.21 -42.35 -20.16
CA LEU E 157 -8.30 -43.05 -20.85
C LEU E 157 -9.53 -43.14 -19.94
N GLN E 158 -10.66 -42.66 -20.45
CA GLN E 158 -11.87 -42.62 -19.68
C GLN E 158 -12.58 -43.96 -19.70
N SER E 159 -13.38 -44.20 -18.65
CA SER E 159 -14.14 -45.43 -18.52
C SER E 159 -15.37 -45.15 -17.69
N GLY E 160 -16.54 -45.48 -18.23
CA GLY E 160 -17.79 -45.41 -17.50
C GLY E 160 -18.52 -44.09 -17.55
N ASN E 161 -18.04 -43.11 -18.30
CA ASN E 161 -18.69 -41.80 -18.36
C ASN E 161 -19.00 -41.39 -19.79
N SER E 162 -19.12 -42.34 -20.70
CA SER E 162 -19.46 -42.07 -22.08
C SER E 162 -20.52 -43.04 -22.56
N GLN E 163 -21.39 -42.55 -23.44
CA GLN E 163 -22.45 -43.37 -24.01
C GLN E 163 -22.55 -43.11 -25.50
N GLU E 164 -22.86 -44.16 -26.26
CA GLU E 164 -22.87 -44.08 -27.71
C GLU E 164 -24.28 -44.30 -28.27
N SER E 165 -24.55 -43.59 -29.37
CA SER E 165 -25.79 -43.74 -30.13
C SER E 165 -25.44 -44.02 -31.58
N VAL E 166 -26.07 -45.05 -32.14
CA VAL E 166 -25.83 -45.51 -33.50
C VAL E 166 -27.15 -45.40 -34.25
N THR E 167 -27.10 -44.79 -35.44
CA THR E 167 -28.28 -44.72 -36.30
C THR E 167 -28.56 -46.06 -36.97
N GLU E 168 -29.70 -46.14 -37.65
CA GLU E 168 -29.95 -47.28 -38.51
C GLU E 168 -29.11 -47.19 -39.79
N GLN E 169 -29.10 -48.28 -40.54
CA GLN E 169 -28.46 -48.27 -41.84
C GLN E 169 -29.25 -47.41 -42.81
N ASP E 170 -28.54 -46.55 -43.53
CA ASP E 170 -29.16 -45.53 -44.36
C ASP E 170 -29.79 -46.16 -45.60
N SER E 171 -30.88 -45.56 -46.07
CA SER E 171 -31.59 -46.10 -47.22
C SER E 171 -31.00 -45.68 -48.55
N LYS E 172 -29.97 -44.84 -48.56
CA LYS E 172 -29.37 -44.37 -49.80
C LYS E 172 -27.95 -44.88 -49.99
N ASP E 173 -27.05 -44.61 -49.06
CA ASP E 173 -25.66 -45.04 -49.21
C ASP E 173 -25.27 -46.19 -48.29
N SER E 174 -26.21 -46.67 -47.46
CA SER E 174 -26.09 -47.82 -46.56
C SER E 174 -24.96 -47.66 -45.54
N THR E 175 -24.75 -46.45 -45.05
CA THR E 175 -23.72 -46.18 -44.07
C THR E 175 -24.34 -46.06 -42.69
N TYR E 176 -23.48 -45.94 -41.68
CA TYR E 176 -23.88 -45.75 -40.31
C TYR E 176 -23.31 -44.44 -39.78
N SER E 177 -23.93 -43.94 -38.71
CA SER E 177 -23.44 -42.77 -38.01
C SER E 177 -23.54 -43.00 -36.52
N LEU E 178 -22.53 -42.51 -35.80
CA LEU E 178 -22.36 -42.77 -34.38
C LEU E 178 -22.05 -41.47 -33.68
N SER E 179 -22.45 -41.39 -32.42
CA SER E 179 -21.95 -40.34 -31.53
C SER E 179 -21.63 -40.94 -30.16
N SER E 180 -20.53 -40.48 -29.59
CA SER E 180 -20.17 -40.81 -28.22
C SER E 180 -20.19 -39.53 -27.40
N THR E 181 -20.95 -39.55 -26.32
CA THR E 181 -21.09 -38.41 -25.42
C THR E 181 -20.34 -38.73 -24.14
N LEU E 182 -19.35 -37.90 -23.83
CA LEU E 182 -18.62 -38.00 -22.57
C LEU E 182 -19.25 -37.02 -21.58
N THR E 183 -19.75 -37.54 -20.48
CA THR E 183 -20.46 -36.74 -19.48
C THR E 183 -19.59 -36.57 -18.25
N LEU E 184 -19.30 -35.32 -17.90
CA LEU E 184 -18.52 -34.99 -16.72
C LEU E 184 -19.27 -33.93 -15.93
N SER E 185 -18.84 -33.75 -14.69
CA SER E 185 -19.27 -32.58 -13.94
C SER E 185 -18.49 -31.35 -14.42
N LYS E 186 -18.98 -30.17 -14.01
CA LYS E 186 -18.32 -28.92 -14.37
C LYS E 186 -16.98 -28.79 -13.66
N ALA E 187 -16.90 -29.26 -12.41
CA ALA E 187 -15.65 -29.23 -11.66
C ALA E 187 -14.62 -30.19 -12.24
N ASP E 188 -15.06 -31.35 -12.70
CA ASP E 188 -14.15 -32.28 -13.36
C ASP E 188 -13.78 -31.80 -14.75
N TYR E 189 -14.65 -31.02 -15.38
CA TYR E 189 -14.33 -30.48 -16.70
C TYR E 189 -13.28 -29.38 -16.62
N GLU E 190 -13.42 -28.50 -15.62
CA GLU E 190 -12.53 -27.35 -15.53
C GLU E 190 -11.19 -27.68 -14.87
N LYS E 191 -11.01 -28.89 -14.37
CA LYS E 191 -9.72 -29.33 -13.84
C LYS E 191 -8.78 -29.84 -14.91
N HIS E 192 -9.24 -29.98 -16.15
CA HIS E 192 -8.44 -30.58 -17.19
C HIS E 192 -8.38 -29.69 -18.41
N LYS E 193 -7.41 -29.96 -19.28
CA LYS E 193 -7.16 -29.13 -20.45
C LYS E 193 -7.45 -29.84 -21.75
N VAL E 194 -6.81 -30.97 -22.01
CA VAL E 194 -6.85 -31.61 -23.32
C VAL E 194 -7.95 -32.65 -23.32
N TYR E 195 -8.81 -32.60 -24.34
CA TYR E 195 -9.94 -33.51 -24.47
C TYR E 195 -9.86 -34.10 -25.87
N ALA E 196 -9.64 -35.42 -25.95
CA ALA E 196 -9.35 -36.10 -27.19
C ALA E 196 -10.32 -37.24 -27.41
N CYS E 197 -10.76 -37.40 -28.66
CA CYS E 197 -11.55 -38.54 -29.08
C CYS E 197 -10.71 -39.33 -30.08
N GLU E 198 -10.48 -40.60 -29.78
CA GLU E 198 -9.68 -41.48 -30.62
C GLU E 198 -10.60 -42.54 -31.22
N VAL E 199 -10.57 -42.66 -32.54
CA VAL E 199 -11.52 -43.45 -33.30
C VAL E 199 -10.73 -44.52 -34.06
N THR E 200 -11.13 -45.78 -33.87
CA THR E 200 -10.54 -46.90 -34.58
C THR E 200 -11.61 -47.55 -35.44
N HIS E 201 -11.31 -47.66 -36.75
CA HIS E 201 -12.20 -48.29 -37.71
C HIS E 201 -11.34 -49.03 -38.71
N GLN E 202 -11.93 -50.07 -39.32
CA GLN E 202 -11.21 -50.95 -40.23
C GLN E 202 -10.90 -50.29 -41.57
N GLY E 203 -11.60 -49.23 -41.93
CA GLY E 203 -11.19 -48.39 -43.04
C GLY E 203 -10.09 -47.42 -42.72
N LEU E 204 -9.73 -47.29 -41.45
CA LEU E 204 -8.62 -46.45 -41.02
C LEU E 204 -7.39 -47.32 -40.74
N SER E 205 -6.26 -46.94 -41.33
CA SER E 205 -5.03 -47.68 -41.07
C SER E 205 -4.48 -47.39 -39.68
N SER E 206 -4.78 -46.21 -39.15
CA SER E 206 -4.37 -45.79 -37.82
C SER E 206 -5.58 -45.21 -37.12
N PRO E 207 -5.64 -45.28 -35.78
CA PRO E 207 -6.72 -44.61 -35.06
C PRO E 207 -6.58 -43.09 -35.13
N VAL E 208 -7.60 -42.45 -35.67
CA VAL E 208 -7.57 -41.01 -35.89
C VAL E 208 -8.03 -40.32 -34.60
N THR E 209 -7.41 -39.19 -34.27
CA THR E 209 -7.72 -38.51 -33.03
C THR E 209 -8.07 -37.07 -33.33
N LYS E 210 -9.23 -36.63 -32.84
CA LYS E 210 -9.59 -35.22 -32.88
C LYS E 210 -9.69 -34.73 -31.44
N SER E 211 -9.01 -33.62 -31.16
CA SER E 211 -8.87 -33.14 -29.80
C SER E 211 -9.08 -31.63 -29.78
N PHE E 212 -9.25 -31.11 -28.57
CA PHE E 212 -9.24 -29.69 -28.34
C PHE E 212 -8.69 -29.43 -26.94
N ASN E 213 -8.25 -28.20 -26.75
CA ASN E 213 -7.96 -27.70 -25.42
C ASN E 213 -9.12 -26.82 -24.99
N ARG E 214 -9.32 -26.73 -23.68
CA ARG E 214 -10.44 -26.04 -23.04
C ARG E 214 -10.50 -24.55 -23.40
N GLY E 215 -11.55 -24.16 -24.09
CA GLY E 215 -11.60 -22.85 -24.72
C GLY E 215 -10.88 -22.88 -26.06
N GLU E 216 -10.03 -21.86 -26.29
CA GLU E 216 -9.06 -21.75 -27.40
C GLU E 216 -9.75 -21.84 -28.76
N CYS E 217 -10.79 -21.03 -28.93
CA CYS E 217 -11.76 -21.36 -29.94
C CYS E 217 -12.35 -20.16 -30.68
C1 NAG F . 7.85 6.64 10.87
C2 NAG F . 8.46 5.39 11.55
C3 NAG F . 9.49 5.81 12.61
C4 NAG F . 10.53 6.76 12.03
C5 NAG F . 9.80 7.96 11.42
C6 NAG F . 10.72 8.92 10.74
C7 NAG F . 7.13 3.34 11.72
C8 NAG F . 6.06 2.60 12.49
N2 NAG F . 7.43 4.56 12.17
O3 NAG F . 10.08 4.63 13.14
O4 NAG F . 11.44 7.22 13.02
O5 NAG F . 8.90 7.51 10.40
O6 NAG F . 11.11 8.41 9.47
O7 NAG F . 7.67 2.85 10.74
C1 NAG F . 12.73 6.57 12.91
C2 NAG F . 13.90 7.57 12.90
C3 NAG F . 15.23 6.82 13.01
C4 NAG F . 15.27 5.91 14.23
C5 NAG F . 14.10 4.93 14.14
C6 NAG F . 13.97 4.02 15.33
C7 NAG F . 14.16 9.70 11.72
C8 NAG F . 14.13 10.40 10.39
N2 NAG F . 13.89 8.39 11.71
O3 NAG F . 16.29 7.79 13.07
O4 NAG F . 16.48 5.18 14.30
O5 NAG F . 12.87 5.66 14.04
O6 NAG F . 12.79 4.29 16.05
O7 NAG F . 14.43 10.29 12.77
C1 BMA F . 17.33 5.65 15.37
C2 BMA F . 18.27 4.51 15.80
C3 BMA F . 19.31 5.05 16.82
C4 BMA F . 20.04 6.32 16.33
C5 BMA F . 18.98 7.38 15.93
C6 BMA F . 19.57 8.65 15.32
O2 BMA F . 19.01 4.02 14.71
O3 BMA F . 20.25 4.06 17.16
O4 BMA F . 20.85 6.84 17.35
O5 BMA F . 18.07 6.80 14.94
O6 BMA F . 20.94 8.44 14.99
C1 MAN F . 19.78 3.44 18.38
C2 MAN F . 20.97 3.31 19.37
C3 MAN F . 21.91 2.14 18.96
C4 MAN F . 21.14 0.82 18.65
C5 MAN F . 20.06 1.12 17.58
C6 MAN F . 19.20 -0.07 17.27
O2 MAN F . 20.51 2.98 20.68
O3 MAN F . 22.91 1.91 19.93
O4 MAN F . 22.03 -0.16 18.17
O5 MAN F . 19.18 2.17 18.09
O6 MAN F . 18.31 0.31 16.22
C1 MAN F . 21.20 9.04 13.71
C2 MAN F . 21.62 7.90 12.73
C3 MAN F . 23.07 7.44 13.01
C4 MAN F . 24.06 8.63 13.09
C5 MAN F . 23.58 9.62 14.16
C6 MAN F . 24.44 10.86 14.26
O2 MAN F . 21.62 8.36 11.38
O3 MAN F . 23.50 6.49 12.05
O4 MAN F . 25.35 8.15 13.44
O5 MAN F . 22.21 10.06 13.82
O6 MAN F . 24.71 11.10 15.64
C1 NAG G . 2.78 7.63 54.58
C2 NAG G . 3.08 9.01 54.01
C3 NAG G . 3.79 8.90 52.64
C4 NAG G . 4.94 7.90 52.61
C5 NAG G . 4.58 6.60 53.31
C6 NAG G . 5.78 5.71 53.53
C7 NAG G . 1.75 11.00 54.55
C8 NAG G . 0.47 11.75 54.30
N2 NAG G . 1.89 9.84 53.90
O3 NAG G . 4.24 10.19 52.25
O4 NAG G . 5.18 7.55 51.25
O5 NAG G . 4.01 6.85 54.60
O6 NAG G . 6.23 5.79 54.88
O7 NAG G . 2.61 11.45 55.31
C1 NAG G . 6.32 8.10 50.57
C2 NAG G . 6.87 7.06 49.58
C3 NAG G . 7.99 7.68 48.72
C4 NAG G . 7.48 8.92 47.98
C5 NAG G . 7.03 9.93 49.05
C6 NAG G . 6.47 11.22 48.50
C7 NAG G . 7.10 4.64 49.89
C8 NAG G . 7.68 3.55 50.73
N2 NAG G . 7.36 5.88 50.28
O3 NAG G . 8.49 6.67 47.85
O4 NAG G . 8.47 9.46 47.10
O5 NAG G . 5.99 9.34 49.85
O6 NAG G . 5.06 11.15 48.36
O7 NAG G . 6.43 4.39 48.89
C1 MAN G . 7.99 9.36 45.72
C2 MAN G . 8.79 8.27 45.01
C3 MAN G . 10.27 8.62 44.98
C4 MAN G . 10.57 10.04 44.43
C5 MAN G . 9.48 11.13 44.74
C6 MAN G . 9.32 12.11 43.59
O2 MAN G . 8.41 8.11 43.69
O3 MAN G . 10.92 7.69 44.16
O4 MAN G . 11.83 10.47 44.93
O5 MAN G . 8.14 10.58 45.00
O6 MAN G . 8.62 11.45 42.50
C1 MAN G . 11.76 6.82 44.96
C2 MAN G . 12.79 6.23 43.98
C3 MAN G . 12.06 5.27 43.01
C4 MAN G . 11.25 4.17 43.75
C5 MAN G . 10.27 4.84 44.74
C6 MAN G . 9.50 3.90 45.63
O2 MAN G . 13.75 5.44 44.66
O3 MAN G . 12.98 4.68 42.09
O4 MAN G . 10.51 3.40 42.81
O5 MAN G . 11.00 5.80 45.60
O6 MAN G . 8.54 4.68 46.34
C1 MAN G . 9.36 11.62 41.27
C2 MAN G . 8.38 11.87 40.07
C3 MAN G . 7.74 10.56 39.58
C4 MAN G . 8.74 9.36 39.44
C5 MAN G . 9.50 9.22 40.76
C6 MAN G . 10.49 8.08 40.79
O2 MAN G . 9.08 12.39 38.94
O3 MAN G . 7.04 10.73 38.34
O4 MAN G . 8.05 8.16 39.17
O5 MAN G . 10.20 10.47 41.04
O6 MAN G . 9.76 6.88 41.02
C1 NAG H . -6.38 -6.97 72.92
C2 NAG H . -7.41 -7.96 73.46
C3 NAG H . -7.22 -8.17 74.96
C4 NAG H . -5.81 -8.71 75.23
C5 NAG H . -4.77 -7.71 74.68
C6 NAG H . -3.35 -8.19 74.80
C7 NAG H . -9.59 -8.25 72.38
C8 NAG H . -10.96 -7.67 72.16
N2 NAG H . -8.78 -7.54 73.16
O3 NAG H . -8.25 -9.07 75.35
O4 NAG H . -5.51 -8.96 76.61
O5 NAG H . -5.01 -7.44 73.28
O6 NAG H . -2.98 -8.36 76.17
O7 NAG H . -9.24 -9.30 71.85
C1 NAG H . -5.89 -10.19 77.32
C2 NAG H . -5.04 -11.48 77.10
C3 NAG H . -5.49 -12.62 78.04
C4 NAG H . -5.60 -12.18 79.50
C5 NAG H . -6.44 -10.89 79.61
C6 NAG H . -6.46 -10.30 81.00
C7 NAG H . -5.99 -12.34 74.89
C8 NAG H . -5.57 -12.74 73.52
N2 NAG H . -4.97 -11.94 75.70
O3 NAG H . -4.58 -13.71 77.90
O4 NAG H . -6.25 -13.23 80.20
O5 NAG H . -5.92 -9.87 78.75
O6 NAG H . -5.20 -10.44 81.64
O7 NAG H . -7.17 -12.37 75.25
C1 BMA H . -5.61 -13.90 81.35
C2 BMA H . -4.70 -15.15 80.93
C3 BMA H . -4.10 -15.80 82.20
C4 BMA H . -3.45 -14.76 83.18
C5 BMA H . -4.44 -13.60 83.47
C6 BMA H . -3.88 -12.53 84.38
O2 BMA H . -3.59 -14.77 80.12
O3 BMA H . -3.15 -16.81 81.87
O4 BMA H . -3.09 -15.39 84.39
O5 BMA H . -4.83 -13.00 82.18
O6 BMA H . -2.91 -11.79 83.67
C1 NAG I . -20.82 7.00 55.10
C2 NAG I . -21.28 8.39 54.65
C3 NAG I . -22.76 8.55 54.94
C4 NAG I . -23.61 7.44 54.34
C5 NAG I . -23.00 6.04 54.62
C6 NAG I . -23.65 4.94 53.81
C7 NAG I . -19.69 10.32 54.70
C8 NAG I . -19.47 10.15 53.21
N2 NAG I . -20.52 9.45 55.30
O3 NAG I . -23.11 9.86 54.48
O4 NAG I . -24.92 7.52 54.91
O5 NAG I . -21.58 5.97 54.37
O6 NAG I . -25.01 4.74 54.17
O7 NAG I . -19.09 11.19 55.33
C1 NAG I . -26.01 8.29 54.27
C2 NAG I . -26.39 9.46 55.18
C3 NAG I . -27.49 10.30 54.54
C4 NAG I . -27.23 10.68 53.09
C5 NAG I . -26.55 9.55 52.26
C6 NAG I . -25.74 10.05 51.08
C7 NAG I . -26.20 9.31 57.63
C8 NAG I . -26.78 8.73 58.88
N2 NAG I . -26.81 8.97 56.49
O3 NAG I . -27.64 11.49 55.31
O4 NAG I . -28.56 10.99 52.63
O5 NAG I . -25.59 8.80 53.04
O6 NAG I . -24.73 10.95 51.51
O7 NAG I . -25.24 10.07 57.65
C1 BMA I . -28.94 11.77 51.46
C2 BMA I . -29.98 10.87 50.77
C3 BMA I . -30.34 11.47 49.42
C4 BMA I . -30.81 12.96 49.51
C5 BMA I . -29.81 13.80 50.38
C6 BMA I . -30.32 15.20 50.68
O2 BMA I . -31.18 10.84 51.54
O3 BMA I . -31.34 10.69 48.77
O4 BMA I . -30.92 13.51 48.21
O5 BMA I . -29.50 13.09 51.66
O6 BMA I . -30.59 15.83 49.43
C1 NAG J . -12.91 6.01 40.51
C2 NAG J . -12.13 6.73 39.41
C3 NAG J . -13.04 7.66 38.65
C4 NAG J . -14.22 6.94 38.03
C5 NAG J . -14.98 6.05 39.05
C6 NAG J . -15.79 4.96 38.37
C7 NAG J . -9.72 7.16 39.79
C8 NAG J . -9.42 5.87 39.04
N2 NAG J . -11.02 7.47 39.96
O3 NAG J . -12.28 8.32 37.64
O4 NAG J . -15.02 7.93 37.37
O5 NAG J . -14.07 5.34 39.93
O6 NAG J . -16.97 4.68 39.08
O7 NAG J . -8.85 7.83 40.30
C1 NAG J . -16.25 8.57 37.85
C2 NAG J . -16.13 9.74 38.84
C3 NAG J . -17.48 10.44 39.01
C4 NAG J . -18.04 10.88 37.67
C5 NAG J . -18.17 9.67 36.74
C6 NAG J . -18.59 10.03 35.33
C7 NAG J . -14.71 9.95 40.84
C8 NAG J . -14.32 9.34 42.15
N2 NAG J . -15.63 9.29 40.14
O3 NAG J . -17.30 11.54 39.90
O4 NAG J . -19.32 11.50 37.92
O5 NAG J . -16.89 9.03 36.62
O6 NAG J . -17.73 11.01 34.76
O7 NAG J . -14.20 11.00 40.43
C1 BMA J . -19.51 12.90 37.51
C2 BMA J . -19.18 13.98 38.66
C3 BMA J . -19.39 15.46 38.05
C4 BMA J . -18.82 15.65 36.57
C5 BMA J . -19.19 14.44 35.69
C6 BMA J . -18.59 14.52 34.29
O2 BMA J . -17.86 13.81 39.17
O3 BMA J . -19.20 16.69 38.93
O4 BMA J . -19.36 16.83 36.00
O5 BMA J . -18.73 13.22 36.33
O6 BMA J . -18.94 13.34 33.52
C1 MAN J . -17.94 17.03 39.62
C2 MAN J . -17.79 18.63 39.63
C3 MAN J . -16.36 19.17 39.32
C4 MAN J . -15.23 18.16 39.60
C5 MAN J . -15.50 16.95 38.71
C6 MAN J . -14.40 15.91 38.77
O2 MAN J . -18.13 19.15 40.91
O3 MAN J . -16.10 20.39 40.02
O4 MAN J . -13.97 18.71 39.29
O5 MAN J . -16.77 16.28 39.10
O6 MAN J . -13.22 16.46 38.20
C1 MAN J . -20.35 13.29 33.19
C2 MAN J . -20.59 11.97 32.38
C3 MAN J . -20.13 12.15 30.92
C4 MAN J . -20.80 13.36 30.25
C5 MAN J . -20.47 14.64 31.05
C6 MAN J . -21.22 15.86 30.55
O2 MAN J . -21.98 11.63 32.31
O3 MAN J . -20.35 10.98 30.14
O4 MAN J . -20.33 13.52 28.92
O5 MAN J . -20.83 14.46 32.48
O6 MAN J . -21.05 16.89 31.51
C1 NAG K . 12.97 -13.20 49.32
C2 NAG K . 14.20 -12.41 48.86
C3 NAG K . 15.42 -13.31 48.88
C4 NAG K . 15.63 -13.80 50.31
C5 NAG K . 14.37 -14.52 50.84
C6 NAG K . 14.46 -14.83 52.31
C7 NAG K . 14.28 -10.51 47.31
C8 NAG K . 14.07 -10.03 45.90
N2 NAG K . 14.03 -11.80 47.55
O3 NAG K . 16.50 -12.55 48.35
O4 NAG K . 16.78 -14.63 50.51
O5 NAG K . 13.19 -13.70 50.68
O6 NAG K . 14.67 -13.63 53.05
O7 NAG K . 14.66 -9.75 48.20
C1 NAG K . 18.09 -14.02 50.79
C2 NAG K . 18.35 -13.29 52.18
C3 NAG K . 19.84 -12.92 52.36
C4 NAG K . 20.76 -14.10 52.04
C5 NAG K . 20.43 -14.67 50.66
C6 NAG K . 21.27 -15.88 50.30
C7 NAG K . 17.05 -10.99 52.18
C8 NAG K . 17.65 -10.42 50.89
N2 NAG K . 17.43 -12.23 52.63
O3 NAG K . 20.02 -12.46 53.70
O4 NAG K . 22.11 -13.64 51.99
O5 NAG K . 19.06 -15.09 50.61
O6 NAG K . 22.65 -15.53 50.15
O7 NAG K . 16.22 -10.34 52.81
C1 BMA K . 22.90 -13.97 53.15
C2 BMA K . 24.39 -13.89 52.74
C3 BMA K . 25.31 -13.83 53.99
C4 BMA K . 24.83 -12.82 55.07
C5 BMA K . 23.38 -13.16 55.44
C6 BMA K . 22.79 -12.17 56.44
O2 BMA K . 24.64 -12.72 51.99
O3 BMA K . 26.65 -13.54 53.63
O4 BMA K . 25.64 -12.89 56.22
O5 BMA K . 22.58 -13.09 54.23
O6 BMA K . 22.57 -10.94 55.74
C1 NAG L . -8.07 -11.58 35.38
C2 NAG L . -9.01 -11.59 34.11
C3 NAG L . -9.54 -10.18 33.81
C4 NAG L . -10.09 -9.49 35.06
C5 NAG L . -9.02 -9.50 36.14
C6 NAG L . -9.45 -8.84 37.42
C7 NAG L . -8.46 -13.38 32.50
C8 NAG L . -7.60 -13.76 31.33
N2 NAG L . -8.31 -12.13 32.96
O3 NAG L . -10.55 -10.36 32.81
O4 NAG L . -10.52 -8.14 34.83
O5 NAG L . -8.70 -10.86 36.47
O6 NAG L . -9.37 -9.75 38.52
O7 NAG L . -9.28 -14.15 33.00
C1 NAG L . -11.87 -7.77 34.37
C2 NAG L . -13.05 -7.81 35.35
C3 NAG L . -14.33 -7.28 34.67
C4 NAG L . -14.11 -5.87 34.12
C5 NAG L . -12.91 -5.85 33.17
C6 NAG L . -12.55 -4.46 32.71
C7 NAG L . -13.30 -9.43 37.23
C8 NAG L . -13.07 -8.30 38.21
N2 NAG L . -13.30 -9.13 35.92
O3 NAG L . -15.41 -7.32 35.59
O4 NAG L . -15.25 -5.44 33.36
O5 NAG L . -11.73 -6.41 33.79
O6 NAG L . -13.57 -3.89 31.90
O7 NAG L . -13.49 -10.58 37.61
C1 BMA L . -16.16 -4.50 33.98
C2 BMA L . -17.22 -4.05 32.92
C3 BMA L . -18.43 -3.35 33.61
C4 BMA L . -18.97 -4.14 34.81
C5 BMA L . -17.83 -4.36 35.82
C6 BMA L . -18.26 -5.21 36.99
O2 BMA L . -17.75 -5.18 32.23
O3 BMA L . -19.48 -3.10 32.69
O4 BMA L . -20.03 -3.44 35.43
O5 BMA L . -16.76 -5.07 35.15
O6 BMA L . -18.39 -6.56 36.53
C1 NAG M . -5.65 -27.37 47.23
C2 NAG M . -5.73 -27.71 48.73
C3 NAG M . -7.12 -28.24 49.09
C4 NAG M . -8.26 -27.35 48.59
C5 NAG M . -8.07 -27.03 47.09
C6 NAG M . -9.01 -25.97 46.55
C7 NAG M . -3.47 -28.37 49.45
C8 NAG M . -2.56 -29.52 49.76
N2 NAG M . -4.71 -28.69 49.07
O3 NAG M . -7.22 -28.37 50.50
O4 NAG M . -9.47 -28.06 48.84
O5 NAG M . -6.75 -26.51 46.88
O6 NAG M . -8.95 -24.78 47.33
O7 NAG M . -3.08 -27.20 49.50
C1 NAG M . -10.63 -27.47 49.47
C2 NAG M . -10.48 -26.10 50.21
C3 NAG M . -11.86 -25.50 50.53
C4 NAG M . -12.76 -25.44 49.29
C5 NAG M . -12.88 -26.83 48.68
C6 NAG M . -13.66 -26.85 47.40
C7 NAG M . -8.61 -25.48 51.68
C8 NAG M . -7.92 -25.75 52.98
N2 NAG M . -9.70 -26.23 51.43
O3 NAG M . -11.69 -24.19 51.06
O4 NAG M . -14.04 -24.97 49.64
O5 NAG M . -11.56 -27.32 48.36
O6 NAG M . -14.97 -26.30 47.57
O7 NAG M . -8.21 -24.64 50.90
C1 NAG N . 12.06 -15.90 23.64
C2 NAG N . 11.60 -14.67 22.87
C3 NAG N . 11.70 -14.92 21.34
C4 NAG N . 13.09 -15.44 20.94
C5 NAG N . 13.44 -16.66 21.78
C6 NAG N . 14.85 -17.17 21.58
C7 NAG N . 9.90 -12.99 23.37
C8 NAG N . 8.48 -12.74 23.80
N2 NAG N . 10.26 -14.27 23.25
O3 NAG N . 11.40 -13.71 20.65
O4 NAG N . 13.13 -15.79 19.57
O5 NAG N . 13.36 -16.30 23.16
O6 NAG N . 15.19 -18.13 22.56
O7 NAG N . 10.67 -12.07 23.14
C1 NAG N . 13.91 -14.86 18.77
C2 NAG N . 14.80 -15.61 17.75
C3 NAG N . 15.51 -14.62 16.83
C4 NAG N . 14.52 -13.66 16.16
C5 NAG N . 13.71 -12.94 17.24
C6 NAG N . 12.62 -12.04 16.71
C7 NAG N . 16.08 -17.69 18.02
C8 NAG N . 17.10 -18.41 18.84
N2 NAG N . 15.77 -16.46 18.43
O3 NAG N . 16.27 -15.35 15.87
O4 NAG N . 15.22 -12.70 15.37
O5 NAG N . 13.05 -13.91 18.08
O6 NAG N . 11.95 -12.64 15.61
O7 NAG N . 15.59 -18.17 17.01
C1 BMA N . 14.98 -12.97 13.97
C2 BMA N . 15.01 -11.65 13.19
C3 BMA N . 14.83 -11.97 11.68
C4 BMA N . 15.84 -13.03 11.16
C5 BMA N . 15.74 -14.30 12.06
C6 BMA N . 16.73 -15.39 11.73
O2 BMA N . 16.28 -11.02 13.32
O3 BMA N . 14.90 -10.80 10.89
O4 BMA N . 15.56 -13.36 9.81
O5 BMA N . 15.94 -13.90 13.44
O6 BMA N . 17.38 -15.08 10.50
C1 MAN N . 13.66 -10.09 11.03
C2 MAN N . 12.97 -10.02 9.64
C3 MAN N . 13.69 -9.01 8.72
C4 MAN N . 14.02 -7.65 9.42
C5 MAN N . 14.75 -7.93 10.75
C6 MAN N . 15.05 -6.69 11.56
O2 MAN N . 11.62 -9.58 9.75
O3 MAN N . 12.96 -8.77 7.52
O4 MAN N . 14.83 -6.84 8.60
O5 MAN N . 13.91 -8.80 11.57
O6 MAN N . 15.96 -7.05 12.58
C1 MAN N . 18.63 -15.78 10.38
C2 MAN N . 19.68 -15.15 11.33
C3 MAN N . 20.08 -13.75 10.82
C4 MAN N . 20.45 -13.73 9.30
C5 MAN N . 19.31 -14.40 8.49
C6 MAN N . 19.62 -14.54 7.01
O2 MAN N . 20.89 -15.91 11.37
O3 MAN N . 21.15 -13.18 11.59
O4 MAN N . 20.63 -12.40 8.85
O5 MAN N . 19.06 -15.74 9.04
O6 MAN N . 20.56 -15.60 6.86
C1 NAG O . 8.48 50.68 -15.05
C2 NAG O . 7.47 50.14 -16.06
C3 NAG O . 6.43 51.23 -16.42
C4 NAG O . 5.83 51.88 -15.17
C5 NAG O . 6.92 52.28 -14.17
C6 NAG O . 6.38 52.77 -12.84
C7 NAG O . 8.43 48.37 -17.42
C8 NAG O . 9.22 48.00 -18.64
N2 NAG O . 8.16 49.67 -17.24
O3 NAG O . 5.38 50.64 -17.19
O4 NAG O . 5.11 53.06 -15.54
O5 NAG O . 7.77 51.16 -13.89
O6 NAG O . 7.10 53.90 -12.38
O7 NAG O . 8.02 47.52 -16.63
C1 NAG P . 21.49 34.58 -5.45
C2 NAG P . 22.78 33.76 -5.45
C3 NAG P . 23.98 34.69 -5.53
C4 NAG P . 23.94 35.53 -6.80
C5 NAG P . 22.65 36.35 -6.85
C6 NAG P . 22.41 36.99 -8.21
C7 NAG P . 23.11 31.61 -4.31
C8 NAG P . 23.21 30.92 -2.98
N2 NAG P . 22.90 32.93 -4.27
O3 NAG P . 25.15 33.87 -5.51
O4 NAG P . 25.02 36.45 -6.80
O5 NAG P . 21.49 35.53 -6.59
O6 NAG P . 23.54 36.86 -9.07
O7 NAG P . 23.20 31.00 -5.36
C1 NAG Q . -4.80 46.92 -17.34
C2 NAG Q . -4.51 47.55 -18.69
C3 NAG Q . -3.64 48.81 -18.52
C4 NAG Q . -4.35 49.80 -17.58
C5 NAG Q . -4.62 49.12 -16.23
C6 NAG Q . -5.43 49.95 -15.26
C7 NAG Q . -4.09 46.49 -20.86
C8 NAG Q . -3.34 45.41 -21.57
N2 NAG Q . -3.84 46.59 -19.55
O3 NAG Q . -3.43 49.39 -19.80
O4 NAG Q . -3.60 50.99 -17.41
O5 NAG Q . -5.38 47.93 -16.47
O6 NAG Q . -5.81 51.19 -15.86
O7 NAG Q . -4.86 47.25 -21.44
C1 NAG R . 11.50 15.61 -13.46
C2 NAG R . 11.60 15.58 -15.00
C3 NAG R . 12.03 16.95 -15.50
C4 NAG R . 10.99 18.00 -15.09
C5 NAG R . 10.78 18.01 -13.57
C6 NAG R . 9.61 18.90 -13.17
C7 NAG R . 12.01 13.43 -16.08
C8 NAG R . 13.04 12.44 -16.54
N2 NAG R . 12.47 14.53 -15.50
O3 NAG R . 12.16 16.92 -16.92
O4 NAG R . 11.42 19.29 -15.51
O5 NAG R . 10.53 16.69 -13.03
O6 NAG R . 8.75 19.19 -14.27
O7 NAG R . 10.80 13.22 -16.21
C1 NAG S . -10.05 -25.95 -48.31
C2 NAG S . -8.88 -25.55 -47.38
C3 NAG S . -7.85 -26.69 -47.29
C4 NAG S . -8.52 -28.01 -46.92
C5 NAG S . -9.67 -28.32 -47.87
C6 NAG S . -10.44 -29.56 -47.46
C7 NAG S . -7.61 -23.89 -48.84
C8 NAG S . -7.11 -22.49 -48.86
N2 NAG S . -8.26 -24.26 -47.71
O3 NAG S . -6.86 -26.35 -46.32
O4 NAG S . -7.55 -29.06 -46.98
O5 NAG S . -10.61 -27.23 -47.89
O6 NAG S . -9.57 -30.66 -47.22
O7 NAG S . -7.46 -24.64 -49.81
C1 NAG T . -39.08 -21.91 -33.38
C2 NAG T . -40.37 -21.11 -33.59
C3 NAG T . -41.24 -21.76 -34.66
C4 NAG T . -40.46 -22.02 -35.95
C5 NAG T . -39.22 -22.85 -35.64
C6 NAG T . -38.35 -23.13 -36.85
C7 NAG T . -40.97 -19.97 -31.51
C8 NAG T . -41.79 -20.02 -30.26
N2 NAG T . -41.10 -21.01 -32.34
O3 NAG T . -42.35 -20.92 -34.93
O4 NAG T . -41.28 -22.70 -36.90
O5 NAG T . -38.41 -22.14 -34.68
O6 NAG T . -38.51 -22.12 -37.84
O7 NAG T . -40.23 -19.02 -31.76
C1 NAG U . -25.78 -7.34 -16.37
C2 NAG U . -27.28 -7.63 -16.60
C3 NAG U . -28.16 -6.59 -15.88
C4 NAG U . -27.84 -6.50 -14.39
C5 NAG U . -26.38 -6.10 -14.24
C6 NAG U . -25.94 -6.08 -12.79
C7 NAG U . -27.55 -8.71 -18.79
C8 NAG U . -27.97 -8.52 -20.22
N2 NAG U . -27.59 -7.63 -18.01
O3 NAG U . -29.53 -6.89 -16.07
O4 NAG U . -28.68 -5.56 -13.75
O5 NAG U . -25.54 -7.04 -14.91
O6 NAG U . -26.59 -7.08 -12.04
O7 NAG U . -27.20 -9.81 -18.36
C1 NAG V . -34.62 -26.55 -49.04
C2 NAG V . -35.84 -26.59 -48.04
C3 NAG V . -37.08 -27.33 -48.65
C4 NAG V . -37.38 -26.96 -50.09
C5 NAG V . -36.14 -27.25 -50.93
C6 NAG V . -36.35 -27.00 -52.40
C7 NAG V . -35.15 -26.50 -45.68
C8 NAG V . -34.80 -27.30 -44.45
N2 NAG V . -35.49 -27.21 -46.78
O3 NAG V . -38.25 -27.01 -47.91
O4 NAG V . -38.52 -27.66 -50.57
O5 NAG V . -35.09 -26.36 -50.48
O6 NAG V . -35.66 -27.92 -53.26
O7 NAG V . -35.16 -25.27 -45.66
#